data_1TNS
# 
_entry.id   1TNS 
# 
_audit_conform.dict_name       mmcif_pdbx.dic 
_audit_conform.dict_version    5.392 
_audit_conform.dict_location   http://mmcif.pdb.org/dictionaries/ascii/mmcif_pdbx.dic 
# 
loop_
_database_2.database_id 
_database_2.database_code 
_database_2.pdbx_database_accession 
_database_2.pdbx_DOI 
PDB   1TNS         pdb_00001tns 10.2210/pdb1tns/pdb 
WWPDB D_1000176761 ?            ?                   
# 
loop_
_pdbx_audit_revision_history.ordinal 
_pdbx_audit_revision_history.data_content_type 
_pdbx_audit_revision_history.major_revision 
_pdbx_audit_revision_history.minor_revision 
_pdbx_audit_revision_history.revision_date 
1 'Structure model' 1 0 1995-02-14 
2 'Structure model' 1 1 2008-03-24 
3 'Structure model' 1 2 2011-07-13 
4 'Structure model' 1 3 2022-03-02 
5 'Structure model' 1 4 2024-05-22 
# 
_pdbx_audit_revision_details.ordinal             1 
_pdbx_audit_revision_details.revision_ordinal    1 
_pdbx_audit_revision_details.data_content_type   'Structure model' 
_pdbx_audit_revision_details.provider            repository 
_pdbx_audit_revision_details.type                'Initial release' 
_pdbx_audit_revision_details.description         ? 
_pdbx_audit_revision_details.details             ? 
# 
loop_
_pdbx_audit_revision_group.ordinal 
_pdbx_audit_revision_group.revision_ordinal 
_pdbx_audit_revision_group.data_content_type 
_pdbx_audit_revision_group.group 
1 2 'Structure model' 'Version format compliance' 
2 3 'Structure model' 'Version format compliance' 
3 4 'Structure model' 'Database references'       
4 4 'Structure model' 'Derived calculations'      
5 4 'Structure model' Other                       
6 4 'Structure model' 'Structure summary'         
7 5 'Structure model' 'Data collection'           
# 
loop_
_pdbx_audit_revision_category.ordinal 
_pdbx_audit_revision_category.revision_ordinal 
_pdbx_audit_revision_category.data_content_type 
_pdbx_audit_revision_category.category 
1 4 'Structure model' database_2            
2 4 'Structure model' pdbx_database_status  
3 4 'Structure model' pdbx_struct_assembly  
4 4 'Structure model' pdbx_struct_oper_list 
5 4 'Structure model' struct_keywords       
6 4 'Structure model' struct_ref_seq_dif    
7 5 'Structure model' chem_comp_atom        
8 5 'Structure model' chem_comp_bond        
# 
loop_
_pdbx_audit_revision_item.ordinal 
_pdbx_audit_revision_item.revision_ordinal 
_pdbx_audit_revision_item.data_content_type 
_pdbx_audit_revision_item.item 
1 4 'Structure model' '_database_2.pdbx_DOI'                
2 4 'Structure model' '_database_2.pdbx_database_accession' 
3 4 'Structure model' '_pdbx_database_status.process_site'  
4 4 'Structure model' '_struct_keywords.text'               
5 4 'Structure model' '_struct_ref_seq_dif.details'         
# 
_pdbx_database_status.status_code                     REL 
_pdbx_database_status.entry_id                        1TNS 
_pdbx_database_status.recvd_initial_deposition_date   1994-10-10 
_pdbx_database_status.deposit_site                    ? 
_pdbx_database_status.process_site                    BNL 
_pdbx_database_status.status_code_sf                  ? 
_pdbx_database_status.status_code_mr                  REL 
_pdbx_database_status.SG_entry                        ? 
_pdbx_database_status.pdb_format_compatible           Y 
_pdbx_database_status.status_code_cs                  ? 
_pdbx_database_status.status_code_nmr_data            ? 
_pdbx_database_status.methods_development_category    ? 
# 
_pdbx_database_related.db_name        PDB 
_pdbx_database_related.db_id          1TNT 
_pdbx_database_related.details        . 
_pdbx_database_related.content_type   ensemble 
# 
loop_
_audit_author.name 
_audit_author.pdbx_ordinal 
'Clore, G.M.'      1 
'Clubb, R.T.'      2 
'Omichinski, J.G.' 3 
'Gronenborn, A.M.' 4 
# 
_citation.id                        primary 
_citation.title                     'A novel class of winged helix-turn-helix protein: the DNA-binding domain of Mu transposase.' 
_citation.journal_abbrev            Structure 
_citation.journal_volume            2 
_citation.page_first                1041 
_citation.page_last                 1048 
_citation.year                      1994 
_citation.journal_id_ASTM           STRUE6 
_citation.country                   UK 
_citation.journal_id_ISSN           0969-2126 
_citation.journal_id_CSD            2005 
_citation.book_publisher            ? 
_citation.pdbx_database_id_PubMed   7881904 
_citation.pdbx_database_id_DOI      '10.1016/S0969-2126(94)00107-3' 
# 
loop_
_citation_author.citation_id 
_citation_author.name 
_citation_author.ordinal 
_citation_author.identifier_ORCID 
primary 'Clubb, R.T.'      1 ? 
primary 'Omichinski, J.G.' 2 ? 
primary 'Savilahti, H.'    3 ? 
primary 'Mizuuchi, K.'     4 ? 
primary 'Gronenborn, A.M.' 5 ? 
primary 'Clore, G.M.'      6 ? 
# 
_entity.id                         1 
_entity.type                       polymer 
_entity.src_method                 man 
_entity.pdbx_description           MU-TRANSPOSASE 
_entity.formula_weight             8268.502 
_entity.pdbx_number_of_molecules   1 
_entity.pdbx_ec                    ? 
_entity.pdbx_mutation              ? 
_entity.pdbx_fragment              ? 
_entity.details                    ? 
# 
_entity_poly.entity_id                      1 
_entity_poly.type                           'polypeptide(L)' 
_entity_poly.nstd_linkage                   no 
_entity_poly.nstd_monomer                   no 
_entity_poly.pdbx_seq_one_letter_code       MELWVSPKELANLPGLPKTSAGVIYVAKKQGWQNRTRAGVKGGKAIEYNANSLPVEAKAALLLRQGEIETSLGYFE 
_entity_poly.pdbx_seq_one_letter_code_can   MELWVSPKELANLPGLPKTSAGVIYVAKKQGWQNRTRAGVKGGKAIEYNANSLPVEAKAALLLRQGEIETSLGYFE 
_entity_poly.pdbx_strand_id                 A 
_entity_poly.pdbx_target_identifier         ? 
# 
loop_
_entity_poly_seq.entity_id 
_entity_poly_seq.num 
_entity_poly_seq.mon_id 
_entity_poly_seq.hetero 
1 1  MET n 
1 2  GLU n 
1 3  LEU n 
1 4  TRP n 
1 5  VAL n 
1 6  SER n 
1 7  PRO n 
1 8  LYS n 
1 9  GLU n 
1 10 LEU n 
1 11 ALA n 
1 12 ASN n 
1 13 LEU n 
1 14 PRO n 
1 15 GLY n 
1 16 LEU n 
1 17 PRO n 
1 18 LYS n 
1 19 THR n 
1 20 SER n 
1 21 ALA n 
1 22 GLY n 
1 23 VAL n 
1 24 ILE n 
1 25 TYR n 
1 26 VAL n 
1 27 ALA n 
1 28 LYS n 
1 29 LYS n 
1 30 GLN n 
1 31 GLY n 
1 32 TRP n 
1 33 GLN n 
1 34 ASN n 
1 35 ARG n 
1 36 THR n 
1 37 ARG n 
1 38 ALA n 
1 39 GLY n 
1 40 VAL n 
1 41 LYS n 
1 42 GLY n 
1 43 GLY n 
1 44 LYS n 
1 45 ALA n 
1 46 ILE n 
1 47 GLU n 
1 48 TYR n 
1 49 ASN n 
1 50 ALA n 
1 51 ASN n 
1 52 SER n 
1 53 LEU n 
1 54 PRO n 
1 55 VAL n 
1 56 GLU n 
1 57 ALA n 
1 58 LYS n 
1 59 ALA n 
1 60 ALA n 
1 61 LEU n 
1 62 LEU n 
1 63 LEU n 
1 64 ARG n 
1 65 GLN n 
1 66 GLY n 
1 67 GLU n 
1 68 ILE n 
1 69 GLU n 
1 70 THR n 
1 71 SER n 
1 72 LEU n 
1 73 GLY n 
1 74 TYR n 
1 75 PHE n 
1 76 GLU n 
# 
_entity_src_gen.entity_id                          1 
_entity_src_gen.pdbx_src_id                        1 
_entity_src_gen.pdbx_alt_source_flag               sample 
_entity_src_gen.pdbx_seq_type                      ? 
_entity_src_gen.pdbx_beg_seq_num                   ? 
_entity_src_gen.pdbx_end_seq_num                   ? 
_entity_src_gen.gene_src_common_name               ? 
_entity_src_gen.gene_src_genus                     'Mu-like viruses' 
_entity_src_gen.pdbx_gene_src_gene                 ? 
_entity_src_gen.gene_src_species                   ? 
_entity_src_gen.gene_src_strain                    ? 
_entity_src_gen.gene_src_tissue                    ? 
_entity_src_gen.gene_src_tissue_fraction           ? 
_entity_src_gen.gene_src_details                   ? 
_entity_src_gen.pdbx_gene_src_fragment             ? 
_entity_src_gen.pdbx_gene_src_scientific_name      'Enterobacteria phage Mu' 
_entity_src_gen.pdbx_gene_src_ncbi_taxonomy_id     10677 
_entity_src_gen.pdbx_gene_src_variant              ? 
_entity_src_gen.pdbx_gene_src_cell_line            ? 
_entity_src_gen.pdbx_gene_src_atcc                 ? 
_entity_src_gen.pdbx_gene_src_organ                ? 
_entity_src_gen.pdbx_gene_src_organelle            ? 
_entity_src_gen.pdbx_gene_src_cell                 ? 
_entity_src_gen.pdbx_gene_src_cellular_location    ? 
_entity_src_gen.host_org_common_name               ? 
_entity_src_gen.pdbx_host_org_scientific_name      ? 
_entity_src_gen.pdbx_host_org_ncbi_taxonomy_id     ? 
_entity_src_gen.host_org_genus                     ? 
_entity_src_gen.pdbx_host_org_gene                 ? 
_entity_src_gen.pdbx_host_org_organ                ? 
_entity_src_gen.host_org_species                   ? 
_entity_src_gen.pdbx_host_org_tissue               ? 
_entity_src_gen.pdbx_host_org_tissue_fraction      ? 
_entity_src_gen.pdbx_host_org_strain               ? 
_entity_src_gen.pdbx_host_org_variant              ? 
_entity_src_gen.pdbx_host_org_cell_line            ? 
_entity_src_gen.pdbx_host_org_atcc                 ? 
_entity_src_gen.pdbx_host_org_culture_collection   ? 
_entity_src_gen.pdbx_host_org_cell                 ? 
_entity_src_gen.pdbx_host_org_organelle            ? 
_entity_src_gen.pdbx_host_org_cellular_location    ? 
_entity_src_gen.pdbx_host_org_vector_type          ? 
_entity_src_gen.pdbx_host_org_vector               ? 
_entity_src_gen.host_org_details                   ? 
_entity_src_gen.expression_system_id               ? 
_entity_src_gen.plasmid_name                       ? 
_entity_src_gen.plasmid_details                    ? 
_entity_src_gen.pdbx_description                   ? 
# 
loop_
_chem_comp.id 
_chem_comp.type 
_chem_comp.mon_nstd_flag 
_chem_comp.name 
_chem_comp.pdbx_synonyms 
_chem_comp.formula 
_chem_comp.formula_weight 
ALA 'L-peptide linking' y ALANINE         ? 'C3 H7 N O2'     89.093  
ARG 'L-peptide linking' y ARGININE        ? 'C6 H15 N4 O2 1' 175.209 
ASN 'L-peptide linking' y ASPARAGINE      ? 'C4 H8 N2 O3'    132.118 
CYS 'L-peptide linking' y CYSTEINE        ? 'C3 H7 N O2 S'   121.158 
GLN 'L-peptide linking' y GLUTAMINE       ? 'C5 H10 N2 O3'   146.144 
GLU 'L-peptide linking' y 'GLUTAMIC ACID' ? 'C5 H9 N O4'     147.129 
GLY 'peptide linking'   y GLYCINE         ? 'C2 H5 N O2'     75.067  
ILE 'L-peptide linking' y ISOLEUCINE      ? 'C6 H13 N O2'    131.173 
LEU 'L-peptide linking' y LEUCINE         ? 'C6 H13 N O2'    131.173 
LYS 'L-peptide linking' y LYSINE          ? 'C6 H15 N2 O2 1' 147.195 
MET 'L-peptide linking' y METHIONINE      ? 'C5 H11 N O2 S'  149.211 
PHE 'L-peptide linking' y PHENYLALANINE   ? 'C9 H11 N O2'    165.189 
PRO 'L-peptide linking' y PROLINE         ? 'C5 H9 N O2'     115.130 
SER 'L-peptide linking' y SERINE          ? 'C3 H7 N O3'     105.093 
THR 'L-peptide linking' y THREONINE       ? 'C4 H9 N O3'     119.119 
TRP 'L-peptide linking' y TRYPTOPHAN      ? 'C11 H12 N2 O2'  204.225 
TYR 'L-peptide linking' y TYROSINE        ? 'C9 H11 N O3'    181.189 
VAL 'L-peptide linking' y VALINE          ? 'C5 H11 N O2'    117.146 
# 
loop_
_pdbx_poly_seq_scheme.asym_id 
_pdbx_poly_seq_scheme.entity_id 
_pdbx_poly_seq_scheme.seq_id 
_pdbx_poly_seq_scheme.mon_id 
_pdbx_poly_seq_scheme.ndb_seq_num 
_pdbx_poly_seq_scheme.pdb_seq_num 
_pdbx_poly_seq_scheme.auth_seq_num 
_pdbx_poly_seq_scheme.pdb_mon_id 
_pdbx_poly_seq_scheme.auth_mon_id 
_pdbx_poly_seq_scheme.pdb_strand_id 
_pdbx_poly_seq_scheme.pdb_ins_code 
_pdbx_poly_seq_scheme.hetero 
A 1 1  MET 1  1  1  MET MET A . n 
A 1 2  GLU 2  2  2  GLU GLU A . n 
A 1 3  LEU 3  3  3  LEU LEU A . n 
A 1 4  TRP 4  4  4  TRP TRP A . n 
A 1 5  VAL 5  5  5  VAL VAL A . n 
A 1 6  SER 6  6  6  SER SER A . n 
A 1 7  PRO 7  7  7  PRO PRO A . n 
A 1 8  LYS 8  8  8  LYS LYS A . n 
A 1 9  GLU 9  9  9  GLU GLU A . n 
A 1 10 LEU 10 10 10 LEU LEU A . n 
A 1 11 ALA 11 11 11 ALA ALA A . n 
A 1 12 ASN 12 12 12 ASN ASN A . n 
A 1 13 LEU 13 13 13 LEU LEU A . n 
A 1 14 PRO 14 14 14 PRO PRO A . n 
A 1 15 GLY 15 15 15 GLY GLY A . n 
A 1 16 LEU 16 16 16 LEU LEU A . n 
A 1 17 PRO 17 17 17 PRO PRO A . n 
A 1 18 LYS 18 18 18 LYS LYS A . n 
A 1 19 THR 19 19 19 THR THR A . n 
A 1 20 SER 20 20 20 SER SER A . n 
A 1 21 ALA 21 21 21 ALA ALA A . n 
A 1 22 GLY 22 22 22 GLY GLY A . n 
A 1 23 VAL 23 23 23 VAL VAL A . n 
A 1 24 ILE 24 24 24 ILE ILE A . n 
A 1 25 TYR 25 25 25 TYR TYR A . n 
A 1 26 VAL 26 26 26 VAL VAL A . n 
A 1 27 ALA 27 27 27 ALA ALA A . n 
A 1 28 LYS 28 28 28 LYS LYS A . n 
A 1 29 LYS 29 29 29 LYS LYS A . n 
A 1 30 GLN 30 30 30 GLN GLN A . n 
A 1 31 GLY 31 31 31 GLY GLY A . n 
A 1 32 TRP 32 32 32 TRP TRP A . n 
A 1 33 GLN 33 33 33 GLN GLN A . n 
A 1 34 ASN 34 34 34 ASN ASN A . n 
A 1 35 ARG 35 35 35 ARG ARG A . n 
A 1 36 THR 36 36 36 THR THR A . n 
A 1 37 ARG 37 37 37 ARG ARG A . n 
A 1 38 ALA 38 38 38 ALA ALA A . n 
A 1 39 GLY 39 39 39 GLY GLY A . n 
A 1 40 VAL 40 40 40 VAL VAL A . n 
A 1 41 LYS 41 41 41 LYS LYS A . n 
A 1 42 GLY 42 42 42 GLY GLY A . n 
A 1 43 GLY 43 43 43 GLY GLY A . n 
A 1 44 LYS 44 44 44 LYS LYS A . n 
A 1 45 ALA 45 45 45 ALA ALA A . n 
A 1 46 ILE 46 46 46 ILE ILE A . n 
A 1 47 GLU 47 47 47 GLU GLU A . n 
A 1 48 TYR 48 48 48 TYR TYR A . n 
A 1 49 ASN 49 49 49 ASN ASN A . n 
A 1 50 ALA 50 50 50 ALA ALA A . n 
A 1 51 ASN 51 51 51 ASN ASN A . n 
A 1 52 SER 52 52 52 SER SER A . n 
A 1 53 LEU 53 53 53 LEU LEU A . n 
A 1 54 PRO 54 54 54 PRO PRO A . n 
A 1 55 VAL 55 55 55 VAL VAL A . n 
A 1 56 GLU 56 56 56 GLU GLU A . n 
A 1 57 ALA 57 57 57 ALA ALA A . n 
A 1 58 LYS 58 58 58 LYS LYS A . n 
A 1 59 ALA 59 59 59 ALA ALA A . n 
A 1 60 ALA 60 60 60 ALA ALA A . n 
A 1 61 LEU 61 61 61 LEU LEU A . n 
A 1 62 LEU 62 62 62 LEU LEU A . n 
A 1 63 LEU 63 63 63 LEU LEU A . n 
A 1 64 ARG 64 64 64 ARG ARG A . n 
A 1 65 GLN 65 65 65 GLN GLN A . n 
A 1 66 GLY 66 66 66 GLY GLY A . n 
A 1 67 GLU 67 67 67 GLU GLU A . n 
A 1 68 ILE 68 68 68 ILE ILE A . n 
A 1 69 GLU 69 69 69 GLU GLU A . n 
A 1 70 THR 70 70 70 THR THR A . n 
A 1 71 SER 71 71 71 SER SER A . n 
A 1 72 LEU 72 72 72 LEU LEU A . n 
A 1 73 GLY 73 73 73 GLY GLY A . n 
A 1 74 TYR 74 74 74 TYR TYR A . n 
A 1 75 PHE 75 75 75 PHE PHE A . n 
A 1 76 GLU 76 76 76 GLU GLU A . n 
# 
_cell.entry_id           1TNS 
_cell.length_a           1.000 
_cell.length_b           1.000 
_cell.length_c           1.000 
_cell.angle_alpha        90.00 
_cell.angle_beta         90.00 
_cell.angle_gamma        90.00 
_cell.Z_PDB              1 
_cell.pdbx_unique_axis   ? 
# 
_symmetry.entry_id                         1TNS 
_symmetry.space_group_name_H-M             'P 1' 
_symmetry.pdbx_full_space_group_name_H-M   ? 
_symmetry.cell_setting                     ? 
_symmetry.Int_Tables_number                1 
# 
_exptl.entry_id          1TNS 
_exptl.method            'SOLUTION NMR' 
_exptl.crystals_number   ? 
# 
_struct.entry_id                  1TNS 
_struct.title                     'A NOVEL CLASS OF WINGED HELIX-TURN-HELIX PROTEIN: THE DNA-BINDING DOMAIN OF MU TRANSPOSASE' 
_struct.pdbx_model_details        ? 
_struct.pdbx_CASP_flag            ? 
_struct.pdbx_model_type_details   ? 
# 
_struct_keywords.entry_id        1TNS 
_struct_keywords.pdbx_keywords   'DNA BINDING PROTEIN' 
_struct_keywords.text            'DNA-BINDING PROTEIN, DNA BINDING PROTEIN' 
# 
_struct_asym.id                            A 
_struct_asym.pdbx_blank_PDB_chainid_flag   Y 
_struct_asym.pdbx_modified                 N 
_struct_asym.entity_id                     1 
_struct_asym.details                       ? 
# 
_struct_ref.id                         1 
_struct_ref.db_name                    UNP 
_struct_ref.db_code                    TRA_BPMU 
_struct_ref.entity_id                  1 
_struct_ref.pdbx_db_accession          P07636 
_struct_ref.pdbx_align_begin           1 
_struct_ref.pdbx_seq_one_letter_code   
;MELWVSPKECANLPGLPKTSAGVIYVAKKQGWQNRTRAGVKGGKAIEYNANSLPVEAKAALLLRQGEIETSLGYFEIARP
TLEAHDYDREALWSKWDNASDSQRRLAEKWLPAVQAADEMLNQGISTKTAFATVAGHYQVSASTLRDKYYQVQKFAKPDW
AAALVDGRGASRRNVHKSEFDEDAWQFLIADYLRPEKPAFRKCYERLELAAREHGWSIPSRATAFRRIQQLDEAMVVACR
EGEHALMHLIPAQQRTVEHLDAMQWINGDGYLHNVFVRWFNGDVIRPKTWFWQDVKTRKILGWRCDVSENIDSIRLSFMD
VVTRYGIPEDFHITIDNTRGAANKWLTGGAPNRYRFKVKEDDPKGLFLLMGAKMHWTSVVAGKGWGQAKPVERAFGVGGL
EEYVDKHPALAGAYTGPNPQAKPDNYGDRAVDAELFLKTLAEGVAMFNARTGRETEMCGGKLSFDDVFEREYARTIVRKP
TEEQKRMLLLPAEAVNVSRKGEFTLKVGGSLKGAKNVYYNMALMNAGVKKVVVRFDPQQLHSTVYCYTLDGRFICEAECL
APVAFNDAAAGREYRRRQKQLKSATKAAIKAQKQMDALEVAELLPQIAEPAAPESRIVGIFRPSGNTERVKNQERDDEYE
TERDEYLNHSLDILEQNRRKKAI
;
_struct_ref.pdbx_db_isoform            ? 
# 
_struct_ref_seq.align_id                      1 
_struct_ref_seq.ref_id                        1 
_struct_ref_seq.pdbx_PDB_id_code              1TNS 
_struct_ref_seq.pdbx_strand_id                A 
_struct_ref_seq.seq_align_beg                 1 
_struct_ref_seq.pdbx_seq_align_beg_ins_code   ? 
_struct_ref_seq.seq_align_end                 76 
_struct_ref_seq.pdbx_seq_align_end_ins_code   ? 
_struct_ref_seq.pdbx_db_accession             P07636 
_struct_ref_seq.db_align_beg                  1 
_struct_ref_seq.pdbx_db_align_beg_ins_code    ? 
_struct_ref_seq.db_align_end                  76 
_struct_ref_seq.pdbx_db_align_end_ins_code    ? 
_struct_ref_seq.pdbx_auth_seq_align_beg       1 
_struct_ref_seq.pdbx_auth_seq_align_end       76 
# 
_struct_ref_seq_dif.align_id                     1 
_struct_ref_seq_dif.pdbx_pdb_id_code             1TNS 
_struct_ref_seq_dif.mon_id                       LEU 
_struct_ref_seq_dif.pdbx_pdb_strand_id           A 
_struct_ref_seq_dif.seq_num                      10 
_struct_ref_seq_dif.pdbx_pdb_ins_code            ? 
_struct_ref_seq_dif.pdbx_seq_db_name             UNP 
_struct_ref_seq_dif.pdbx_seq_db_accession_code   P07636 
_struct_ref_seq_dif.db_mon_id                    CYS 
_struct_ref_seq_dif.pdbx_seq_db_seq_num          10 
_struct_ref_seq_dif.details                      conflict 
_struct_ref_seq_dif.pdbx_auth_seq_num            10 
_struct_ref_seq_dif.pdbx_ordinal                 1 
# 
_pdbx_struct_assembly.id                   1 
_pdbx_struct_assembly.details              author_defined_assembly 
_pdbx_struct_assembly.method_details       ? 
_pdbx_struct_assembly.oligomeric_details   monomeric 
_pdbx_struct_assembly.oligomeric_count     1 
# 
_pdbx_struct_assembly_gen.assembly_id       1 
_pdbx_struct_assembly_gen.oper_expression   1 
_pdbx_struct_assembly_gen.asym_id_list      A 
# 
_pdbx_struct_oper_list.id                   1 
_pdbx_struct_oper_list.type                 'identity operation' 
_pdbx_struct_oper_list.name                 1_555 
_pdbx_struct_oper_list.symmetry_operation   x,y,z 
_pdbx_struct_oper_list.matrix[1][1]         1.0000000000 
_pdbx_struct_oper_list.matrix[1][2]         0.0000000000 
_pdbx_struct_oper_list.matrix[1][3]         0.0000000000 
_pdbx_struct_oper_list.vector[1]            0.0000000000 
_pdbx_struct_oper_list.matrix[2][1]         0.0000000000 
_pdbx_struct_oper_list.matrix[2][2]         1.0000000000 
_pdbx_struct_oper_list.matrix[2][3]         0.0000000000 
_pdbx_struct_oper_list.vector[2]            0.0000000000 
_pdbx_struct_oper_list.matrix[3][1]         0.0000000000 
_pdbx_struct_oper_list.matrix[3][2]         0.0000000000 
_pdbx_struct_oper_list.matrix[3][3]         1.0000000000 
_pdbx_struct_oper_list.vector[3]            0.0000000000 
# 
_struct_biol.id   1 
# 
loop_
_struct_conf.conf_type_id 
_struct_conf.id 
_struct_conf.pdbx_PDB_helix_id 
_struct_conf.beg_label_comp_id 
_struct_conf.beg_label_asym_id 
_struct_conf.beg_label_seq_id 
_struct_conf.pdbx_beg_PDB_ins_code 
_struct_conf.end_label_comp_id 
_struct_conf.end_label_asym_id 
_struct_conf.end_label_seq_id 
_struct_conf.pdbx_end_PDB_ins_code 
_struct_conf.beg_auth_comp_id 
_struct_conf.beg_auth_asym_id 
_struct_conf.beg_auth_seq_id 
_struct_conf.end_auth_comp_id 
_struct_conf.end_auth_asym_id 
_struct_conf.end_auth_seq_id 
_struct_conf.pdbx_PDB_helix_class 
_struct_conf.details 
_struct_conf.pdbx_PDB_helix_length 
HELX_P HELX_P1 1 SER A 6  ? ALA A 11 ? SER A 6  ALA A 11 1 ? 6  
HELX_P HELX_P2 2 THR A 19 ? LYS A 29 ? THR A 19 LYS A 29 1 ? 11 
HELX_P HELX_P3 3 PRO A 54 ? GLN A 65 ? PRO A 54 GLN A 65 1 ? 12 
# 
_struct_conf_type.id          HELX_P 
_struct_conf_type.criteria    ? 
_struct_conf_type.reference   ? 
# 
_struct_sheet.id               A 
_struct_sheet.type             ? 
_struct_sheet.number_strands   2 
_struct_sheet.details          ? 
# 
_struct_sheet_order.sheet_id     A 
_struct_sheet_order.range_id_1   1 
_struct_sheet_order.range_id_2   2 
_struct_sheet_order.offset       ? 
_struct_sheet_order.sense        anti-parallel 
# 
loop_
_struct_sheet_range.sheet_id 
_struct_sheet_range.id 
_struct_sheet_range.beg_label_comp_id 
_struct_sheet_range.beg_label_asym_id 
_struct_sheet_range.beg_label_seq_id 
_struct_sheet_range.pdbx_beg_PDB_ins_code 
_struct_sheet_range.end_label_comp_id 
_struct_sheet_range.end_label_asym_id 
_struct_sheet_range.end_label_seq_id 
_struct_sheet_range.pdbx_end_PDB_ins_code 
_struct_sheet_range.beg_auth_comp_id 
_struct_sheet_range.beg_auth_asym_id 
_struct_sheet_range.beg_auth_seq_id 
_struct_sheet_range.end_auth_comp_id 
_struct_sheet_range.end_auth_asym_id 
_struct_sheet_range.end_auth_seq_id 
A 1 TRP A 4  ? VAL A 5  ? TRP A 4  VAL A 5  
A 2 TYR A 48 ? ASN A 49 ? TYR A 48 ASN A 49 
# 
_pdbx_struct_sheet_hbond.sheet_id                A 
_pdbx_struct_sheet_hbond.range_id_1              1 
_pdbx_struct_sheet_hbond.range_id_2              2 
_pdbx_struct_sheet_hbond.range_1_label_atom_id   N 
_pdbx_struct_sheet_hbond.range_1_label_comp_id   VAL 
_pdbx_struct_sheet_hbond.range_1_label_asym_id   A 
_pdbx_struct_sheet_hbond.range_1_label_seq_id    5 
_pdbx_struct_sheet_hbond.range_1_PDB_ins_code    ? 
_pdbx_struct_sheet_hbond.range_1_auth_atom_id    N 
_pdbx_struct_sheet_hbond.range_1_auth_comp_id    VAL 
_pdbx_struct_sheet_hbond.range_1_auth_asym_id    A 
_pdbx_struct_sheet_hbond.range_1_auth_seq_id     5 
_pdbx_struct_sheet_hbond.range_2_label_atom_id   O 
_pdbx_struct_sheet_hbond.range_2_label_comp_id   TYR 
_pdbx_struct_sheet_hbond.range_2_label_asym_id   A 
_pdbx_struct_sheet_hbond.range_2_label_seq_id    48 
_pdbx_struct_sheet_hbond.range_2_PDB_ins_code    ? 
_pdbx_struct_sheet_hbond.range_2_auth_atom_id    O 
_pdbx_struct_sheet_hbond.range_2_auth_comp_id    TYR 
_pdbx_struct_sheet_hbond.range_2_auth_asym_id    A 
_pdbx_struct_sheet_hbond.range_2_auth_seq_id     48 
# 
loop_
_pdbx_validate_torsion.id 
_pdbx_validate_torsion.PDB_model_num 
_pdbx_validate_torsion.auth_comp_id 
_pdbx_validate_torsion.auth_asym_id 
_pdbx_validate_torsion.auth_seq_id 
_pdbx_validate_torsion.PDB_ins_code 
_pdbx_validate_torsion.label_alt_id 
_pdbx_validate_torsion.phi 
_pdbx_validate_torsion.psi 
1  1 LEU A 3  ? ? -161.65 74.35   
2  1 ALA A 11 ? ? -64.14  29.24   
3  1 ASN A 12 ? ? -146.05 -8.49   
4  1 PRO A 17 ? ? -55.06  177.69  
5  1 GLN A 30 ? ? -150.16 -61.74  
6  1 GLN A 33 ? ? -47.88  98.07   
7  1 VAL A 40 ? ? -93.08  -83.13  
8  1 LYS A 41 ? ? -80.52  -74.06  
9  1 LYS A 44 ? ? 52.05   97.32   
10 1 PRO A 54 ? ? -57.25  -165.06 
11 1 GLU A 67 ? ? 55.99   93.37   
12 1 ILE A 68 ? ? -85.14  -77.92  
13 1 GLU A 69 ? ? -136.18 -133.64 
14 1 THR A 70 ? ? -80.73  -139.27 
15 1 SER A 71 ? ? 73.33   -74.16  
16 1 PHE A 75 ? ? 40.84   23.60   
# 
_pdbx_nmr_ensemble.entry_id                             1TNS 
_pdbx_nmr_ensemble.conformers_calculated_total_number   ? 
_pdbx_nmr_ensemble.conformers_submitted_total_number    1 
_pdbx_nmr_ensemble.conformer_selection_criteria         ? 
# 
_pdbx_nmr_refine.entry_id           1TNS 
_pdbx_nmr_refine.method             ? 
_pdbx_nmr_refine.details            
;THE 3D SOLUTION STRUCTURE OF THE DNA BINDING DOMAIN OF MU
 TRANSPOSASE (MUA76, RESIDUES 1 - 76) WAS SOLVED BY
 MULTIDIMENSIONAL HETERONUCLEAR-EDITED NMR EXPERIMENTS AND
 IS BASED ON 1320 EXPERIMENTAL RESTRAINTS COMPRISING THE
 FOLLOWING:  (A) 1192 APPROXIMATE INTERPROTON DISTANCE
 RESTRAINTS (308 SEQUENTIAL, 266 SHORT RANGE 1 , |I-J| <=5,
 323 LONG RANGE |I-J|>5, AND 295 INTRARESIDUE (B) 18
 DISTANCE RESTRAINTS FOR 9 BACKBONE HYDROGEN BONDS (C) 36
 HN-CAH COUPLING CONSTANT RESTRAINTS (D) 74 TORSION ANGLE
 RESTRAINTS (40 PHI, 23 CHI1 AND 11 CHI2).

 A COMPLETE LIST OF EXPERIMENTAL RESTRAINTS HAVE BEEN
 DEPOSITED WITH THE BROOKHAVEN DATA BANK.

 THE STRUCTURES ARE CALCULATED USING THE HYBRID METRIC
 MATRIX DISTANCE GEOMETRY-DYNAMICAL SIMULATED ANNEALING
 METHOD DESCRIBED BY:  NILGES, M., CLORE, G.M.  &
 GRONENBORN, A.M.  (1988) FEBS LETT 229, 317 - 324 ALL
 STRUCTURAL STATISTICS ARE GIVEN IN REF.  1.

THIS STRUCTURE IS THE RESTRAINED MINIMIZED AVERAGE
STRUCTURE: (SA)R.  THIS IS OBTAINED BY FIRST AVERAGING
THE COORDINATES OF THE INDIVIDUAL 33 DYNAMICAL SIMULATED
ANNEALING (SA) STRUCTURES BEST FITTED TO RESIDUES 3 - 36
AND 45 - 65 AND SUBJECTING THE RESULTING COORDINATES TO
RESTRAINED MINIMIZATION.  THE LAST NUMBER COLUMN IN THIS
SET OF COORDINATES (THE B-FACTOR COLUMN IN X-RAY
STRUCTURES) GIVES THE AVERAGE RMS DIFFERENCE BETWEEN THE
INDIVIDUAL SA STRUCTURES AND THE MEAN STRUCTURE.  THE
NUMBERS IN THE LAST COLUMN OF THE INDIVIDUAL STRUCTURES
HAVE NO MEANING.  RESIDUES 1 - 2, 66 - 76, AND 37 - 44 ARE
DISORDERED IN SOLUTION.  THE 33 INDIVIDUAL STRUCTURES CAN
BE FOUND IN PDB ENTRY 1TNT.
;
_pdbx_nmr_refine.software_ordinal   1 
# 
loop_
_chem_comp_atom.comp_id 
_chem_comp_atom.atom_id 
_chem_comp_atom.type_symbol 
_chem_comp_atom.pdbx_aromatic_flag 
_chem_comp_atom.pdbx_stereo_config 
_chem_comp_atom.pdbx_ordinal 
ALA N    N N N 1   
ALA CA   C N S 2   
ALA C    C N N 3   
ALA O    O N N 4   
ALA CB   C N N 5   
ALA OXT  O N N 6   
ALA H    H N N 7   
ALA H2   H N N 8   
ALA HA   H N N 9   
ALA HB1  H N N 10  
ALA HB2  H N N 11  
ALA HB3  H N N 12  
ALA HXT  H N N 13  
ARG N    N N N 14  
ARG CA   C N S 15  
ARG C    C N N 16  
ARG O    O N N 17  
ARG CB   C N N 18  
ARG CG   C N N 19  
ARG CD   C N N 20  
ARG NE   N N N 21  
ARG CZ   C N N 22  
ARG NH1  N N N 23  
ARG NH2  N N N 24  
ARG OXT  O N N 25  
ARG H    H N N 26  
ARG H2   H N N 27  
ARG HA   H N N 28  
ARG HB2  H N N 29  
ARG HB3  H N N 30  
ARG HG2  H N N 31  
ARG HG3  H N N 32  
ARG HD2  H N N 33  
ARG HD3  H N N 34  
ARG HE   H N N 35  
ARG HH11 H N N 36  
ARG HH12 H N N 37  
ARG HH21 H N N 38  
ARG HH22 H N N 39  
ARG HXT  H N N 40  
ASN N    N N N 41  
ASN CA   C N S 42  
ASN C    C N N 43  
ASN O    O N N 44  
ASN CB   C N N 45  
ASN CG   C N N 46  
ASN OD1  O N N 47  
ASN ND2  N N N 48  
ASN OXT  O N N 49  
ASN H    H N N 50  
ASN H2   H N N 51  
ASN HA   H N N 52  
ASN HB2  H N N 53  
ASN HB3  H N N 54  
ASN HD21 H N N 55  
ASN HD22 H N N 56  
ASN HXT  H N N 57  
CYS N    N N N 58  
CYS CA   C N R 59  
CYS C    C N N 60  
CYS O    O N N 61  
CYS CB   C N N 62  
CYS SG   S N N 63  
CYS OXT  O N N 64  
CYS H    H N N 65  
CYS H2   H N N 66  
CYS HA   H N N 67  
CYS HB2  H N N 68  
CYS HB3  H N N 69  
CYS HG   H N N 70  
CYS HXT  H N N 71  
GLN N    N N N 72  
GLN CA   C N S 73  
GLN C    C N N 74  
GLN O    O N N 75  
GLN CB   C N N 76  
GLN CG   C N N 77  
GLN CD   C N N 78  
GLN OE1  O N N 79  
GLN NE2  N N N 80  
GLN OXT  O N N 81  
GLN H    H N N 82  
GLN H2   H N N 83  
GLN HA   H N N 84  
GLN HB2  H N N 85  
GLN HB3  H N N 86  
GLN HG2  H N N 87  
GLN HG3  H N N 88  
GLN HE21 H N N 89  
GLN HE22 H N N 90  
GLN HXT  H N N 91  
GLU N    N N N 92  
GLU CA   C N S 93  
GLU C    C N N 94  
GLU O    O N N 95  
GLU CB   C N N 96  
GLU CG   C N N 97  
GLU CD   C N N 98  
GLU OE1  O N N 99  
GLU OE2  O N N 100 
GLU OXT  O N N 101 
GLU H    H N N 102 
GLU H2   H N N 103 
GLU HA   H N N 104 
GLU HB2  H N N 105 
GLU HB3  H N N 106 
GLU HG2  H N N 107 
GLU HG3  H N N 108 
GLU HE2  H N N 109 
GLU HXT  H N N 110 
GLY N    N N N 111 
GLY CA   C N N 112 
GLY C    C N N 113 
GLY O    O N N 114 
GLY OXT  O N N 115 
GLY H    H N N 116 
GLY H2   H N N 117 
GLY HA2  H N N 118 
GLY HA3  H N N 119 
GLY HXT  H N N 120 
ILE N    N N N 121 
ILE CA   C N S 122 
ILE C    C N N 123 
ILE O    O N N 124 
ILE CB   C N S 125 
ILE CG1  C N N 126 
ILE CG2  C N N 127 
ILE CD1  C N N 128 
ILE OXT  O N N 129 
ILE H    H N N 130 
ILE H2   H N N 131 
ILE HA   H N N 132 
ILE HB   H N N 133 
ILE HG12 H N N 134 
ILE HG13 H N N 135 
ILE HG21 H N N 136 
ILE HG22 H N N 137 
ILE HG23 H N N 138 
ILE HD11 H N N 139 
ILE HD12 H N N 140 
ILE HD13 H N N 141 
ILE HXT  H N N 142 
LEU N    N N N 143 
LEU CA   C N S 144 
LEU C    C N N 145 
LEU O    O N N 146 
LEU CB   C N N 147 
LEU CG   C N N 148 
LEU CD1  C N N 149 
LEU CD2  C N N 150 
LEU OXT  O N N 151 
LEU H    H N N 152 
LEU H2   H N N 153 
LEU HA   H N N 154 
LEU HB2  H N N 155 
LEU HB3  H N N 156 
LEU HG   H N N 157 
LEU HD11 H N N 158 
LEU HD12 H N N 159 
LEU HD13 H N N 160 
LEU HD21 H N N 161 
LEU HD22 H N N 162 
LEU HD23 H N N 163 
LEU HXT  H N N 164 
LYS N    N N N 165 
LYS CA   C N S 166 
LYS C    C N N 167 
LYS O    O N N 168 
LYS CB   C N N 169 
LYS CG   C N N 170 
LYS CD   C N N 171 
LYS CE   C N N 172 
LYS NZ   N N N 173 
LYS OXT  O N N 174 
LYS H    H N N 175 
LYS H2   H N N 176 
LYS HA   H N N 177 
LYS HB2  H N N 178 
LYS HB3  H N N 179 
LYS HG2  H N N 180 
LYS HG3  H N N 181 
LYS HD2  H N N 182 
LYS HD3  H N N 183 
LYS HE2  H N N 184 
LYS HE3  H N N 185 
LYS HZ1  H N N 186 
LYS HZ2  H N N 187 
LYS HZ3  H N N 188 
LYS HXT  H N N 189 
MET N    N N N 190 
MET CA   C N S 191 
MET C    C N N 192 
MET O    O N N 193 
MET CB   C N N 194 
MET CG   C N N 195 
MET SD   S N N 196 
MET CE   C N N 197 
MET OXT  O N N 198 
MET H    H N N 199 
MET H2   H N N 200 
MET HA   H N N 201 
MET HB2  H N N 202 
MET HB3  H N N 203 
MET HG2  H N N 204 
MET HG3  H N N 205 
MET HE1  H N N 206 
MET HE2  H N N 207 
MET HE3  H N N 208 
MET HXT  H N N 209 
PHE N    N N N 210 
PHE CA   C N S 211 
PHE C    C N N 212 
PHE O    O N N 213 
PHE CB   C N N 214 
PHE CG   C Y N 215 
PHE CD1  C Y N 216 
PHE CD2  C Y N 217 
PHE CE1  C Y N 218 
PHE CE2  C Y N 219 
PHE CZ   C Y N 220 
PHE OXT  O N N 221 
PHE H    H N N 222 
PHE H2   H N N 223 
PHE HA   H N N 224 
PHE HB2  H N N 225 
PHE HB3  H N N 226 
PHE HD1  H N N 227 
PHE HD2  H N N 228 
PHE HE1  H N N 229 
PHE HE2  H N N 230 
PHE HZ   H N N 231 
PHE HXT  H N N 232 
PRO N    N N N 233 
PRO CA   C N S 234 
PRO C    C N N 235 
PRO O    O N N 236 
PRO CB   C N N 237 
PRO CG   C N N 238 
PRO CD   C N N 239 
PRO OXT  O N N 240 
PRO H    H N N 241 
PRO HA   H N N 242 
PRO HB2  H N N 243 
PRO HB3  H N N 244 
PRO HG2  H N N 245 
PRO HG3  H N N 246 
PRO HD2  H N N 247 
PRO HD3  H N N 248 
PRO HXT  H N N 249 
SER N    N N N 250 
SER CA   C N S 251 
SER C    C N N 252 
SER O    O N N 253 
SER CB   C N N 254 
SER OG   O N N 255 
SER OXT  O N N 256 
SER H    H N N 257 
SER H2   H N N 258 
SER HA   H N N 259 
SER HB2  H N N 260 
SER HB3  H N N 261 
SER HG   H N N 262 
SER HXT  H N N 263 
THR N    N N N 264 
THR CA   C N S 265 
THR C    C N N 266 
THR O    O N N 267 
THR CB   C N R 268 
THR OG1  O N N 269 
THR CG2  C N N 270 
THR OXT  O N N 271 
THR H    H N N 272 
THR H2   H N N 273 
THR HA   H N N 274 
THR HB   H N N 275 
THR HG1  H N N 276 
THR HG21 H N N 277 
THR HG22 H N N 278 
THR HG23 H N N 279 
THR HXT  H N N 280 
TRP N    N N N 281 
TRP CA   C N S 282 
TRP C    C N N 283 
TRP O    O N N 284 
TRP CB   C N N 285 
TRP CG   C Y N 286 
TRP CD1  C Y N 287 
TRP CD2  C Y N 288 
TRP NE1  N Y N 289 
TRP CE2  C Y N 290 
TRP CE3  C Y N 291 
TRP CZ2  C Y N 292 
TRP CZ3  C Y N 293 
TRP CH2  C Y N 294 
TRP OXT  O N N 295 
TRP H    H N N 296 
TRP H2   H N N 297 
TRP HA   H N N 298 
TRP HB2  H N N 299 
TRP HB3  H N N 300 
TRP HD1  H N N 301 
TRP HE1  H N N 302 
TRP HE3  H N N 303 
TRP HZ2  H N N 304 
TRP HZ3  H N N 305 
TRP HH2  H N N 306 
TRP HXT  H N N 307 
TYR N    N N N 308 
TYR CA   C N S 309 
TYR C    C N N 310 
TYR O    O N N 311 
TYR CB   C N N 312 
TYR CG   C Y N 313 
TYR CD1  C Y N 314 
TYR CD2  C Y N 315 
TYR CE1  C Y N 316 
TYR CE2  C Y N 317 
TYR CZ   C Y N 318 
TYR OH   O N N 319 
TYR OXT  O N N 320 
TYR H    H N N 321 
TYR H2   H N N 322 
TYR HA   H N N 323 
TYR HB2  H N N 324 
TYR HB3  H N N 325 
TYR HD1  H N N 326 
TYR HD2  H N N 327 
TYR HE1  H N N 328 
TYR HE2  H N N 329 
TYR HH   H N N 330 
TYR HXT  H N N 331 
VAL N    N N N 332 
VAL CA   C N S 333 
VAL C    C N N 334 
VAL O    O N N 335 
VAL CB   C N N 336 
VAL CG1  C N N 337 
VAL CG2  C N N 338 
VAL OXT  O N N 339 
VAL H    H N N 340 
VAL H2   H N N 341 
VAL HA   H N N 342 
VAL HB   H N N 343 
VAL HG11 H N N 344 
VAL HG12 H N N 345 
VAL HG13 H N N 346 
VAL HG21 H N N 347 
VAL HG22 H N N 348 
VAL HG23 H N N 349 
VAL HXT  H N N 350 
# 
loop_
_chem_comp_bond.comp_id 
_chem_comp_bond.atom_id_1 
_chem_comp_bond.atom_id_2 
_chem_comp_bond.value_order 
_chem_comp_bond.pdbx_aromatic_flag 
_chem_comp_bond.pdbx_stereo_config 
_chem_comp_bond.pdbx_ordinal 
ALA N   CA   sing N N 1   
ALA N   H    sing N N 2   
ALA N   H2   sing N N 3   
ALA CA  C    sing N N 4   
ALA CA  CB   sing N N 5   
ALA CA  HA   sing N N 6   
ALA C   O    doub N N 7   
ALA C   OXT  sing N N 8   
ALA CB  HB1  sing N N 9   
ALA CB  HB2  sing N N 10  
ALA CB  HB3  sing N N 11  
ALA OXT HXT  sing N N 12  
ARG N   CA   sing N N 13  
ARG N   H    sing N N 14  
ARG N   H2   sing N N 15  
ARG CA  C    sing N N 16  
ARG CA  CB   sing N N 17  
ARG CA  HA   sing N N 18  
ARG C   O    doub N N 19  
ARG C   OXT  sing N N 20  
ARG CB  CG   sing N N 21  
ARG CB  HB2  sing N N 22  
ARG CB  HB3  sing N N 23  
ARG CG  CD   sing N N 24  
ARG CG  HG2  sing N N 25  
ARG CG  HG3  sing N N 26  
ARG CD  NE   sing N N 27  
ARG CD  HD2  sing N N 28  
ARG CD  HD3  sing N N 29  
ARG NE  CZ   sing N N 30  
ARG NE  HE   sing N N 31  
ARG CZ  NH1  sing N N 32  
ARG CZ  NH2  doub N N 33  
ARG NH1 HH11 sing N N 34  
ARG NH1 HH12 sing N N 35  
ARG NH2 HH21 sing N N 36  
ARG NH2 HH22 sing N N 37  
ARG OXT HXT  sing N N 38  
ASN N   CA   sing N N 39  
ASN N   H    sing N N 40  
ASN N   H2   sing N N 41  
ASN CA  C    sing N N 42  
ASN CA  CB   sing N N 43  
ASN CA  HA   sing N N 44  
ASN C   O    doub N N 45  
ASN C   OXT  sing N N 46  
ASN CB  CG   sing N N 47  
ASN CB  HB2  sing N N 48  
ASN CB  HB3  sing N N 49  
ASN CG  OD1  doub N N 50  
ASN CG  ND2  sing N N 51  
ASN ND2 HD21 sing N N 52  
ASN ND2 HD22 sing N N 53  
ASN OXT HXT  sing N N 54  
CYS N   CA   sing N N 55  
CYS N   H    sing N N 56  
CYS N   H2   sing N N 57  
CYS CA  C    sing N N 58  
CYS CA  CB   sing N N 59  
CYS CA  HA   sing N N 60  
CYS C   O    doub N N 61  
CYS C   OXT  sing N N 62  
CYS CB  SG   sing N N 63  
CYS CB  HB2  sing N N 64  
CYS CB  HB3  sing N N 65  
CYS SG  HG   sing N N 66  
CYS OXT HXT  sing N N 67  
GLN N   CA   sing N N 68  
GLN N   H    sing N N 69  
GLN N   H2   sing N N 70  
GLN CA  C    sing N N 71  
GLN CA  CB   sing N N 72  
GLN CA  HA   sing N N 73  
GLN C   O    doub N N 74  
GLN C   OXT  sing N N 75  
GLN CB  CG   sing N N 76  
GLN CB  HB2  sing N N 77  
GLN CB  HB3  sing N N 78  
GLN CG  CD   sing N N 79  
GLN CG  HG2  sing N N 80  
GLN CG  HG3  sing N N 81  
GLN CD  OE1  doub N N 82  
GLN CD  NE2  sing N N 83  
GLN NE2 HE21 sing N N 84  
GLN NE2 HE22 sing N N 85  
GLN OXT HXT  sing N N 86  
GLU N   CA   sing N N 87  
GLU N   H    sing N N 88  
GLU N   H2   sing N N 89  
GLU CA  C    sing N N 90  
GLU CA  CB   sing N N 91  
GLU CA  HA   sing N N 92  
GLU C   O    doub N N 93  
GLU C   OXT  sing N N 94  
GLU CB  CG   sing N N 95  
GLU CB  HB2  sing N N 96  
GLU CB  HB3  sing N N 97  
GLU CG  CD   sing N N 98  
GLU CG  HG2  sing N N 99  
GLU CG  HG3  sing N N 100 
GLU CD  OE1  doub N N 101 
GLU CD  OE2  sing N N 102 
GLU OE2 HE2  sing N N 103 
GLU OXT HXT  sing N N 104 
GLY N   CA   sing N N 105 
GLY N   H    sing N N 106 
GLY N   H2   sing N N 107 
GLY CA  C    sing N N 108 
GLY CA  HA2  sing N N 109 
GLY CA  HA3  sing N N 110 
GLY C   O    doub N N 111 
GLY C   OXT  sing N N 112 
GLY OXT HXT  sing N N 113 
ILE N   CA   sing N N 114 
ILE N   H    sing N N 115 
ILE N   H2   sing N N 116 
ILE CA  C    sing N N 117 
ILE CA  CB   sing N N 118 
ILE CA  HA   sing N N 119 
ILE C   O    doub N N 120 
ILE C   OXT  sing N N 121 
ILE CB  CG1  sing N N 122 
ILE CB  CG2  sing N N 123 
ILE CB  HB   sing N N 124 
ILE CG1 CD1  sing N N 125 
ILE CG1 HG12 sing N N 126 
ILE CG1 HG13 sing N N 127 
ILE CG2 HG21 sing N N 128 
ILE CG2 HG22 sing N N 129 
ILE CG2 HG23 sing N N 130 
ILE CD1 HD11 sing N N 131 
ILE CD1 HD12 sing N N 132 
ILE CD1 HD13 sing N N 133 
ILE OXT HXT  sing N N 134 
LEU N   CA   sing N N 135 
LEU N   H    sing N N 136 
LEU N   H2   sing N N 137 
LEU CA  C    sing N N 138 
LEU CA  CB   sing N N 139 
LEU CA  HA   sing N N 140 
LEU C   O    doub N N 141 
LEU C   OXT  sing N N 142 
LEU CB  CG   sing N N 143 
LEU CB  HB2  sing N N 144 
LEU CB  HB3  sing N N 145 
LEU CG  CD1  sing N N 146 
LEU CG  CD2  sing N N 147 
LEU CG  HG   sing N N 148 
LEU CD1 HD11 sing N N 149 
LEU CD1 HD12 sing N N 150 
LEU CD1 HD13 sing N N 151 
LEU CD2 HD21 sing N N 152 
LEU CD2 HD22 sing N N 153 
LEU CD2 HD23 sing N N 154 
LEU OXT HXT  sing N N 155 
LYS N   CA   sing N N 156 
LYS N   H    sing N N 157 
LYS N   H2   sing N N 158 
LYS CA  C    sing N N 159 
LYS CA  CB   sing N N 160 
LYS CA  HA   sing N N 161 
LYS C   O    doub N N 162 
LYS C   OXT  sing N N 163 
LYS CB  CG   sing N N 164 
LYS CB  HB2  sing N N 165 
LYS CB  HB3  sing N N 166 
LYS CG  CD   sing N N 167 
LYS CG  HG2  sing N N 168 
LYS CG  HG3  sing N N 169 
LYS CD  CE   sing N N 170 
LYS CD  HD2  sing N N 171 
LYS CD  HD3  sing N N 172 
LYS CE  NZ   sing N N 173 
LYS CE  HE2  sing N N 174 
LYS CE  HE3  sing N N 175 
LYS NZ  HZ1  sing N N 176 
LYS NZ  HZ2  sing N N 177 
LYS NZ  HZ3  sing N N 178 
LYS OXT HXT  sing N N 179 
MET N   CA   sing N N 180 
MET N   H    sing N N 181 
MET N   H2   sing N N 182 
MET CA  C    sing N N 183 
MET CA  CB   sing N N 184 
MET CA  HA   sing N N 185 
MET C   O    doub N N 186 
MET C   OXT  sing N N 187 
MET CB  CG   sing N N 188 
MET CB  HB2  sing N N 189 
MET CB  HB3  sing N N 190 
MET CG  SD   sing N N 191 
MET CG  HG2  sing N N 192 
MET CG  HG3  sing N N 193 
MET SD  CE   sing N N 194 
MET CE  HE1  sing N N 195 
MET CE  HE2  sing N N 196 
MET CE  HE3  sing N N 197 
MET OXT HXT  sing N N 198 
PHE N   CA   sing N N 199 
PHE N   H    sing N N 200 
PHE N   H2   sing N N 201 
PHE CA  C    sing N N 202 
PHE CA  CB   sing N N 203 
PHE CA  HA   sing N N 204 
PHE C   O    doub N N 205 
PHE C   OXT  sing N N 206 
PHE CB  CG   sing N N 207 
PHE CB  HB2  sing N N 208 
PHE CB  HB3  sing N N 209 
PHE CG  CD1  doub Y N 210 
PHE CG  CD2  sing Y N 211 
PHE CD1 CE1  sing Y N 212 
PHE CD1 HD1  sing N N 213 
PHE CD2 CE2  doub Y N 214 
PHE CD2 HD2  sing N N 215 
PHE CE1 CZ   doub Y N 216 
PHE CE1 HE1  sing N N 217 
PHE CE2 CZ   sing Y N 218 
PHE CE2 HE2  sing N N 219 
PHE CZ  HZ   sing N N 220 
PHE OXT HXT  sing N N 221 
PRO N   CA   sing N N 222 
PRO N   CD   sing N N 223 
PRO N   H    sing N N 224 
PRO CA  C    sing N N 225 
PRO CA  CB   sing N N 226 
PRO CA  HA   sing N N 227 
PRO C   O    doub N N 228 
PRO C   OXT  sing N N 229 
PRO CB  CG   sing N N 230 
PRO CB  HB2  sing N N 231 
PRO CB  HB3  sing N N 232 
PRO CG  CD   sing N N 233 
PRO CG  HG2  sing N N 234 
PRO CG  HG3  sing N N 235 
PRO CD  HD2  sing N N 236 
PRO CD  HD3  sing N N 237 
PRO OXT HXT  sing N N 238 
SER N   CA   sing N N 239 
SER N   H    sing N N 240 
SER N   H2   sing N N 241 
SER CA  C    sing N N 242 
SER CA  CB   sing N N 243 
SER CA  HA   sing N N 244 
SER C   O    doub N N 245 
SER C   OXT  sing N N 246 
SER CB  OG   sing N N 247 
SER CB  HB2  sing N N 248 
SER CB  HB3  sing N N 249 
SER OG  HG   sing N N 250 
SER OXT HXT  sing N N 251 
THR N   CA   sing N N 252 
THR N   H    sing N N 253 
THR N   H2   sing N N 254 
THR CA  C    sing N N 255 
THR CA  CB   sing N N 256 
THR CA  HA   sing N N 257 
THR C   O    doub N N 258 
THR C   OXT  sing N N 259 
THR CB  OG1  sing N N 260 
THR CB  CG2  sing N N 261 
THR CB  HB   sing N N 262 
THR OG1 HG1  sing N N 263 
THR CG2 HG21 sing N N 264 
THR CG2 HG22 sing N N 265 
THR CG2 HG23 sing N N 266 
THR OXT HXT  sing N N 267 
TRP N   CA   sing N N 268 
TRP N   H    sing N N 269 
TRP N   H2   sing N N 270 
TRP CA  C    sing N N 271 
TRP CA  CB   sing N N 272 
TRP CA  HA   sing N N 273 
TRP C   O    doub N N 274 
TRP C   OXT  sing N N 275 
TRP CB  CG   sing N N 276 
TRP CB  HB2  sing N N 277 
TRP CB  HB3  sing N N 278 
TRP CG  CD1  doub Y N 279 
TRP CG  CD2  sing Y N 280 
TRP CD1 NE1  sing Y N 281 
TRP CD1 HD1  sing N N 282 
TRP CD2 CE2  doub Y N 283 
TRP CD2 CE3  sing Y N 284 
TRP NE1 CE2  sing Y N 285 
TRP NE1 HE1  sing N N 286 
TRP CE2 CZ2  sing Y N 287 
TRP CE3 CZ3  doub Y N 288 
TRP CE3 HE3  sing N N 289 
TRP CZ2 CH2  doub Y N 290 
TRP CZ2 HZ2  sing N N 291 
TRP CZ3 CH2  sing Y N 292 
TRP CZ3 HZ3  sing N N 293 
TRP CH2 HH2  sing N N 294 
TRP OXT HXT  sing N N 295 
TYR N   CA   sing N N 296 
TYR N   H    sing N N 297 
TYR N   H2   sing N N 298 
TYR CA  C    sing N N 299 
TYR CA  CB   sing N N 300 
TYR CA  HA   sing N N 301 
TYR C   O    doub N N 302 
TYR C   OXT  sing N N 303 
TYR CB  CG   sing N N 304 
TYR CB  HB2  sing N N 305 
TYR CB  HB3  sing N N 306 
TYR CG  CD1  doub Y N 307 
TYR CG  CD2  sing Y N 308 
TYR CD1 CE1  sing Y N 309 
TYR CD1 HD1  sing N N 310 
TYR CD2 CE2  doub Y N 311 
TYR CD2 HD2  sing N N 312 
TYR CE1 CZ   doub Y N 313 
TYR CE1 HE1  sing N N 314 
TYR CE2 CZ   sing Y N 315 
TYR CE2 HE2  sing N N 316 
TYR CZ  OH   sing N N 317 
TYR OH  HH   sing N N 318 
TYR OXT HXT  sing N N 319 
VAL N   CA   sing N N 320 
VAL N   H    sing N N 321 
VAL N   H2   sing N N 322 
VAL CA  C    sing N N 323 
VAL CA  CB   sing N N 324 
VAL CA  HA   sing N N 325 
VAL C   O    doub N N 326 
VAL C   OXT  sing N N 327 
VAL CB  CG1  sing N N 328 
VAL CB  CG2  sing N N 329 
VAL CB  HB   sing N N 330 
VAL CG1 HG11 sing N N 331 
VAL CG1 HG12 sing N N 332 
VAL CG1 HG13 sing N N 333 
VAL CG2 HG21 sing N N 334 
VAL CG2 HG22 sing N N 335 
VAL CG2 HG23 sing N N 336 
VAL OXT HXT  sing N N 337 
# 
_atom_sites.entry_id                    1TNS 
_atom_sites.fract_transf_matrix[1][1]   1.000000 
_atom_sites.fract_transf_matrix[1][2]   0.000000 
_atom_sites.fract_transf_matrix[1][3]   0.000000 
_atom_sites.fract_transf_matrix[2][1]   0.000000 
_atom_sites.fract_transf_matrix[2][2]   1.000000 
_atom_sites.fract_transf_matrix[2][3]   0.000000 
_atom_sites.fract_transf_matrix[3][1]   0.000000 
_atom_sites.fract_transf_matrix[3][2]   0.000000 
_atom_sites.fract_transf_matrix[3][3]   1.000000 
_atom_sites.fract_transf_vector[1]      0.00000 
_atom_sites.fract_transf_vector[2]      0.00000 
_atom_sites.fract_transf_vector[3]      0.00000 
# 
loop_
_atom_type.symbol 
C 
H 
N 
O 
S 
# 
loop_
_atom_site.group_PDB 
_atom_site.id 
_atom_site.type_symbol 
_atom_site.label_atom_id 
_atom_site.label_alt_id 
_atom_site.label_comp_id 
_atom_site.label_asym_id 
_atom_site.label_entity_id 
_atom_site.label_seq_id 
_atom_site.pdbx_PDB_ins_code 
_atom_site.Cartn_x 
_atom_site.Cartn_y 
_atom_site.Cartn_z 
_atom_site.occupancy 
_atom_site.B_iso_or_equiv 
_atom_site.pdbx_formal_charge 
_atom_site.auth_seq_id 
_atom_site.auth_comp_id 
_atom_site.auth_asym_id 
_atom_site.auth_atom_id 
_atom_site.pdbx_PDB_model_num 
ATOM 1    N N    . MET A 1 1  ? 9.253   -5.161  10.916  1.00 2.40  ? 1  MET A N    1 
ATOM 2    C CA   . MET A 1 1  ? 9.063   -5.786  9.576   1.00 1.96  ? 1  MET A CA   1 
ATOM 3    C C    . MET A 1 1  ? 8.742   -4.700  8.548   1.00 1.45  ? 1  MET A C    1 
ATOM 4    O O    . MET A 1 1  ? 7.917   -3.838  8.777   1.00 1.76  ? 1  MET A O    1 
ATOM 5    C CB   . MET A 1 1  ? 7.907   -6.787  9.639   1.00 2.27  ? 1  MET A CB   1 
ATOM 6    C CG   . MET A 1 1  ? 7.905   -7.645  8.373   1.00 2.43  ? 1  MET A CG   1 
ATOM 7    S SD   . MET A 1 1  ? 6.509   -8.796  8.427   1.00 2.71  ? 1  MET A SD   1 
ATOM 8    C CE   . MET A 1 1  ? 6.252   -8.924  6.641   1.00 3.01  ? 1  MET A CE   1 
ATOM 9    H H1   . MET A 1 1  ? 8.429   -4.567  11.141  1.00 2.71  ? 1  MET A H1   1 
ATOM 10   H H2   . MET A 1 1  ? 9.350   -5.906  11.635  1.00 2.71  ? 1  MET A H2   1 
ATOM 11   H H3   . MET A 1 1  ? 10.109  -4.572  10.906  1.00 2.77  ? 1  MET A H3   1 
ATOM 12   H HA   . MET A 1 1  ? 9.968   -6.299  9.288   1.00 2.24  ? 1  MET A HA   1 
ATOM 13   H HB2  . MET A 1 1  ? 8.028   -7.421  10.506  1.00 2.81  ? 1  MET A HB2  1 
ATOM 14   H HB3  . MET A 1 1  ? 6.972   -6.253  9.712   1.00 2.58  ? 1  MET A HB3  1 
ATOM 15   H HG2  . MET A 1 1  ? 7.812   -7.007  7.506   1.00 2.82  ? 1  MET A HG2  1 
ATOM 16   H HG3  . MET A 1 1  ? 8.829   -8.201  8.314   1.00 2.86  ? 1  MET A HG3  1 
ATOM 17   H HE1  . MET A 1 1  ? 7.171   -9.237  6.167   1.00 3.27  ? 1  MET A HE1  1 
ATOM 18   H HE2  . MET A 1 1  ? 5.481   -9.649  6.438   1.00 3.29  ? 1  MET A HE2  1 
ATOM 19   H HE3  . MET A 1 1  ? 5.948   -7.962  6.252   1.00 3.40  ? 1  MET A HE3  1 
ATOM 20   N N    . GLU A 1 2  ? 9.389   -4.734  7.413   1.00 1.11  ? 2  GLU A N    1 
ATOM 21   C CA   . GLU A 1 2  ? 9.125   -3.703  6.364   1.00 0.87  ? 2  GLU A CA   1 
ATOM 22   C C    . GLU A 1 2  ? 7.992   -4.180  5.454   1.00 0.89  ? 2  GLU A C    1 
ATOM 23   O O    . GLU A 1 2  ? 7.973   -5.311  5.010   1.00 1.62  ? 2  GLU A O    1 
ATOM 24   C CB   . GLU A 1 2  ? 10.392  -3.492  5.531   1.00 1.06  ? 2  GLU A CB   1 
ATOM 25   C CG   . GLU A 1 2  ? 11.465  -2.824  6.394   1.00 1.55  ? 2  GLU A CG   1 
ATOM 26   C CD   . GLU A 1 2  ? 12.657  -2.435  5.516   1.00 2.21  ? 2  GLU A CD   1 
ATOM 27   O OE1  . GLU A 1 2  ? 13.406  -3.322  5.142   1.00 2.73  ? 2  GLU A OE1  1 
ATOM 28   O OE2  . GLU A 1 2  ? 12.798  -1.257  5.233   1.00 2.86  ? 2  GLU A OE2  1 
ATOM 29   H H    . GLU A 1 2  ? 10.052  -5.438  7.249   1.00 1.42  ? 2  GLU A H    1 
ATOM 30   H HA   . GLU A 1 2  ? 8.843   -2.770  6.832   1.00 1.07  ? 2  GLU A HA   1 
ATOM 31   H HB2  . GLU A 1 2  ? 10.754  -4.447  5.178   1.00 1.55  ? 2  GLU A HB2  1 
ATOM 32   H HB3  . GLU A 1 2  ? 10.166  -2.857  4.687   1.00 1.66  ? 2  GLU A HB3  1 
ATOM 33   H HG2  . GLU A 1 2  ? 11.054  -1.940  6.858   1.00 2.15  ? 2  GLU A HG2  1 
ATOM 34   H HG3  . GLU A 1 2  ? 11.793  -3.513  7.157   1.00 2.01  ? 2  GLU A HG3  1 
ATOM 35   N N    . LEU A 1 3  ? 7.049   -3.325  5.169   1.00 0.44  ? 3  LEU A N    1 
ATOM 36   C CA   . LEU A 1 3  ? 5.919   -3.728  4.285   1.00 0.39  ? 3  LEU A CA   1 
ATOM 37   C C    . LEU A 1 3  ? 5.227   -2.475  3.745   1.00 0.34  ? 3  LEU A C    1 
ATOM 38   O O    . LEU A 1 3  ? 4.143   -2.123  4.166   1.00 0.55  ? 3  LEU A O    1 
ATOM 39   C CB   . LEU A 1 3  ? 4.916   -4.567  5.089   1.00 0.40  ? 3  LEU A CB   1 
ATOM 40   C CG   . LEU A 1 3  ? 3.790   -5.090  4.175   1.00 0.43  ? 3  LEU A CG   1 
ATOM 41   C CD1  . LEU A 1 3  ? 4.311   -6.218  3.269   1.00 0.56  ? 3  LEU A CD1  1 
ATOM 42   C CD2  . LEU A 1 3  ? 2.648   -5.622  5.046   1.00 0.47  ? 3  LEU A CD2  1 
ATOM 43   H H    . LEU A 1 3  ? 7.083   -2.416  5.536   1.00 0.82  ? 3  LEU A H    1 
ATOM 44   H HA   . LEU A 1 3  ? 6.300   -4.312  3.462   1.00 0.44  ? 3  LEU A HA   1 
ATOM 45   H HB2  . LEU A 1 3  ? 5.430   -5.400  5.545   1.00 0.46  ? 3  LEU A HB2  1 
ATOM 46   H HB3  . LEU A 1 3  ? 4.483   -3.952  5.865   1.00 0.40  ? 3  LEU A HB3  1 
ATOM 47   H HG   . LEU A 1 3  ? 3.420   -4.285  3.559   1.00 0.44  ? 3  LEU A HG   1 
ATOM 48   H HD11 . LEU A 1 3  ? 4.968   -6.865  3.830   1.00 1.23  ? 3  LEU A HD11 1 
ATOM 49   H HD12 . LEU A 1 3  ? 3.476   -6.794  2.894   1.00 1.16  ? 3  LEU A HD12 1 
ATOM 50   H HD13 . LEU A 1 3  ? 4.849   -5.792  2.437   1.00 1.12  ? 3  LEU A HD13 1 
ATOM 51   H HD21 . LEU A 1 3  ? 2.292   -4.834  5.693   1.00 1.16  ? 3  LEU A HD21 1 
ATOM 52   H HD22 . LEU A 1 3  ? 1.840   -5.959  4.412   1.00 1.07  ? 3  LEU A HD22 1 
ATOM 53   H HD23 . LEU A 1 3  ? 3.004   -6.446  5.645   1.00 1.15  ? 3  LEU A HD23 1 
ATOM 54   N N    . TRP A 1 4  ? 5.840   -1.799  2.813   1.00 0.24  ? 4  TRP A N    1 
ATOM 55   C CA   . TRP A 1 4  ? 5.209   -0.575  2.246   1.00 0.19  ? 4  TRP A CA   1 
ATOM 56   C C    . TRP A 1 4  ? 4.191   -0.986  1.183   1.00 0.23  ? 4  TRP A C    1 
ATOM 57   O O    . TRP A 1 4  ? 4.222   -2.090  0.678   1.00 0.31  ? 4  TRP A O    1 
ATOM 58   C CB   . TRP A 1 4  ? 6.286   0.314   1.623   1.00 0.21  ? 4  TRP A CB   1 
ATOM 59   C CG   . TRP A 1 4  ? 7.267   0.699   2.682   1.00 0.21  ? 4  TRP A CG   1 
ATOM 60   C CD1  . TRP A 1 4  ? 8.215   -0.120  3.194   1.00 0.24  ? 4  TRP A CD1  1 
ATOM 61   C CD2  . TRP A 1 4  ? 7.410   1.974   3.373   1.00 0.21  ? 4  TRP A CD2  1 
ATOM 62   N NE1  . TRP A 1 4  ? 8.935   0.570   4.152   1.00 0.26  ? 4  TRP A NE1  1 
ATOM 63   C CE2  . TRP A 1 4  ? 8.480   1.863   4.301   1.00 0.24  ? 4  TRP A CE2  1 
ATOM 64   C CE3  . TRP A 1 4  ? 6.723   3.209   3.287   1.00 0.20  ? 4  TRP A CE3  1 
ATOM 65   C CZ2  . TRP A 1 4  ? 8.857   2.939   5.117   1.00 0.26  ? 4  TRP A CZ2  1 
ATOM 66   C CZ3  . TRP A 1 4  ? 7.102   4.294   4.106   1.00 0.22  ? 4  TRP A CZ3  1 
ATOM 67   C CH2  . TRP A 1 4  ? 8.166   4.158   5.020   1.00 0.25  ? 4  TRP A CH2  1 
ATOM 68   H H    . TRP A 1 4  ? 6.712   -2.100  2.482   1.00 0.37  ? 4  TRP A H    1 
ATOM 69   H HA   . TRP A 1 4  ? 4.706   -0.031  3.032   1.00 0.18  ? 4  TRP A HA   1 
ATOM 70   H HB2  . TRP A 1 4  ? 6.793   -0.228  0.839   1.00 0.25  ? 4  TRP A HB2  1 
ATOM 71   H HB3  . TRP A 1 4  ? 5.830   1.202   1.213   1.00 0.21  ? 4  TRP A HB3  1 
ATOM 72   H HD1  . TRP A 1 4  ? 8.382   -1.145  2.900   1.00 0.26  ? 4  TRP A HD1  1 
ATOM 73   H HE1  . TRP A 1 4  ? 9.680   0.201   4.672   1.00 0.29  ? 4  TRP A HE1  1 
ATOM 74   H HE3  . TRP A 1 4  ? 5.906   3.323   2.590   1.00 0.19  ? 4  TRP A HE3  1 
ATOM 75   H HZ2  . TRP A 1 4  ? 9.674   2.832   5.816   1.00 0.29  ? 4  TRP A HZ2  1 
ATOM 76   H HZ3  . TRP A 1 4  ? 6.573   5.231   4.033   1.00 0.22  ? 4  TRP A HZ3  1 
ATOM 77   H HH2  . TRP A 1 4  ? 8.450   4.991   5.645   1.00 0.27  ? 4  TRP A HH2  1 
ATOM 78   N N    . VAL A 1 5  ? 3.277   -0.110  0.852   1.00 0.22  ? 5  VAL A N    1 
ATOM 79   C CA   . VAL A 1 5  ? 2.234   -0.443  -0.168  1.00 0.28  ? 5  VAL A CA   1 
ATOM 80   C C    . VAL A 1 5  ? 2.074   0.729   -1.139  1.00 0.34  ? 5  VAL A C    1 
ATOM 81   O O    . VAL A 1 5  ? 2.363   1.863   -0.811  1.00 0.81  ? 5  VAL A O    1 
ATOM 82   C CB   . VAL A 1 5  ? 0.906   -0.699  0.546   1.00 0.29  ? 5  VAL A CB   1 
ATOM 83   C CG1  . VAL A 1 5  ? -0.134  -1.173  -0.466  1.00 0.43  ? 5  VAL A CG1  1 
ATOM 84   C CG2  . VAL A 1 5  ? 1.099   -1.773  1.619   1.00 0.36  ? 5  VAL A CG2  1 
ATOM 85   H H    . VAL A 1 5  ? 3.269   0.769   1.282   1.00 0.22  ? 5  VAL A H    1 
ATOM 86   H HA   . VAL A 1 5  ? 2.521   -1.326  -0.722  1.00 0.32  ? 5  VAL A HA   1 
ATOM 87   H HB   . VAL A 1 5  ? 0.565   0.215   1.009   1.00 0.37  ? 5  VAL A HB   1 
ATOM 88   H HG11 . VAL A 1 5  ? 0.293   -1.948  -1.086  1.00 1.04  ? 5  VAL A HG11 1 
ATOM 89   H HG12 . VAL A 1 5  ? -0.993  -1.564  0.058   1.00 1.17  ? 5  VAL A HG12 1 
ATOM 90   H HG13 . VAL A 1 5  ? -0.435  -0.343  -1.083  1.00 1.11  ? 5  VAL A HG13 1 
ATOM 91   H HG21 . VAL A 1 5  ? 1.885   -1.471  2.295   1.00 1.02  ? 5  VAL A HG21 1 
ATOM 92   H HG22 . VAL A 1 5  ? 0.180   -1.897  2.172   1.00 1.13  ? 5  VAL A HG22 1 
ATOM 93   H HG23 . VAL A 1 5  ? 1.368   -2.708  1.150   1.00 1.05  ? 5  VAL A HG23 1 
ATOM 94   N N    . SER A 1 6  ? 1.613   0.461   -2.336  1.00 0.25  ? 6  SER A N    1 
ATOM 95   C CA   . SER A 1 6  ? 1.429   1.551   -3.348  1.00 0.20  ? 6  SER A CA   1 
ATOM 96   C C    . SER A 1 6  ? -0.065  1.941   -3.407  1.00 0.17  ? 6  SER A C    1 
ATOM 97   O O    . SER A 1 6  ? -0.910  1.116   -3.115  1.00 0.19  ? 6  SER A O    1 
ATOM 98   C CB   . SER A 1 6  ? 1.879   1.023   -4.715  1.00 0.24  ? 6  SER A CB   1 
ATOM 99   O OG   . SER A 1 6  ? 3.296   1.091   -4.800  1.00 0.27  ? 6  SER A OG   1 
ATOM 100  H H    . SER A 1 6  ? 1.389   -0.462  -2.573  1.00 0.60  ? 6  SER A H    1 
ATOM 101  H HA   . SER A 1 6  ? 2.034   2.399   -3.073  1.00 0.20  ? 6  SER A HA   1 
ATOM 102  H HB2  . SER A 1 6  ? 1.569   -0.002  -4.824  1.00 0.26  ? 6  SER A HB2  1 
ATOM 103  H HB3  . SER A 1 6  ? 1.432   1.615   -5.501  1.00 0.23  ? 6  SER A HB3  1 
ATOM 104  H HG   . SER A 1 6  ? 3.610   0.268   -5.181  1.00 0.89  ? 6  SER A HG   1 
ATOM 105  N N    . PRO A 1 7  ? -0.368  3.173   -3.786  1.00 0.16  ? 7  PRO A N    1 
ATOM 106  C CA   . PRO A 1 7  ? -1.773  3.625   -3.878  1.00 0.16  ? 7  PRO A CA   1 
ATOM 107  C C    . PRO A 1 7  ? -2.588  2.667   -4.763  1.00 0.16  ? 7  PRO A C    1 
ATOM 108  O O    . PRO A 1 7  ? -3.701  2.305   -4.438  1.00 0.16  ? 7  PRO A O    1 
ATOM 109  C CB   . PRO A 1 7  ? -1.698  5.041   -4.500  1.00 0.19  ? 7  PRO A CB   1 
ATOM 110  C CG   . PRO A 1 7  ? -0.192  5.396   -4.677  1.00 0.19  ? 7  PRO A CG   1 
ATOM 111  C CD   . PRO A 1 7  ? 0.635   4.203   -4.147  1.00 0.17  ? 7  PRO A CD   1 
ATOM 112  H HA   . PRO A 1 7  ? -2.209  3.678   -2.895  1.00 0.18  ? 7  PRO A HA   1 
ATOM 113  H HB2  . PRO A 1 7  ? -2.196  5.057   -5.464  1.00 0.22  ? 7  PRO A HB2  1 
ATOM 114  H HB3  . PRO A 1 7  ? -2.164  5.761   -3.842  1.00 0.22  ? 7  PRO A HB3  1 
ATOM 115  H HG2  . PRO A 1 7  ? 0.027   5.563   -5.726  1.00 0.23  ? 7  PRO A HG2  1 
ATOM 116  H HG3  . PRO A 1 7  ? 0.049   6.287   -4.111  1.00 0.21  ? 7  PRO A HG3  1 
ATOM 117  H HD2  . PRO A 1 7  ? 1.303   3.834   -4.912  1.00 0.19  ? 7  PRO A HD2  1 
ATOM 118  H HD3  . PRO A 1 7  ? 1.193   4.497   -3.270  1.00 0.17  ? 7  PRO A HD3  1 
ATOM 119  N N    . LYS A 1 8  ? -2.048  2.267   -5.880  1.00 0.17  ? 8  LYS A N    1 
ATOM 120  C CA   . LYS A 1 8  ? -2.800  1.347   -6.783  1.00 0.19  ? 8  LYS A CA   1 
ATOM 121  C C    . LYS A 1 8  ? -3.147  0.053   -6.040  1.00 0.18  ? 8  LYS A C    1 
ATOM 122  O O    . LYS A 1 8  ? -4.110  -0.615  -6.361  1.00 0.19  ? 8  LYS A O    1 
ATOM 123  C CB   . LYS A 1 8  ? -1.937  1.023   -8.007  1.00 0.23  ? 8  LYS A CB   1 
ATOM 124  C CG   . LYS A 1 8  ? -0.494  0.772   -7.562  1.00 0.36  ? 8  LYS A CG   1 
ATOM 125  C CD   . LYS A 1 8  ? 0.275   0.073   -8.686  1.00 0.46  ? 8  LYS A CD   1 
ATOM 126  C CE   . LYS A 1 8  ? 1.688   -0.262  -8.203  1.00 1.38  ? 8  LYS A CE   1 
ATOM 127  N NZ   . LYS A 1 8  ? 2.403   -1.035  -9.257  1.00 2.17  ? 8  LYS A NZ   1 
ATOM 128  H H    . LYS A 1 8  ? -1.153  2.578   -6.130  1.00 0.19  ? 8  LYS A H    1 
ATOM 129  H HA   . LYS A 1 8  ? -3.711  1.829   -7.105  1.00 0.20  ? 8  LYS A HA   1 
ATOM 130  H HB2  . LYS A 1 8  ? -2.323  0.141   -8.500  1.00 0.31  ? 8  LYS A HB2  1 
ATOM 131  H HB3  . LYS A 1 8  ? -1.959  1.856   -8.693  1.00 0.34  ? 8  LYS A HB3  1 
ATOM 132  H HG2  . LYS A 1 8  ? -0.020  1.715   -7.335  1.00 0.60  ? 8  LYS A HG2  1 
ATOM 133  H HG3  . LYS A 1 8  ? -0.491  0.145   -6.684  1.00 0.64  ? 8  LYS A HG3  1 
ATOM 134  H HD2  . LYS A 1 8  ? -0.237  -0.837  -8.961  1.00 1.21  ? 8  LYS A HD2  1 
ATOM 135  H HD3  . LYS A 1 8  ? 0.337   0.727   -9.542  1.00 1.15  ? 8  LYS A HD3  1 
ATOM 136  H HE2  . LYS A 1 8  ? 2.225   0.652   -7.999  1.00 2.00  ? 8  LYS A HE2  1 
ATOM 137  H HE3  . LYS A 1 8  ? 1.629   -0.854  -7.301  1.00 2.00  ? 8  LYS A HE3  1 
ATOM 138  H HZ1  . LYS A 1 8  ? 1.720   -1.359  -9.973  1.00 2.65  ? 8  LYS A HZ1  1 
ATOM 139  H HZ2  . LYS A 1 8  ? 3.116   -0.427  -9.708  1.00 2.60  ? 8  LYS A HZ2  1 
ATOM 140  H HZ3  . LYS A 1 8  ? 2.873   -1.856  -8.827  1.00 2.61  ? 8  LYS A HZ3  1 
ATOM 141  N N    . GLU A 1 9  ? -2.375  -0.311  -5.052  1.00 0.17  ? 9  GLU A N    1 
ATOM 142  C CA   . GLU A 1 9  ? -2.673  -1.565  -4.298  1.00 0.18  ? 9  GLU A CA   1 
ATOM 143  C C    . GLU A 1 9  ? -3.708  -1.273  -3.209  1.00 0.16  ? 9  GLU A C    1 
ATOM 144  O O    . GLU A 1 9  ? -4.417  -2.151  -2.761  1.00 0.17  ? 9  GLU A O    1 
ATOM 145  C CB   . GLU A 1 9  ? -1.390  -2.091  -3.654  1.00 0.20  ? 9  GLU A CB   1 
ATOM 146  C CG   . GLU A 1 9  ? -0.478  -2.679  -4.734  1.00 0.28  ? 9  GLU A CG   1 
ATOM 147  C CD   . GLU A 1 9  ? -1.048  -4.014  -5.214  1.00 1.24  ? 9  GLU A CD   1 
ATOM 148  O OE1  . GLU A 1 9  ? -1.868  -3.994  -6.118  1.00 1.93  ? 9  GLU A OE1  1 
ATOM 149  O OE2  . GLU A 1 9  ? -0.655  -5.033  -4.671  1.00 2.06  ? 9  GLU A OE2  1 
ATOM 150  H H    . GLU A 1 9  ? -1.602  0.238   -4.805  1.00 0.17  ? 9  GLU A H    1 
ATOM 151  H HA   . GLU A 1 9  ? -3.065  -2.311  -4.975  1.00 0.20  ? 9  GLU A HA   1 
ATOM 152  H HB2  . GLU A 1 9  ? -0.882  -1.280  -3.157  1.00 0.22  ? 9  GLU A HB2  1 
ATOM 153  H HB3  . GLU A 1 9  ? -1.636  -2.859  -2.935  1.00 0.24  ? 9  GLU A HB3  1 
ATOM 154  H HG2  . GLU A 1 9  ? -0.417  -1.991  -5.565  1.00 0.95  ? 9  GLU A HG2  1 
ATOM 155  H HG3  . GLU A 1 9  ? 0.508   -2.836  -4.324  1.00 0.90  ? 9  GLU A HG3  1 
ATOM 156  N N    . LEU A 1 10 ? -3.803  -0.043  -2.783  1.00 0.15  ? 10 LEU A N    1 
ATOM 157  C CA   . LEU A 1 10 ? -4.797  0.307   -1.728  1.00 0.15  ? 10 LEU A CA   1 
ATOM 158  C C    . LEU A 1 10 ? -6.167  0.501   -2.379  1.00 0.14  ? 10 LEU A C    1 
ATOM 159  O O    . LEU A 1 10 ? -7.192  0.424   -1.731  1.00 0.14  ? 10 LEU A O    1 
ATOM 160  C CB   . LEU A 1 10 ? -4.374  1.611   -1.041  1.00 0.16  ? 10 LEU A CB   1 
ATOM 161  C CG   . LEU A 1 10 ? -3.030  1.422   -0.323  1.00 0.18  ? 10 LEU A CG   1 
ATOM 162  C CD1  . LEU A 1 10 ? -2.563  2.772   0.230   1.00 0.21  ? 10 LEU A CD1  1 
ATOM 163  C CD2  . LEU A 1 10 ? -3.180  0.418   0.836   1.00 0.20  ? 10 LEU A CD2  1 
ATOM 164  H H    . LEU A 1 10 ? -3.225  0.653   -3.160  1.00 0.15  ? 10 LEU A H    1 
ATOM 165  H HA   . LEU A 1 10 ? -4.856  -0.488  -1.001  1.00 0.16  ? 10 LEU A HA   1 
ATOM 166  H HB2  . LEU A 1 10 ? -4.272  2.384   -1.788  1.00 0.16  ? 10 LEU A HB2  1 
ATOM 167  H HB3  . LEU A 1 10 ? -5.125  1.902   -0.326  1.00 0.16  ? 10 LEU A HB3  1 
ATOM 168  H HG   . LEU A 1 10 ? -2.300  1.054   -1.028  1.00 0.22  ? 10 LEU A HG   1 
ATOM 169  H HD11 . LEU A 1 10 ? -3.297  3.151   0.925   1.00 1.03  ? 10 LEU A HD11 1 
ATOM 170  H HD12 . LEU A 1 10 ? -1.618  2.646   0.737   1.00 1.00  ? 10 LEU A HD12 1 
ATOM 171  H HD13 . LEU A 1 10 ? -2.442  3.472   -0.582  1.00 1.05  ? 10 LEU A HD13 1 
ATOM 172  H HD21 . LEU A 1 10 ? -4.147  0.536   1.301   1.00 1.04  ? 10 LEU A HD21 1 
ATOM 173  H HD22 . LEU A 1 10 ? -3.085  -0.588  0.457   1.00 1.03  ? 10 LEU A HD22 1 
ATOM 174  H HD23 . LEU A 1 10 ? -2.407  0.593   1.572   1.00 1.03  ? 10 LEU A HD23 1 
ATOM 175  N N    . ALA A 1 11 ? -6.184  0.760   -3.658  1.00 0.15  ? 11 ALA A N    1 
ATOM 176  C CA   . ALA A 1 11 ? -7.475  0.963   -4.379  1.00 0.17  ? 11 ALA A CA   1 
ATOM 177  C C    . ALA A 1 11 ? -8.321  -0.322  -4.368  1.00 0.17  ? 11 ALA A C    1 
ATOM 178  O O    . ALA A 1 11 ? -9.083  -0.562  -5.282  1.00 0.19  ? 11 ALA A O    1 
ATOM 179  C CB   . ALA A 1 11 ? -7.184  1.361   -5.827  1.00 0.19  ? 11 ALA A CB   1 
ATOM 180  H H    . ALA A 1 11 ? -5.338  0.823   -4.151  1.00 0.16  ? 11 ALA A H    1 
ATOM 181  H HA   . ALA A 1 11 ? -8.029  1.756   -3.900  1.00 0.17  ? 11 ALA A HA   1 
ATOM 182  H HB1  . ALA A 1 11 ? -6.599  2.269   -5.840  1.00 1.00  ? 11 ALA A HB1  1 
ATOM 183  H HB2  . ALA A 1 11 ? -6.633  0.569   -6.314  1.00 1.02  ? 11 ALA A HB2  1 
ATOM 184  H HB3  . ALA A 1 11 ? -8.114  1.525   -6.350  1.00 1.08  ? 11 ALA A HB3  1 
ATOM 185  N N    . ASN A 1 12 ? -8.197  -1.159  -3.363  1.00 0.17  ? 12 ASN A N    1 
ATOM 186  C CA   . ASN A 1 12 ? -9.005  -2.421  -3.345  1.00 0.19  ? 12 ASN A CA   1 
ATOM 187  C C    . ASN A 1 12 ? -9.391  -2.801  -1.910  1.00 0.19  ? 12 ASN A C    1 
ATOM 188  O O    . ASN A 1 12 ? -10.180 -3.700  -1.699  1.00 0.22  ? 12 ASN A O    1 
ATOM 189  C CB   . ASN A 1 12 ? -8.182  -3.555  -3.961  1.00 0.22  ? 12 ASN A CB   1 
ATOM 190  C CG   . ASN A 1 12 ? -7.670  -3.126  -5.338  1.00 1.32  ? 12 ASN A CG   1 
ATOM 191  O OD1  . ASN A 1 12 ? -6.498  -2.856  -5.506  1.00 2.08  ? 12 ASN A OD1  1 
ATOM 192  N ND2  . ASN A 1 12 ? -8.507  -3.052  -6.337  1.00 2.17  ? 12 ASN A ND2  1 
ATOM 193  H H    . ASN A 1 12 ? -7.575  -0.968  -2.639  1.00 0.17  ? 12 ASN A H    1 
ATOM 194  H HA   . ASN A 1 12 ? -9.909  -2.285  -3.924  1.00 0.20  ? 12 ASN A HA   1 
ATOM 195  H HB2  . ASN A 1 12 ? -7.342  -3.780  -3.319  1.00 0.98  ? 12 ASN A HB2  1 
ATOM 196  H HB3  . ASN A 1 12 ? -8.800  -4.433  -4.066  1.00 0.99  ? 12 ASN A HB3  1 
ATOM 197  H HD21 . ASN A 1 12 ? -9.453  -3.269  -6.201  1.00 2.36  ? 12 ASN A HD21 1 
ATOM 198  H HD22 . ASN A 1 12 ? -8.189  -2.779  -7.222  1.00 2.94  ? 12 ASN A HD22 1 
ATOM 199  N N    . LEU A 1 13 ? -8.862  -2.132  -0.919  1.00 0.18  ? 13 LEU A N    1 
ATOM 200  C CA   . LEU A 1 13 ? -9.240  -2.484  0.482   1.00 0.19  ? 13 LEU A CA   1 
ATOM 201  C C    . LEU A 1 13 ? -10.618 -1.856  0.780   1.00 0.19  ? 13 LEU A C    1 
ATOM 202  O O    . LEU A 1 13 ? -10.917 -0.804  0.253   1.00 0.18  ? 13 LEU A O    1 
ATOM 203  C CB   . LEU A 1 13 ? -8.189  -1.925  1.454   1.00 0.19  ? 13 LEU A CB   1 
ATOM 204  C CG   . LEU A 1 13 ? -6.776  -2.323  1.000   1.00 0.20  ? 13 LEU A CG   1 
ATOM 205  C CD1  . LEU A 1 13 ? -5.774  -1.991  2.110   1.00 0.22  ? 13 LEU A CD1  1 
ATOM 206  C CD2  . LEU A 1 13 ? -6.719  -3.829  0.707   1.00 0.22  ? 13 LEU A CD2  1 
ATOM 207  H H    . LEU A 1 13 ? -8.233  -1.403  -1.092  1.00 0.16  ? 13 LEU A H    1 
ATOM 208  H HA   . LEU A 1 13 ? -9.285  -3.554  0.570   1.00 0.21  ? 13 LEU A HA   1 
ATOM 209  H HB2  . LEU A 1 13 ? -8.266  -0.848  1.479   1.00 0.21  ? 13 LEU A HB2  1 
ATOM 210  H HB3  . LEU A 1 13 ? -8.369  -2.318  2.443   1.00 0.20  ? 13 LEU A HB3  1 
ATOM 211  H HG   . LEU A 1 13 ? -6.518  -1.771  0.108   1.00 0.22  ? 13 LEU A HG   1 
ATOM 212  H HD11 . LEU A 1 13 ? -5.988  -1.013  2.510   1.00 1.03  ? 13 LEU A HD11 1 
ATOM 213  H HD12 . LEU A 1 13 ? -5.852  -2.726  2.899   1.00 1.07  ? 13 LEU A HD12 1 
ATOM 214  H HD13 . LEU A 1 13 ? -4.772  -2.005  1.706   1.00 1.02  ? 13 LEU A HD13 1 
ATOM 215  H HD21 . LEU A 1 13 ? -7.270  -4.364  1.466   1.00 1.01  ? 13 LEU A HD21 1 
ATOM 216  H HD22 . LEU A 1 13 ? -7.158  -4.023  -0.260  1.00 1.05  ? 13 LEU A HD22 1 
ATOM 217  H HD23 . LEU A 1 13 ? -5.691  -4.160  0.707   1.00 1.06  ? 13 LEU A HD23 1 
ATOM 218  N N    . PRO A 1 14 ? -11.437 -2.499  1.596   1.00 0.21  ? 14 PRO A N    1 
ATOM 219  C CA   . PRO A 1 14 ? -12.778 -1.960  1.913   1.00 0.22  ? 14 PRO A CA   1 
ATOM 220  C C    . PRO A 1 14 ? -12.669 -0.566  2.551   1.00 0.21  ? 14 PRO A C    1 
ATOM 221  O O    . PRO A 1 14 ? -13.102 0.422   1.990   1.00 0.21  ? 14 PRO A O    1 
ATOM 222  C CB   . PRO A 1 14 ? -13.396 -2.980  2.902   1.00 0.26  ? 14 PRO A CB   1 
ATOM 223  C CG   . PRO A 1 14 ? -12.305 -4.045  3.214   1.00 0.27  ? 14 PRO A CG   1 
ATOM 224  C CD   . PRO A 1 14 ? -11.119 -3.784  2.261   1.00 0.24  ? 14 PRO A CD   1 
ATOM 225  H HA   . PRO A 1 14 ? -13.374 -1.908  1.017   1.00 0.23  ? 14 PRO A HA   1 
ATOM 226  H HB2  . PRO A 1 14 ? -13.705 -2.483  3.816   1.00 0.27  ? 14 PRO A HB2  1 
ATOM 227  H HB3  . PRO A 1 14 ? -14.251 -3.463  2.448   1.00 0.28  ? 14 PRO A HB3  1 
ATOM 228  H HG2  . PRO A 1 14 ? -11.983 -3.948  4.244   1.00 0.27  ? 14 PRO A HG2  1 
ATOM 229  H HG3  . PRO A 1 14 ? -12.698 -5.040  3.048   1.00 0.29  ? 14 PRO A HG3  1 
ATOM 230  H HD2  . PRO A 1 14 ? -10.194 -3.707  2.817   1.00 0.24  ? 14 PRO A HD2  1 
ATOM 231  H HD3  . PRO A 1 14 ? -11.054 -4.575  1.526   1.00 0.25  ? 14 PRO A HD3  1 
ATOM 232  N N    . GLY A 1 15 ? -12.111 -0.489  3.727   1.00 0.21  ? 15 GLY A N    1 
ATOM 233  C CA   . GLY A 1 15 ? -11.984 0.827   4.425   1.00 0.20  ? 15 GLY A CA   1 
ATOM 234  C C    . GLY A 1 15 ? -11.523 1.908   3.447   1.00 0.19  ? 15 GLY A C    1 
ATOM 235  O O    . GLY A 1 15 ? -11.929 3.050   3.532   1.00 0.21  ? 15 GLY A O    1 
ATOM 236  H H    . GLY A 1 15 ? -11.782 -1.302  4.161   1.00 0.21  ? 15 GLY A H    1 
ATOM 237  H HA2  . GLY A 1 15 ? -12.943 1.104   4.839   1.00 0.22  ? 15 GLY A HA2  1 
ATOM 238  H HA3  . GLY A 1 15 ? -11.263 0.739   5.223   1.00 0.21  ? 15 GLY A HA3  1 
ATOM 239  N N    . LEU A 1 16 ? -10.671 1.563   2.520   1.00 0.17  ? 16 LEU A N    1 
ATOM 240  C CA   . LEU A 1 16 ? -10.172 2.572   1.536   1.00 0.16  ? 16 LEU A CA   1 
ATOM 241  C C    . LEU A 1 16 ? -11.036 2.499   0.257   1.00 0.16  ? 16 LEU A C    1 
ATOM 242  O O    . LEU A 1 16 ? -11.525 1.438   -0.072  1.00 0.16  ? 16 LEU A O    1 
ATOM 243  C CB   . LEU A 1 16 ? -8.718  2.236   1.188   1.00 0.15  ? 16 LEU A CB   1 
ATOM 244  C CG   . LEU A 1 16 ? -7.927  1.967   2.474   1.00 0.17  ? 16 LEU A CG   1 
ATOM 245  C CD1  . LEU A 1 16 ? -6.473  1.666   2.110   1.00 0.17  ? 16 LEU A CD1  1 
ATOM 246  C CD2  . LEU A 1 16 ? -7.980  3.200   3.385   1.00 0.22  ? 16 LEU A CD2  1 
ATOM 247  H H    . LEU A 1 16 ? -10.352 0.636   2.474   1.00 0.16  ? 16 LEU A H    1 
ATOM 248  H HA   . LEU A 1 16 ? -10.223 3.554   1.975   1.00 0.17  ? 16 LEU A HA   1 
ATOM 249  H HB2  . LEU A 1 16 ? -8.693  1.357   0.563   1.00 0.16  ? 16 LEU A HB2  1 
ATOM 250  H HB3  . LEU A 1 16 ? -8.268  3.062   0.663   1.00 0.16  ? 16 LEU A HB3  1 
ATOM 251  H HG   . LEU A 1 16 ? -8.352  1.117   2.988   1.00 0.20  ? 16 LEU A HG   1 
ATOM 252  H HD11 . LEU A 1 16 ? -6.450  0.932   1.321   1.00 1.01  ? 16 LEU A HD11 1 
ATOM 253  H HD12 . LEU A 1 16 ? -5.991  2.572   1.774   1.00 1.02  ? 16 LEU A HD12 1 
ATOM 254  H HD13 . LEU A 1 16 ? -5.956  1.283   2.977   1.00 1.03  ? 16 LEU A HD13 1 
ATOM 255  H HD21 . LEU A 1 16 ? -7.856  4.095   2.792   1.00 1.05  ? 16 LEU A HD21 1 
ATOM 256  H HD22 . LEU A 1 16 ? -8.934  3.233   3.890   1.00 0.98  ? 16 LEU A HD22 1 
ATOM 257  H HD23 . LEU A 1 16 ? -7.190  3.142   4.119   1.00 1.06  ? 16 LEU A HD23 1 
ATOM 258  N N    . PRO A 1 17 ? -11.205 3.608   -0.445  1.00 0.16  ? 17 PRO A N    1 
ATOM 259  C CA   . PRO A 1 17 ? -12.009 3.605   -1.684  1.00 0.17  ? 17 PRO A CA   1 
ATOM 260  C C    . PRO A 1 17 ? -11.467 2.545   -2.655  1.00 0.16  ? 17 PRO A C    1 
ATOM 261  O O    . PRO A 1 17 ? -10.487 1.880   -2.380  1.00 0.20  ? 17 PRO A O    1 
ATOM 262  C CB   . PRO A 1 17 ? -11.863 5.034   -2.261  1.00 0.18  ? 17 PRO A CB   1 
ATOM 263  C CG   . PRO A 1 17 ? -10.946 5.837   -1.291  1.00 0.19  ? 17 PRO A CG   1 
ATOM 264  C CD   . PRO A 1 17 ? -10.634 4.925   -0.084  1.00 0.18  ? 17 PRO A CD   1 
ATOM 265  H HA   . PRO A 1 17 ? -13.044 3.403   -1.454  1.00 0.19  ? 17 PRO A HA   1 
ATOM 266  H HB2  . PRO A 1 17 ? -11.417 4.999   -3.250  1.00 0.18  ? 17 PRO A HB2  1 
ATOM 267  H HB3  . PRO A 1 17 ? -12.832 5.511   -2.319  1.00 0.20  ? 17 PRO A HB3  1 
ATOM 268  H HG2  . PRO A 1 17 ? -10.026 6.110   -1.796  1.00 0.19  ? 17 PRO A HG2  1 
ATOM 269  H HG3  . PRO A 1 17 ? -11.453 6.731   -0.953  1.00 0.21  ? 17 PRO A HG3  1 
ATOM 270  H HD2  . PRO A 1 17 ? -9.568  4.851   0.069   1.00 0.17  ? 17 PRO A HD2  1 
ATOM 271  H HD3  . PRO A 1 17 ? -11.117 5.304   0.806   1.00 0.19  ? 17 PRO A HD3  1 
ATOM 272  N N    . LYS A 1 18 ? -12.101 2.383   -3.788  1.00 0.17  ? 18 LYS A N    1 
ATOM 273  C CA   . LYS A 1 18 ? -11.635 1.368   -4.782  1.00 0.17  ? 18 LYS A CA   1 
ATOM 274  C C    . LYS A 1 18 ? -10.786 2.049   -5.858  1.00 0.16  ? 18 LYS A C    1 
ATOM 275  O O    . LYS A 1 18 ? -10.420 1.442   -6.845  1.00 0.27  ? 18 LYS A O    1 
ATOM 276  C CB   . LYS A 1 18 ? -12.854 0.712   -5.437  1.00 0.22  ? 18 LYS A CB   1 
ATOM 277  C CG   . LYS A 1 18 ? -13.896 0.392   -4.363  1.00 0.28  ? 18 LYS A CG   1 
ATOM 278  C CD   . LYS A 1 18 ? -14.932 -0.580  -4.928  1.00 0.76  ? 18 LYS A CD   1 
ATOM 279  C CE   . LYS A 1 18 ? -15.976 -0.895  -3.855  1.00 1.56  ? 18 LYS A CE   1 
ATOM 280  N NZ   . LYS A 1 18 ? -15.383 -1.807  -2.836  1.00 2.17  ? 18 LYS A NZ   1 
ATOM 281  H H    . LYS A 1 18 ? -12.890 2.930   -3.985  1.00 0.20  ? 18 LYS A H    1 
ATOM 282  H HA   . LYS A 1 18 ? -11.045 0.609   -4.286  1.00 0.18  ? 18 LYS A HA   1 
ATOM 283  H HB2  . LYS A 1 18 ? -13.281 1.388   -6.165  1.00 0.24  ? 18 LYS A HB2  1 
ATOM 284  H HB3  . LYS A 1 18 ? -12.552 -0.201  -5.926  1.00 0.25  ? 18 LYS A HB3  1 
ATOM 285  H HG2  . LYS A 1 18 ? -13.408 -0.055  -3.510  1.00 0.70  ? 18 LYS A HG2  1 
ATOM 286  H HG3  . LYS A 1 18 ? -14.389 1.305   -4.059  1.00 0.59  ? 18 LYS A HG3  1 
ATOM 287  H HD2  . LYS A 1 18 ? -15.418 -0.132  -5.783  1.00 1.35  ? 18 LYS A HD2  1 
ATOM 288  H HD3  . LYS A 1 18 ? -14.442 -1.493  -5.230  1.00 1.40  ? 18 LYS A HD3  1 
ATOM 289  H HE2  . LYS A 1 18 ? -16.290 0.022   -3.378  1.00 2.22  ? 18 LYS A HE2  1 
ATOM 290  H HE3  . LYS A 1 18 ? -16.830 -1.373  -4.313  1.00 2.09  ? 18 LYS A HE3  1 
ATOM 291  H HZ1  . LYS A 1 18 ? -14.545 -1.359  -2.416  1.00 2.50  ? 18 LYS A HZ1  1 
ATOM 292  H HZ2  . LYS A 1 18 ? -16.085 -1.999  -2.093  1.00 2.63  ? 18 LYS A HZ2  1 
ATOM 293  H HZ3  . LYS A 1 18 ? -15.105 -2.699  -3.291  1.00 2.66  ? 18 LYS A HZ3  1 
ATOM 294  N N    . THR A 1 19 ? -10.475 3.308   -5.675  1.00 0.19  ? 19 THR A N    1 
ATOM 295  C CA   . THR A 1 19 ? -9.649  4.047   -6.682  1.00 0.18  ? 19 THR A CA   1 
ATOM 296  C C    . THR A 1 19 ? -8.540  4.815   -5.963  1.00 0.16  ? 19 THR A C    1 
ATOM 297  O O    . THR A 1 19 ? -8.782  5.531   -5.012  1.00 0.15  ? 19 THR A O    1 
ATOM 298  C CB   . THR A 1 19 ? -10.542 5.032   -7.439  1.00 0.20  ? 19 THR A CB   1 
ATOM 299  O OG1  . THR A 1 19 ? -10.742 6.194   -6.646  1.00 0.19  ? 19 THR A OG1  1 
ATOM 300  C CG2  . THR A 1 19 ? -11.891 4.375   -7.735  1.00 0.26  ? 19 THR A CG2  1 
ATOM 301  H H    . THR A 1 19 ? -10.787 3.772   -4.871  1.00 0.30  ? 19 THR A H    1 
ATOM 302  H HA   . THR A 1 19 ? -9.204  3.354   -7.383  1.00 0.21  ? 19 THR A HA   1 
ATOM 303  H HB   . THR A 1 19 ? -10.069 5.307   -8.369  1.00 0.21  ? 19 THR A HB   1 
ATOM 304  H HG1  . THR A 1 19 ? -11.590 6.576   -6.888  1.00 0.95  ? 19 THR A HG1  1 
ATOM 305  H HG21 . THR A 1 19 ? -11.730 3.422   -8.219  1.00 1.08  ? 19 THR A HG21 1 
ATOM 306  H HG22 . THR A 1 19 ? -12.428 4.222   -6.810  1.00 1.01  ? 19 THR A HG22 1 
ATOM 307  H HG23 . THR A 1 19 ? -12.469 5.014   -8.386  1.00 1.06  ? 19 THR A HG23 1 
ATOM 308  N N    . SER A 1 20 ? -7.323  4.671   -6.411  1.00 0.18  ? 20 SER A N    1 
ATOM 309  C CA   . SER A 1 20 ? -6.197  5.392   -5.755  1.00 0.21  ? 20 SER A CA   1 
ATOM 310  C C    . SER A 1 20 ? -6.530  6.882   -5.663  1.00 0.19  ? 20 SER A C    1 
ATOM 311  O O    . SER A 1 20 ? -6.108  7.568   -4.755  1.00 0.22  ? 20 SER A O    1 
ATOM 312  C CB   . SER A 1 20 ? -4.923  5.201   -6.582  1.00 0.26  ? 20 SER A CB   1 
ATOM 313  O OG   . SER A 1 20 ? -5.235  5.346   -7.962  1.00 1.20  ? 20 SER A OG   1 
ATOM 314  H H    . SER A 1 20 ? -7.150  4.088   -7.179  1.00 0.21  ? 20 SER A H    1 
ATOM 315  H HA   . SER A 1 20 ? -6.045  4.995   -4.762  1.00 0.23  ? 20 SER A HA   1 
ATOM 316  H HB2  . SER A 1 20 ? -4.193  5.941   -6.304  1.00 0.97  ? 20 SER A HB2  1 
ATOM 317  H HB3  . SER A 1 20 ? -4.520  4.214   -6.395  1.00 0.83  ? 20 SER A HB3  1 
ATOM 318  H HG   . SER A 1 20 ? -5.494  6.258   -8.112  1.00 1.63  ? 20 SER A HG   1 
ATOM 319  N N    . ALA A 1 21 ? -7.285  7.388   -6.598  1.00 0.18  ? 21 ALA A N    1 
ATOM 320  C CA   . ALA A 1 21 ? -7.643  8.833   -6.561  1.00 0.21  ? 21 ALA A CA   1 
ATOM 321  C C    . ALA A 1 21 ? -8.260  9.169   -5.204  1.00 0.21  ? 21 ALA A C    1 
ATOM 322  O O    . ALA A 1 21 ? -8.017  10.218  -4.641  1.00 0.34  ? 21 ALA A O    1 
ATOM 323  C CB   . ALA A 1 21 ? -8.651  9.138   -7.671  1.00 0.24  ? 21 ALA A CB   1 
ATOM 324  H H    . ALA A 1 21 ? -7.618  6.817   -7.322  1.00 0.18  ? 21 ALA A H    1 
ATOM 325  H HA   . ALA A 1 21 ? -6.754  9.428   -6.706  1.00 0.24  ? 21 ALA A HA   1 
ATOM 326  H HB1  . ALA A 1 21 ? -8.219  8.885   -8.628  1.00 1.02  ? 21 ALA A HB1  1 
ATOM 327  H HB2  . ALA A 1 21 ? -9.546  8.554   -7.514  1.00 1.08  ? 21 ALA A HB2  1 
ATOM 328  H HB3  . ALA A 1 21 ? -8.898  10.189  -7.654  1.00 1.04  ? 21 ALA A HB3  1 
ATOM 329  N N    . GLY A 1 22 ? -9.057  8.285   -4.675  1.00 0.17  ? 22 GLY A N    1 
ATOM 330  C CA   . GLY A 1 22 ? -9.690  8.550   -3.352  1.00 0.17  ? 22 GLY A CA   1 
ATOM 331  C C    . GLY A 1 22 ? -8.673  8.296   -2.241  1.00 0.16  ? 22 GLY A C    1 
ATOM 332  O O    . GLY A 1 22 ? -8.661  8.971   -1.230  1.00 0.17  ? 22 GLY A O    1 
ATOM 333  H H    . GLY A 1 22 ? -9.239  7.446   -5.146  1.00 0.24  ? 22 GLY A H    1 
ATOM 334  H HA2  . GLY A 1 22 ? -10.021 9.580   -3.313  1.00 0.19  ? 22 GLY A HA2  1 
ATOM 335  H HA3  . GLY A 1 22 ? -10.537 7.895   -3.221  1.00 0.18  ? 22 GLY A HA3  1 
ATOM 336  N N    . VAL A 1 23 ? -7.817  7.325   -2.416  1.00 0.16  ? 23 VAL A N    1 
ATOM 337  C CA   . VAL A 1 23 ? -6.802  7.032   -1.365  1.00 0.17  ? 23 VAL A CA   1 
ATOM 338  C C    . VAL A 1 23 ? -5.835  8.210   -1.250  1.00 0.17  ? 23 VAL A C    1 
ATOM 339  O O    . VAL A 1 23 ? -5.638  8.759   -0.185  1.00 0.23  ? 23 VAL A O    1 
ATOM 340  C CB   . VAL A 1 23 ? -6.021  5.772   -1.740  1.00 0.19  ? 23 VAL A CB   1 
ATOM 341  C CG1  . VAL A 1 23 ? -5.082  5.397   -0.592  1.00 0.26  ? 23 VAL A CG1  1 
ATOM 342  C CG2  . VAL A 1 23 ? -6.998  4.623   -1.996  1.00 0.20  ? 23 VAL A CG2  1 
ATOM 343  H H    . VAL A 1 23 ? -7.842  6.791   -3.237  1.00 0.16  ? 23 VAL A H    1 
ATOM 344  H HA   . VAL A 1 23 ? -7.298  6.879   -0.417  1.00 0.19  ? 23 VAL A HA   1 
ATOM 345  H HB   . VAL A 1 23 ? -5.441  5.961   -2.633  1.00 0.19  ? 23 VAL A HB   1 
ATOM 346  H HG11 . VAL A 1 23 ? -5.661  5.221   0.303   1.00 1.02  ? 23 VAL A HG11 1 
ATOM 347  H HG12 . VAL A 1 23 ? -4.537  4.503   -0.850  1.00 0.95  ? 23 VAL A HG12 1 
ATOM 348  H HG13 . VAL A 1 23 ? -4.385  6.204   -0.418  1.00 1.02  ? 23 VAL A HG13 1 
ATOM 349  H HG21 . VAL A 1 23 ? -7.578  4.440   -1.104  1.00 1.01  ? 23 VAL A HG21 1 
ATOM 350  H HG22 . VAL A 1 23 ? -7.658  4.885   -2.808  1.00 1.00  ? 23 VAL A HG22 1 
ATOM 351  H HG23 . VAL A 1 23 ? -6.444  3.731   -2.254  1.00 1.03  ? 23 VAL A HG23 1 
ATOM 352  N N    . ILE A 1 24 ? -5.228  8.602   -2.337  1.00 0.16  ? 24 ILE A N    1 
ATOM 353  C CA   . ILE A 1 24 ? -4.276  9.746   -2.284  1.00 0.18  ? 24 ILE A CA   1 
ATOM 354  C C    . ILE A 1 24 ? -5.010  10.981  -1.756  1.00 0.18  ? 24 ILE A C    1 
ATOM 355  O O    . ILE A 1 24 ? -4.508  11.695  -0.911  1.00 0.19  ? 24 ILE A O    1 
ATOM 356  C CB   . ILE A 1 24 ? -3.718  10.009  -3.690  1.00 0.20  ? 24 ILE A CB   1 
ATOM 357  C CG1  . ILE A 1 24 ? -3.058  8.718   -4.199  1.00 0.29  ? 24 ILE A CG1  1 
ATOM 358  C CG2  . ILE A 1 24 ? -2.674  11.136  -3.637  1.00 0.30  ? 24 ILE A CG2  1 
ATOM 359  C CD1  . ILE A 1 24 ? -2.295  8.986   -5.500  1.00 0.29  ? 24 ILE A CD1  1 
ATOM 360  H H    . ILE A 1 24 ? -5.400  8.146   -3.187  1.00 0.19  ? 24 ILE A H    1 
ATOM 361  H HA   . ILE A 1 24 ? -3.464  9.502   -1.616  1.00 0.20  ? 24 ILE A HA   1 
ATOM 362  H HB   . ILE A 1 24 ? -4.524  10.290  -4.353  1.00 0.22  ? 24 ILE A HB   1 
ATOM 363  H HG12 . ILE A 1 24 ? -2.371  8.349   -3.452  1.00 0.43  ? 24 ILE A HG12 1 
ATOM 364  H HG13 . ILE A 1 24 ? -3.820  7.976   -4.381  1.00 0.41  ? 24 ILE A HG13 1 
ATOM 365  H HG21 . ILE A 1 24 ? -3.079  11.987  -3.112  1.00 0.98  ? 24 ILE A HG21 1 
ATOM 366  H HG22 . ILE A 1 24 ? -1.791  10.784  -3.123  1.00 1.09  ? 24 ILE A HG22 1 
ATOM 367  H HG23 . ILE A 1 24 ? -2.412  11.432  -4.641  1.00 1.10  ? 24 ILE A HG23 1 
ATOM 368  H HD11 . ILE A 1 24 ? -2.871  9.648   -6.128  1.00 1.03  ? 24 ILE A HD11 1 
ATOM 369  H HD12 . ILE A 1 24 ? -1.344  9.442   -5.271  1.00 1.06  ? 24 ILE A HD12 1 
ATOM 370  H HD13 . ILE A 1 24 ? -2.129  8.052   -6.018  1.00 1.07  ? 24 ILE A HD13 1 
ATOM 371  N N    . TYR A 1 25 ? -6.196  11.237  -2.234  1.00 0.20  ? 25 TYR A N    1 
ATOM 372  C CA   . TYR A 1 25 ? -6.950  12.421  -1.738  1.00 0.22  ? 25 TYR A CA   1 
ATOM 373  C C    . TYR A 1 25 ? -7.181  12.265  -0.235  1.00 0.22  ? 25 TYR A C    1 
ATOM 374  O O    . TYR A 1 25 ? -7.029  13.198  0.530   1.00 0.27  ? 25 TYR A O    1 
ATOM 375  C CB   . TYR A 1 25 ? -8.298  12.516  -2.456  1.00 0.25  ? 25 TYR A CB   1 
ATOM 376  C CG   . TYR A 1 25 ? -9.104  13.649  -1.867  1.00 0.32  ? 25 TYR A CG   1 
ATOM 377  C CD1  . TYR A 1 25 ? -8.970  14.952  -2.382  1.00 0.44  ? 25 TYR A CD1  1 
ATOM 378  C CD2  . TYR A 1 25 ? -9.988  13.401  -0.799  1.00 0.41  ? 25 TYR A CD2  1 
ATOM 379  C CE1  . TYR A 1 25 ? -9.721  16.008  -1.830  1.00 0.56  ? 25 TYR A CE1  1 
ATOM 380  C CE2  . TYR A 1 25 ? -10.738 14.457  -0.247  1.00 0.52  ? 25 TYR A CE2  1 
ATOM 381  C CZ   . TYR A 1 25 ? -10.604 15.761  -0.762  1.00 0.57  ? 25 TYR A CZ   1 
ATOM 382  O OH   . TYR A 1 25 ? -11.340 16.795  -0.220  1.00 0.71  ? 25 TYR A OH   1 
ATOM 383  H H    . TYR A 1 25 ? -6.593  10.647  -2.909  1.00 0.21  ? 25 TYR A H    1 
ATOM 384  H HA   . TYR A 1 25 ? -6.378  13.316  -1.924  1.00 0.23  ? 25 TYR A HA   1 
ATOM 385  H HB2  . TYR A 1 25 ? -8.134  12.699  -3.509  1.00 0.28  ? 25 TYR A HB2  1 
ATOM 386  H HB3  . TYR A 1 25 ? -8.839  11.588  -2.333  1.00 0.27  ? 25 TYR A HB3  1 
ATOM 387  H HD1  . TYR A 1 25 ? -8.293  15.142  -3.201  1.00 0.51  ? 25 TYR A HD1  1 
ATOM 388  H HD2  . TYR A 1 25 ? -10.091 12.402  -0.403  1.00 0.46  ? 25 TYR A HD2  1 
ATOM 389  H HE1  . TYR A 1 25 ? -9.618  17.008  -2.224  1.00 0.68  ? 25 TYR A HE1  1 
ATOM 390  H HE2  . TYR A 1 25 ? -11.416 14.267  0.573   1.00 0.63  ? 25 TYR A HE2  1 
ATOM 391  H HH   . TYR A 1 25 ? -10.726 17.439  0.140   1.00 1.04  ? 25 TYR A HH   1 
ATOM 392  N N    . VAL A 1 26 ? -7.540  11.087  0.192   1.00 0.21  ? 26 VAL A N    1 
ATOM 393  C CA   . VAL A 1 26 ? -7.776  10.855  1.645   1.00 0.23  ? 26 VAL A CA   1 
ATOM 394  C C    . VAL A 1 26 ? -6.427  10.781  2.365   1.00 0.22  ? 26 VAL A C    1 
ATOM 395  O O    . VAL A 1 26 ? -6.337  11.001  3.557   1.00 0.27  ? 26 VAL A O    1 
ATOM 396  C CB   . VAL A 1 26 ? -8.535  9.537   1.832   1.00 0.28  ? 26 VAL A CB   1 
ATOM 397  C CG1  . VAL A 1 26 ? -8.587  9.173   3.318   1.00 0.34  ? 26 VAL A CG1  1 
ATOM 398  C CG2  . VAL A 1 26 ? -9.961  9.691   1.299   1.00 0.32  ? 26 VAL A CG2  1 
ATOM 399  H H    . VAL A 1 26 ? -7.650  10.351  -0.444  1.00 0.21  ? 26 VAL A H    1 
ATOM 400  H HA   . VAL A 1 26 ? -8.357  11.670  2.052   1.00 0.24  ? 26 VAL A HA   1 
ATOM 401  H HB   . VAL A 1 26 ? -8.029  8.752   1.288   1.00 0.27  ? 26 VAL A HB   1 
ATOM 402  H HG11 . VAL A 1 26 ? -8.871  10.042  3.892   1.00 1.00  ? 26 VAL A HG11 1 
ATOM 403  H HG12 . VAL A 1 26 ? -9.313  8.388   3.471   1.00 1.10  ? 26 VAL A HG12 1 
ATOM 404  H HG13 . VAL A 1 26 ? -7.614  8.832   3.639   1.00 1.08  ? 26 VAL A HG13 1 
ATOM 405  H HG21 . VAL A 1 26 ? -9.936  10.183  0.338   1.00 1.02  ? 26 VAL A HG21 1 
ATOM 406  H HG22 . VAL A 1 26 ? -10.413 8.715   1.192   1.00 1.06  ? 26 VAL A HG22 1 
ATOM 407  H HG23 . VAL A 1 26 ? -10.544 10.283  1.990   1.00 1.12  ? 26 VAL A HG23 1 
ATOM 408  N N    . ALA A 1 27 ? -5.377  10.480  1.651   1.00 0.22  ? 27 ALA A N    1 
ATOM 409  C CA   . ALA A 1 27 ? -4.039  10.401  2.298   1.00 0.23  ? 27 ALA A CA   1 
ATOM 410  C C    . ALA A 1 27 ? -3.723  11.751  2.936   1.00 0.24  ? 27 ALA A C    1 
ATOM 411  O O    . ALA A 1 27 ? -3.048  11.834  3.941   1.00 0.27  ? 27 ALA A O    1 
ATOM 412  C CB   . ALA A 1 27 ? -2.976  10.065  1.251   1.00 0.28  ? 27 ALA A CB   1 
ATOM 413  H H    . ALA A 1 27 ? -5.468  10.313  0.691   1.00 0.23  ? 27 ALA A H    1 
ATOM 414  H HA   . ALA A 1 27 ? -4.052  9.635   3.061   1.00 0.26  ? 27 ALA A HA   1 
ATOM 415  H HB1  . ALA A 1 27 ? -3.280  9.189   0.699   1.00 1.04  ? 27 ALA A HB1  1 
ATOM 416  H HB2  . ALA A 1 27 ? -2.863  10.897  0.572   1.00 1.04  ? 27 ALA A HB2  1 
ATOM 417  H HB3  . ALA A 1 27 ? -2.034  9.872   1.743   1.00 1.07  ? 27 ALA A HB3  1 
ATOM 418  N N    . LYS A 1 28 ? -4.218  12.811  2.361   1.00 0.25  ? 28 LYS A N    1 
ATOM 419  C CA   . LYS A 1 28 ? -3.959  14.158  2.935   1.00 0.32  ? 28 LYS A CA   1 
ATOM 420  C C    . LYS A 1 28 ? -4.757  14.302  4.232   1.00 0.30  ? 28 LYS A C    1 
ATOM 421  O O    . LYS A 1 28 ? -4.364  15.006  5.142   1.00 0.33  ? 28 LYS A O    1 
ATOM 422  C CB   . LYS A 1 28 ? -4.398  15.230  1.933   1.00 0.38  ? 28 LYS A CB   1 
ATOM 423  C CG   . LYS A 1 28 ? -3.635  15.042  0.616   1.00 0.82  ? 28 LYS A CG   1 
ATOM 424  C CD   . LYS A 1 28 ? -4.349  15.800  -0.508  1.00 1.17  ? 28 LYS A CD   1 
ATOM 425  C CE   . LYS A 1 28 ? -4.387  17.295  -0.184  1.00 1.65  ? 28 LYS A CE   1 
ATOM 426  N NZ   . LYS A 1 28 ? -3.040  17.743  0.270   1.00 2.37  ? 28 LYS A NZ   1 
ATOM 427  H H    . LYS A 1 28 ? -4.766  12.720  1.555   1.00 0.26  ? 28 LYS A H    1 
ATOM 428  H HA   . LYS A 1 28 ? -2.906  14.266  3.144   1.00 0.36  ? 28 LYS A HA   1 
ATOM 429  H HB2  . LYS A 1 28 ? -5.460  15.140  1.753   1.00 0.63  ? 28 LYS A HB2  1 
ATOM 430  H HB3  . LYS A 1 28 ? -4.182  16.207  2.336   1.00 0.63  ? 28 LYS A HB3  1 
ATOM 431  H HG2  . LYS A 1 28 ? -2.630  15.422  0.726   1.00 1.49  ? 28 LYS A HG2  1 
ATOM 432  H HG3  . LYS A 1 28 ? -3.597  13.993  0.366   1.00 1.63  ? 28 LYS A HG3  1 
ATOM 433  H HD2  . LYS A 1 28 ? -3.818  15.646  -1.437  1.00 1.77  ? 28 LYS A HD2  1 
ATOM 434  H HD3  . LYS A 1 28 ? -5.358  15.429  -0.606  1.00 1.84  ? 28 LYS A HD3  1 
ATOM 435  H HE2  . LYS A 1 28 ? -4.670  17.846  -1.068  1.00 2.21  ? 28 LYS A HE2  1 
ATOM 436  H HE3  . LYS A 1 28 ? -5.109  17.474  0.599   1.00 2.02  ? 28 LYS A HE3  1 
ATOM 437  H HZ1  . LYS A 1 28 ? -2.320  17.071  -0.062  1.00 2.63  ? 28 LYS A HZ1  1 
ATOM 438  H HZ2  . LYS A 1 28 ? -2.838  18.684  -0.122  1.00 2.78  ? 28 LYS A HZ2  1 
ATOM 439  H HZ3  . LYS A 1 28 ? -3.021  17.788  1.309   1.00 2.95  ? 28 LYS A HZ3  1 
ATOM 440  N N    . LYS A 1 29 ? -5.873  13.630  4.325   1.00 0.28  ? 29 LYS A N    1 
ATOM 441  C CA   . LYS A 1 29 ? -6.698  13.716  5.563   1.00 0.31  ? 29 LYS A CA   1 
ATOM 442  C C    . LYS A 1 29 ? -5.914  13.108  6.732   1.00 0.29  ? 29 LYS A C    1 
ATOM 443  O O    . LYS A 1 29 ? -6.362  13.106  7.861   1.00 0.33  ? 29 LYS A O    1 
ATOM 444  C CB   . LYS A 1 29 ? -8.008  12.943  5.358   1.00 0.34  ? 29 LYS A CB   1 
ATOM 445  C CG   . LYS A 1 29 ? -9.044  13.396  6.390   1.00 1.08  ? 29 LYS A CG   1 
ATOM 446  C CD   . LYS A 1 29 ? -10.340 12.609  6.193   1.00 1.40  ? 29 LYS A CD   1 
ATOM 447  C CE   . LYS A 1 29 ? -11.465 13.270  6.993   1.00 1.94  ? 29 LYS A CE   1 
ATOM 448  N NZ   . LYS A 1 29 ? -11.843 14.559  6.344   1.00 2.42  ? 29 LYS A NZ   1 
ATOM 449  H H    . LYS A 1 29 ? -6.167  13.064  3.581   1.00 0.28  ? 29 LYS A H    1 
ATOM 450  H HA   . LYS A 1 29 ? -6.917  14.752  5.775   1.00 0.35  ? 29 LYS A HA   1 
ATOM 451  H HB2  . LYS A 1 29 ? -8.384  13.136  4.363   1.00 0.88  ? 29 LYS A HB2  1 
ATOM 452  H HB3  . LYS A 1 29 ? -7.826  11.884  5.474   1.00 0.93  ? 29 LYS A HB3  1 
ATOM 453  H HG2  . LYS A 1 29 ? -8.662  13.220  7.384   1.00 1.89  ? 29 LYS A HG2  1 
ATOM 454  H HG3  . LYS A 1 29 ? -9.242  14.449  6.261   1.00 1.71  ? 29 LYS A HG3  1 
ATOM 455  H HD2  . LYS A 1 29 ? -10.600 12.599  5.145   1.00 1.85  ? 29 LYS A HD2  1 
ATOM 456  H HD3  . LYS A 1 29 ? -10.202 11.596  6.541   1.00 2.00  ? 29 LYS A HD3  1 
ATOM 457  H HE2  . LYS A 1 29 ? -12.322 12.615  7.019   1.00 2.41  ? 29 LYS A HE2  1 
ATOM 458  H HE3  . LYS A 1 29 ? -11.126 13.461  8.001   1.00 2.49  ? 29 LYS A HE3  1 
ATOM 459  H HZ1  . LYS A 1 29 ? -11.543 14.547  5.349   1.00 2.82  ? 29 LYS A HZ1  1 
ATOM 460  H HZ2  . LYS A 1 29 ? -12.876 14.682  6.395   1.00 2.77  ? 29 LYS A HZ2  1 
ATOM 461  H HZ3  . LYS A 1 29 ? -11.375 15.345  6.837   1.00 2.83  ? 29 LYS A HZ3  1 
ATOM 462  N N    . GLN A 1 30 ? -4.743  12.595  6.465   1.00 0.26  ? 30 GLN A N    1 
ATOM 463  C CA   . GLN A 1 30 ? -3.916  11.984  7.548   1.00 0.25  ? 30 GLN A CA   1 
ATOM 464  C C    . GLN A 1 30 ? -2.438  12.151  7.195   1.00 0.24  ? 30 GLN A C    1 
ATOM 465  O O    . GLN A 1 30 ? -1.690  12.800  7.899   1.00 0.29  ? 30 GLN A O    1 
ATOM 466  C CB   . GLN A 1 30 ? -4.246  10.495  7.666   1.00 0.25  ? 30 GLN A CB   1 
ATOM 467  C CG   . GLN A 1 30 ? -5.703  10.325  8.101   1.00 0.38  ? 30 GLN A CG   1 
ATOM 468  C CD   . GLN A 1 30 ? -5.953  8.867   8.493   1.00 0.75  ? 30 GLN A CD   1 
ATOM 469  O OE1  . GLN A 1 30 ? -5.793  8.498   9.639   1.00 1.39  ? 30 GLN A OE1  1 
ATOM 470  N NE2  . GLN A 1 30 ? -6.342  8.017   7.581   1.00 0.88  ? 30 GLN A NE2  1 
ATOM 471  H H    . GLN A 1 30 ? -4.404  12.611  5.545   1.00 0.25  ? 30 GLN A H    1 
ATOM 472  H HA   . GLN A 1 30 ? -4.119  12.478  8.488   1.00 0.28  ? 30 GLN A HA   1 
ATOM 473  H HB2  . GLN A 1 30 ? -4.097  10.016  6.709   1.00 0.26  ? 30 GLN A HB2  1 
ATOM 474  H HB3  . GLN A 1 30 ? -3.598  10.040  8.401   1.00 0.29  ? 30 GLN A HB3  1 
ATOM 475  H HG2  . GLN A 1 30 ? -5.903  10.966  8.948   1.00 0.79  ? 30 GLN A HG2  1 
ATOM 476  H HG3  . GLN A 1 30 ? -6.357  10.593  7.284   1.00 0.72  ? 30 GLN A HG3  1 
ATOM 477  H HE21 . GLN A 1 30 ? -6.471  8.315   6.657   1.00 0.87  ? 30 GLN A HE21 1 
ATOM 478  H HE22 . GLN A 1 30 ? -6.505  7.081   7.823   1.00 1.31  ? 30 GLN A HE22 1 
ATOM 479  N N    . GLY A 1 31 ? -2.015  11.578  6.099   1.00 0.20  ? 31 GLY A N    1 
ATOM 480  C CA   . GLY A 1 31 ? -0.587  11.708  5.680   1.00 0.24  ? 31 GLY A CA   1 
ATOM 481  C C    . GLY A 1 31 ? 0.223   10.517  6.195   1.00 0.20  ? 31 GLY A C    1 
ATOM 482  O O    . GLY A 1 31 ? 1.280   10.681  6.771   1.00 0.21  ? 31 GLY A O    1 
ATOM 483  H H    . GLY A 1 31 ? -2.640  11.068  5.543   1.00 0.18  ? 31 GLY A H    1 
ATOM 484  H HA2  . GLY A 1 31 ? -0.535  11.735  4.600   1.00 0.27  ? 31 GLY A HA2  1 
ATOM 485  H HA3  . GLY A 1 31 ? -0.169  12.621  6.080   1.00 0.28  ? 31 GLY A HA3  1 
ATOM 486  N N    . TRP A 1 32 ? -0.254  9.317   5.988   1.00 0.18  ? 32 TRP A N    1 
ATOM 487  C CA   . TRP A 1 32 ? 0.510   8.128   6.465   1.00 0.19  ? 32 TRP A CA   1 
ATOM 488  C C    . TRP A 1 32 ? 1.971   8.258   6.026   1.00 0.21  ? 32 TRP A C    1 
ATOM 489  O O    . TRP A 1 32 ? 2.260   8.675   4.922   1.00 0.20  ? 32 TRP A O    1 
ATOM 490  C CB   . TRP A 1 32 ? -0.078  6.851   5.862   1.00 0.21  ? 32 TRP A CB   1 
ATOM 491  C CG   . TRP A 1 32 ? -1.555  6.812   6.081   1.00 0.20  ? 32 TRP A CG   1 
ATOM 492  C CD1  . TRP A 1 32 ? -2.164  6.875   7.288   1.00 0.22  ? 32 TRP A CD1  1 
ATOM 493  C CD2  . TRP A 1 32 ? -2.614  6.652   5.094   1.00 0.20  ? 32 TRP A CD2  1 
ATOM 494  N NE1  . TRP A 1 32 ? -3.534  6.792   7.104   1.00 0.24  ? 32 TRP A NE1  1 
ATOM 495  C CE2  . TRP A 1 32 ? -3.863  6.649   5.771   1.00 0.22  ? 32 TRP A CE2  1 
ATOM 496  C CE3  . TRP A 1 32 ? -2.615  6.521   3.686   1.00 0.21  ? 32 TRP A CE3  1 
ATOM 497  C CZ2  . TRP A 1 32 ? -5.073  6.515   5.076   1.00 0.25  ? 32 TRP A CZ2  1 
ATOM 498  C CZ3  . TRP A 1 32 ? -3.830  6.383   2.982   1.00 0.23  ? 32 TRP A CZ3  1 
ATOM 499  C CH2  . TRP A 1 32 ? -5.057  6.382   3.676   1.00 0.25  ? 32 TRP A CH2  1 
ATOM 500  H H    . TRP A 1 32 ? -1.105  9.198   5.517   1.00 0.19  ? 32 TRP A H    1 
ATOM 501  H HA   . TRP A 1 32 ? 0.461   8.073   7.543   1.00 0.20  ? 32 TRP A HA   1 
ATOM 502  H HB2  . TRP A 1 32 ? 0.125   6.831   4.802   1.00 0.22  ? 32 TRP A HB2  1 
ATOM 503  H HB3  . TRP A 1 32 ? 0.377   5.992   6.326   1.00 0.24  ? 32 TRP A HB3  1 
ATOM 504  H HD1  . TRP A 1 32 ? -1.664  6.992   8.237   1.00 0.24  ? 32 TRP A HD1  1 
ATOM 505  H HE1  . TRP A 1 32 ? -4.203  6.824   7.820   1.00 0.28  ? 32 TRP A HE1  1 
ATOM 506  H HE3  . TRP A 1 32 ? -1.679  6.520   3.146   1.00 0.23  ? 32 TRP A HE3  1 
ATOM 507  H HZ2  . TRP A 1 32 ? -6.011  6.515   5.611   1.00 0.29  ? 32 TRP A HZ2  1 
ATOM 508  H HZ3  . TRP A 1 32 ? -3.821  6.281   1.907   1.00 0.26  ? 32 TRP A HZ3  1 
ATOM 509  H HH2  . TRP A 1 32 ? -5.983  6.275   3.133   1.00 0.27  ? 32 TRP A HH2  1 
ATOM 510  N N    . GLN A 1 33 ? 2.894   7.904   6.877   1.00 0.28  ? 33 GLN A N    1 
ATOM 511  C CA   . GLN A 1 33 ? 4.333   8.009   6.499   1.00 0.32  ? 33 GLN A CA   1 
ATOM 512  C C    . GLN A 1 33 ? 4.541   7.388   5.116   1.00 0.27  ? 33 GLN A C    1 
ATOM 513  O O    . GLN A 1 33 ? 4.661   6.188   4.979   1.00 0.27  ? 33 GLN A O    1 
ATOM 514  C CB   . GLN A 1 33 ? 5.186   7.264   7.528   1.00 0.42  ? 33 GLN A CB   1 
ATOM 515  C CG   . GLN A 1 33 ? 6.664   7.384   7.151   1.00 1.03  ? 33 GLN A CG   1 
ATOM 516  C CD   . GLN A 1 33 ? 7.524   6.779   8.262   1.00 1.59  ? 33 GLN A CD   1 
ATOM 517  O OE1  . GLN A 1 33 ? 8.399   7.433   8.793   1.00 2.11  ? 33 GLN A OE1  1 
ATOM 518  N NE2  . GLN A 1 33 ? 7.311   5.548   8.638   1.00 2.02  ? 33 GLN A NE2  1 
ATOM 519  H H    . GLN A 1 33 ? 2.643   7.569   7.762   1.00 0.33  ? 33 GLN A H    1 
ATOM 520  H HA   . GLN A 1 33 ? 4.624   9.048   6.474   1.00 0.35  ? 33 GLN A HA   1 
ATOM 521  H HB2  . GLN A 1 33 ? 5.027   7.693   8.506   1.00 0.97  ? 33 GLN A HB2  1 
ATOM 522  H HB3  . GLN A 1 33 ? 4.904   6.222   7.541   1.00 1.12  ? 33 GLN A HB3  1 
ATOM 523  H HG2  . GLN A 1 33 ? 6.845   6.855   6.227   1.00 1.48  ? 33 GLN A HG2  1 
ATOM 524  H HG3  . GLN A 1 33 ? 6.921   8.425   7.027   1.00 1.51  ? 33 GLN A HG3  1 
ATOM 525  H HE21 . GLN A 1 33 ? 6.604   5.021   8.209   1.00 2.11  ? 33 GLN A HE21 1 
ATOM 526  H HE22 . GLN A 1 33 ? 7.856   5.151   9.349   1.00 2.51  ? 33 GLN A HE22 1 
ATOM 527  N N    . ASN A 1 34 ? 4.580   8.200   4.089   1.00 0.26  ? 34 ASN A N    1 
ATOM 528  C CA   . ASN A 1 34 ? 4.776   7.670   2.703   1.00 0.22  ? 34 ASN A CA   1 
ATOM 529  C C    . ASN A 1 34 ? 6.221   7.912   2.259   1.00 0.23  ? 34 ASN A C    1 
ATOM 530  O O    . ASN A 1 34 ? 6.676   9.035   2.181   1.00 0.29  ? 34 ASN A O    1 
ATOM 531  C CB   . ASN A 1 34 ? 3.825   8.396   1.745   1.00 0.26  ? 34 ASN A CB   1 
ATOM 532  C CG   . ASN A 1 34 ? 3.819   9.891   2.071   1.00 0.35  ? 34 ASN A CG   1 
ATOM 533  O OD1  . ASN A 1 34 ? 4.839   10.546  1.993   1.00 1.13  ? 34 ASN A OD1  1 
ATOM 534  N ND2  . ASN A 1 34 ? 2.704   10.463  2.435   1.00 1.15  ? 34 ASN A ND2  1 
ATOM 535  H H    . ASN A 1 34 ? 4.477   9.164   4.229   1.00 0.32  ? 34 ASN A H    1 
ATOM 536  H HA   . ASN A 1 34 ? 4.568   6.609   2.679   1.00 0.20  ? 34 ASN A HA   1 
ATOM 537  H HB2  . ASN A 1 34 ? 4.155   8.251   0.725   1.00 0.25  ? 34 ASN A HB2  1 
ATOM 538  H HB3  . ASN A 1 34 ? 2.826   8.003   1.857   1.00 0.28  ? 34 ASN A HB3  1 
ATOM 539  H HD21 . ASN A 1 34 ? 1.880   9.935   2.498   1.00 1.95  ? 34 ASN A HD21 1 
ATOM 540  H HD22 . ASN A 1 34 ? 2.690   11.420  2.646   1.00 1.18  ? 34 ASN A HD22 1 
ATOM 541  N N    . ARG A 1 35 ? 6.944   6.866   1.956   1.00 0.24  ? 35 ARG A N    1 
ATOM 542  C CA   . ARG A 1 35 ? 8.357   7.037   1.506   1.00 0.30  ? 35 ARG A CA   1 
ATOM 543  C C    . ARG A 1 35 ? 8.379   7.253   -0.009  1.00 0.31  ? 35 ARG A C    1 
ATOM 544  O O    . ARG A 1 35 ? 7.805   6.493   -0.759  1.00 0.41  ? 35 ARG A O    1 
ATOM 545  C CB   . ARG A 1 35 ? 9.160   5.780   1.852   1.00 0.37  ? 35 ARG A CB   1 
ATOM 546  C CG   . ARG A 1 35 ? 10.651  6.019   1.565   1.00 0.84  ? 35 ARG A CG   1 
ATOM 547  C CD   . ARG A 1 35 ? 11.448  4.704   1.728   1.00 1.15  ? 35 ARG A CD   1 
ATOM 548  N NE   . ARG A 1 35 ? 12.704  4.957   2.506   1.00 1.72  ? 35 ARG A NE   1 
ATOM 549  C CZ   . ARG A 1 35 ? 13.487  5.968   2.225   1.00 2.29  ? 35 ARG A CZ   1 
ATOM 550  N NH1  . ARG A 1 35 ? 13.244  6.726   1.192   1.00 2.64  ? 35 ARG A NH1  1 
ATOM 551  N NH2  . ARG A 1 35 ? 14.534  6.203   2.968   1.00 3.09  ? 35 ARG A NH2  1 
ATOM 552  H H    . ARG A 1 35 ? 6.555   5.968   2.019   1.00 0.23  ? 35 ARG A H    1 
ATOM 553  H HA   . ARG A 1 35 ? 8.795   7.891   1.997   1.00 0.33  ? 35 ARG A HA   1 
ATOM 554  H HB2  . ARG A 1 35 ? 9.030   5.549   2.898   1.00 0.79  ? 35 ARG A HB2  1 
ATOM 555  H HB3  . ARG A 1 35 ? 8.810   4.952   1.254   1.00 0.86  ? 35 ARG A HB3  1 
ATOM 556  H HG2  . ARG A 1 35 ? 10.759  6.390   0.556   1.00 1.55  ? 35 ARG A HG2  1 
ATOM 557  H HG3  . ARG A 1 35 ? 11.028  6.756   2.258   1.00 1.39  ? 35 ARG A HG3  1 
ATOM 558  H HD2  . ARG A 1 35 ? 10.862  3.981   2.274   1.00 1.54  ? 35 ARG A HD2  1 
ATOM 559  H HD3  . ARG A 1 35 ? 11.682  4.296   0.748   1.00 1.79  ? 35 ARG A HD3  1 
ATOM 560  H HE   . ARG A 1 35 ? 12.930  4.370   3.257   1.00 2.22  ? 35 ARG A HE   1 
ATOM 561  H HH11 . ARG A 1 35 ? 12.462  6.536   0.606   1.00 2.48  ? 35 ARG A HH11 1 
ATOM 562  H HH12 . ARG A 1 35 ? 13.846  7.499   0.987   1.00 3.40  ? 35 ARG A HH12 1 
ATOM 563  H HH21 . ARG A 1 35 ? 14.737  5.610   3.748   1.00 3.36  ? 35 ARG A HH21 1 
ATOM 564  H HH22 . ARG A 1 35 ? 15.134  6.974   2.757   1.00 3.66  ? 35 ARG A HH22 1 
ATOM 565  N N    . THR A 1 36 ? 9.040   8.282   -0.470  1.00 0.35  ? 36 THR A N    1 
ATOM 566  C CA   . THR A 1 36 ? 9.094   8.534   -1.942  1.00 0.39  ? 36 THR A CA   1 
ATOM 567  C C    . THR A 1 36 ? 10.334  7.841   -2.520  1.00 0.54  ? 36 THR A C    1 
ATOM 568  O O    . THR A 1 36 ? 11.323  7.643   -1.842  1.00 0.82  ? 36 THR A O    1 
ATOM 569  C CB   . THR A 1 36 ? 9.161   10.057  -2.204  1.00 0.52  ? 36 THR A CB   1 
ATOM 570  O OG1  . THR A 1 36 ? 9.621   10.713  -1.032  1.00 1.21  ? 36 THR A OG1  1 
ATOM 571  C CG2  . THR A 1 36 ? 7.772   10.594  -2.573  1.00 0.81  ? 36 THR A CG2  1 
ATOM 572  H H    . THR A 1 36 ? 9.501   8.886   0.148   1.00 0.44  ? 36 THR A H    1 
ATOM 573  H HA   . THR A 1 36 ? 8.212   8.120   -2.412  1.00 0.36  ? 36 THR A HA   1 
ATOM 574  H HB   . THR A 1 36 ? 9.843   10.264  -3.019  1.00 0.89  ? 36 THR A HB   1 
ATOM 575  H HG1  . THR A 1 36 ? 8.867   11.131  -0.610  1.00 1.61  ? 36 THR A HG1  1 
ATOM 576  H HG21 . THR A 1 36 ? 7.052   10.266  -1.839  1.00 1.36  ? 36 THR A HG21 1 
ATOM 577  H HG22 . THR A 1 36 ? 7.798   11.674  -2.596  1.00 1.30  ? 36 THR A HG22 1 
ATOM 578  H HG23 . THR A 1 36 ? 7.489   10.221  -3.547  1.00 1.55  ? 36 THR A HG23 1 
ATOM 579  N N    . ARG A 1 37 ? 10.282  7.469   -3.770  1.00 0.78  ? 37 ARG A N    1 
ATOM 580  C CA   . ARG A 1 37 ? 11.446  6.786   -4.406  1.00 0.99  ? 37 ARG A CA   1 
ATOM 581  C C    . ARG A 1 37 ? 11.482  7.146   -5.893  1.00 1.04  ? 37 ARG A C    1 
ATOM 582  O O    . ARG A 1 37 ? 10.985  6.420   -6.728  1.00 1.85  ? 37 ARG A O    1 
ATOM 583  C CB   . ARG A 1 37 ? 11.289  5.269   -4.242  1.00 1.29  ? 37 ARG A CB   1 
ATOM 584  C CG   . ARG A 1 37 ? 12.462  4.533   -4.907  1.00 1.71  ? 37 ARG A CG   1 
ATOM 585  C CD   . ARG A 1 37 ? 13.790  4.961   -4.267  1.00 1.97  ? 37 ARG A CD   1 
ATOM 586  N NE   . ARG A 1 37 ? 14.793  3.871   -4.439  1.00 2.44  ? 37 ARG A NE   1 
ATOM 587  C CZ   . ARG A 1 37 ? 16.059  4.114   -4.247  1.00 3.03  ? 37 ARG A CZ   1 
ATOM 588  N NH1  . ARG A 1 37 ? 16.450  5.311   -3.904  1.00 3.43  ? 37 ARG A NH1  1 
ATOM 589  N NH2  . ARG A 1 37 ? 16.937  3.161   -4.399  1.00 3.67  ? 37 ARG A NH2  1 
ATOM 590  H H    . ARG A 1 37 ? 9.472   7.639   -4.295  1.00 1.02  ? 37 ARG A H    1 
ATOM 591  H HA   . ARG A 1 37 ? 12.362  7.110   -3.934  1.00 1.15  ? 37 ARG A HA   1 
ATOM 592  H HB2  . ARG A 1 37 ? 11.263  5.025   -3.190  1.00 1.64  ? 37 ARG A HB2  1 
ATOM 593  H HB3  . ARG A 1 37 ? 10.364  4.954   -4.705  1.00 1.46  ? 37 ARG A HB3  1 
ATOM 594  H HG2  . ARG A 1 37 ? 12.332  3.468   -4.776  1.00 2.33  ? 37 ARG A HG2  1 
ATOM 595  H HG3  . ARG A 1 37 ? 12.483  4.760   -5.961  1.00 2.13  ? 37 ARG A HG3  1 
ATOM 596  H HD2  . ARG A 1 37 ? 14.152  5.858   -4.748  1.00 2.26  ? 37 ARG A HD2  1 
ATOM 597  H HD3  . ARG A 1 37 ? 13.646  5.150   -3.212  1.00 2.37  ? 37 ARG A HD3  1 
ATOM 598  H HE   . ARG A 1 37 ? 14.499  2.972   -4.696  1.00 2.72  ? 37 ARG A HE   1 
ATOM 599  H HH11 . ARG A 1 37 ? 15.777  6.041   -3.787  1.00 3.27  ? 37 ARG A HH11 1 
ATOM 600  H HH12 . ARG A 1 37 ? 17.422  5.498   -3.757  1.00 4.16  ? 37 ARG A HH12 1 
ATOM 601  H HH21 . ARG A 1 37 ? 16.638  2.242   -4.662  1.00 3.80  ? 37 ARG A HH21 1 
ATOM 602  H HH22 . ARG A 1 37 ? 17.909  3.346   -4.252  1.00 4.25  ? 37 ARG A HH22 1 
ATOM 603  N N    . ALA A 1 38 ? 12.063  8.266   -6.224  1.00 1.13  ? 38 ALA A N    1 
ATOM 604  C CA   . ALA A 1 38 ? 12.134  8.680   -7.655  1.00 1.23  ? 38 ALA A CA   1 
ATOM 605  C C    . ALA A 1 38 ? 13.195  7.847   -8.378  1.00 1.38  ? 38 ALA A C    1 
ATOM 606  O O    . ALA A 1 38 ? 14.104  8.378   -8.986  1.00 1.77  ? 38 ALA A O    1 
ATOM 607  C CB   . ALA A 1 38 ? 12.505  10.161  -7.739  1.00 1.59  ? 38 ALA A CB   1 
ATOM 608  H H    . ALA A 1 38 ? 12.453  8.837   -5.532  1.00 1.75  ? 38 ALA A H    1 
ATOM 609  H HA   . ALA A 1 38 ? 11.174  8.523   -8.122  1.00 1.23  ? 38 ALA A HA   1 
ATOM 610  H HB1  . ALA A 1 38 ? 11.871  10.730  -7.074  1.00 2.15  ? 38 ALA A HB1  1 
ATOM 611  H HB2  . ALA A 1 38 ? 13.538  10.291  -7.450  1.00 1.89  ? 38 ALA A HB2  1 
ATOM 612  H HB3  . ALA A 1 38 ? 12.369  10.510  -8.752  1.00 1.87  ? 38 ALA A HB3  1 
ATOM 613  N N    . GLY A 1 39 ? 13.094  6.544   -8.313  1.00 1.48  ? 39 GLY A N    1 
ATOM 614  C CA   . GLY A 1 39 ? 14.102  5.672   -8.993  1.00 1.83  ? 39 GLY A CA   1 
ATOM 615  C C    . GLY A 1 39 ? 13.414  4.438   -9.583  1.00 1.80  ? 39 GLY A C    1 
ATOM 616  O O    . GLY A 1 39 ? 14.051  3.586   -10.170 1.00 2.21  ? 39 GLY A O    1 
ATOM 617  H H    . GLY A 1 39 ? 12.358  6.139   -7.813  1.00 1.59  ? 39 GLY A H    1 
ATOM 618  H HA2  . GLY A 1 39 ? 14.590  6.222   -9.787  1.00 2.04  ? 39 GLY A HA2  1 
ATOM 619  H HA3  . GLY A 1 39 ? 14.841  5.353   -8.273  1.00 2.11  ? 39 GLY A HA3  1 
ATOM 620  N N    . VAL A 1 40 ? 12.119  4.335   -9.440  1.00 1.67  ? 40 VAL A N    1 
ATOM 621  C CA   . VAL A 1 40 ? 11.390  3.156   -9.999  1.00 1.90  ? 40 VAL A CA   1 
ATOM 622  C C    . VAL A 1 40 ? 10.889  3.509   -11.404 1.00 1.97  ? 40 VAL A C    1 
ATOM 623  O O    . VAL A 1 40 ? 11.516  3.191   -12.396 1.00 2.42  ? 40 VAL A O    1 
ATOM 624  C CB   . VAL A 1 40 ? 10.197  2.804   -9.080  1.00 2.06  ? 40 VAL A CB   1 
ATOM 625  C CG1  . VAL A 1 40 ? 10.623  1.755   -8.043  1.00 2.57  ? 40 VAL A CG1  1 
ATOM 626  C CG2  . VAL A 1 40 ? 9.720   4.066   -8.347  1.00 2.36  ? 40 VAL A CG2  1 
ATOM 627  H H    . VAL A 1 40 ? 11.619  5.033   -8.969  1.00 1.72  ? 40 VAL A H    1 
ATOM 628  H HA   . VAL A 1 40 ? 12.062  2.309   -10.068 1.00 2.12  ? 40 VAL A HA   1 
ATOM 629  H HB   . VAL A 1 40 ? 9.386   2.403   -9.670  1.00 2.38  ? 40 VAL A HB   1 
ATOM 630  H HG11 . VAL A 1 40 ? 11.502  2.101   -7.521  1.00 3.03  ? 40 VAL A HG11 1 
ATOM 631  H HG12 . VAL A 1 40 ? 9.820   1.604   -7.335  1.00 2.88  ? 40 VAL A HG12 1 
ATOM 632  H HG13 . VAL A 1 40 ? 10.842  0.824   -8.542  1.00 2.93  ? 40 VAL A HG13 1 
ATOM 633  H HG21 . VAL A 1 40 ? 9.710   4.901   -9.032  1.00 2.76  ? 40 VAL A HG21 1 
ATOM 634  H HG22 . VAL A 1 40 ? 8.722   3.903   -7.966  1.00 2.63  ? 40 VAL A HG22 1 
ATOM 635  H HG23 . VAL A 1 40 ? 10.387  4.284   -7.526  1.00 2.72  ? 40 VAL A HG23 1 
ATOM 636  N N    . LYS A 1 41 ? 9.769   4.165   -11.494 1.00 1.90  ? 41 LYS A N    1 
ATOM 637  C CA   . LYS A 1 41 ? 9.228   4.544   -12.830 1.00 2.23  ? 41 LYS A CA   1 
ATOM 638  C C    . LYS A 1 41 ? 9.948   5.797   -13.328 1.00 2.18  ? 41 LYS A C    1 
ATOM 639  O O    . LYS A 1 41 ? 10.781  5.738   -14.211 1.00 2.53  ? 41 LYS A O    1 
ATOM 640  C CB   . LYS A 1 41 ? 7.730   4.829   -12.713 1.00 2.61  ? 41 LYS A CB   1 
ATOM 641  C CG   . LYS A 1 41 ? 7.141   5.053   -14.107 1.00 3.06  ? 41 LYS A CG   1 
ATOM 642  C CD   . LYS A 1 41 ? 5.614   5.112   -14.013 1.00 3.62  ? 41 LYS A CD   1 
ATOM 643  C CE   . LYS A 1 41 ? 5.018   5.251   -15.416 1.00 4.28  ? 41 LYS A CE   1 
ATOM 644  N NZ   . LYS A 1 41 ? 3.568   4.907   -15.373 1.00 4.74  ? 41 LYS A NZ   1 
ATOM 645  H H    . LYS A 1 41 ? 9.282   4.414   -10.681 1.00 1.90  ? 41 LYS A H    1 
ATOM 646  H HA   . LYS A 1 41 ? 9.389   3.736   -13.527 1.00 2.57  ? 41 LYS A HA   1 
ATOM 647  H HB2  . LYS A 1 41 ? 7.239   3.987   -12.245 1.00 2.93  ? 41 LYS A HB2  1 
ATOM 648  H HB3  . LYS A 1 41 ? 7.577   5.714   -12.113 1.00 2.93  ? 41 LYS A HB3  1 
ATOM 649  H HG2  . LYS A 1 41 ? 7.515   5.982   -14.510 1.00 3.28  ? 41 LYS A HG2  1 
ATOM 650  H HG3  . LYS A 1 41 ? 7.428   4.238   -14.754 1.00 3.37  ? 41 LYS A HG3  1 
ATOM 651  H HD2  . LYS A 1 41 ? 5.247   4.205   -13.553 1.00 3.78  ? 41 LYS A HD2  1 
ATOM 652  H HD3  . LYS A 1 41 ? 5.324   5.962   -13.415 1.00 3.91  ? 41 LYS A HD3  1 
ATOM 653  H HE2  . LYS A 1 41 ? 5.136   6.268   -15.757 1.00 4.57  ? 41 LYS A HE2  1 
ATOM 654  H HE3  . LYS A 1 41 ? 5.526   4.581   -16.094 1.00 4.62  ? 41 LYS A HE3  1 
ATOM 655  H HZ1  . LYS A 1 41 ? 3.449   3.954   -14.975 1.00 4.93  ? 41 LYS A HZ1  1 
ATOM 656  H HZ2  . LYS A 1 41 ? 3.065   5.593   -14.776 1.00 4.97  ? 41 LYS A HZ2  1 
ATOM 657  H HZ3  . LYS A 1 41 ? 3.178   4.933   -16.337 1.00 5.09  ? 41 LYS A HZ3  1 
ATOM 658  N N    . GLY A 1 42 ? 9.635   6.931   -12.765 1.00 2.06  ? 42 GLY A N    1 
ATOM 659  C CA   . GLY A 1 42 ? 10.299  8.194   -13.199 1.00 2.39  ? 42 GLY A CA   1 
ATOM 660  C C    . GLY A 1 42 ? 9.384   9.383   -12.899 1.00 1.77  ? 42 GLY A C    1 
ATOM 661  O O    . GLY A 1 42 ? 8.815   9.979   -13.792 1.00 2.20  ? 42 GLY A O    1 
ATOM 662  H H    . GLY A 1 42 ? 8.961   6.951   -12.055 1.00 2.01  ? 42 GLY A H    1 
ATOM 663  H HA2  . GLY A 1 42 ? 11.231  8.311   -12.664 1.00 2.94  ? 42 GLY A HA2  1 
ATOM 664  H HA3  . GLY A 1 42 ? 10.495  8.156   -14.260 1.00 3.00  ? 42 GLY A HA3  1 
ATOM 665  N N    . GLY A 1 43 ? 9.237   9.735   -11.650 1.00 1.48  ? 43 GLY A N    1 
ATOM 666  C CA   . GLY A 1 43 ? 8.359   10.888  -11.304 1.00 1.63  ? 43 GLY A CA   1 
ATOM 667  C C    . GLY A 1 43 ? 7.983   10.830  -9.821  1.00 1.51  ? 43 GLY A C    1 
ATOM 668  O O    . GLY A 1 43 ? 6.835   10.993  -9.458  1.00 2.20  ? 43 GLY A O    1 
ATOM 669  H H    . GLY A 1 43 ? 9.704   9.243   -10.943 1.00 1.80  ? 43 GLY A H    1 
ATOM 670  H HA2  . GLY A 1 43 ? 8.883   11.810  -11.506 1.00 1.99  ? 43 GLY A HA2  1 
ATOM 671  H HA3  . GLY A 1 43 ? 7.459   10.846  -11.901 1.00 2.04  ? 43 GLY A HA3  1 
ATOM 672  N N    . LYS A 1 44 ? 8.938   10.599  -8.961  1.00 1.12  ? 44 LYS A N    1 
ATOM 673  C CA   . LYS A 1 44 ? 8.635   10.533  -7.504  1.00 0.97  ? 44 LYS A CA   1 
ATOM 674  C C    . LYS A 1 44 ? 7.487   9.550   -7.270  1.00 0.81  ? 44 LYS A C    1 
ATOM 675  O O    . LYS A 1 44 ? 6.327   9.885   -7.408  1.00 0.88  ? 44 LYS A O    1 
ATOM 676  C CB   . LYS A 1 44 ? 8.238   11.923  -6.996  1.00 1.13  ? 44 LYS A CB   1 
ATOM 677  C CG   . LYS A 1 44 ? 9.475   12.831  -6.972  1.00 1.91  ? 44 LYS A CG   1 
ATOM 678  C CD   . LYS A 1 44 ? 9.142   14.168  -6.288  1.00 2.18  ? 44 LYS A CD   1 
ATOM 679  C CE   . LYS A 1 44 ? 8.460   15.113  -7.283  1.00 2.89  ? 44 LYS A CE   1 
ATOM 680  N NZ   . LYS A 1 44 ? 9.363   15.347  -8.446  1.00 3.30  ? 44 LYS A NZ   1 
ATOM 681  H H    . LYS A 1 44 ? 9.857   10.467  -9.274  1.00 1.45  ? 44 LYS A H    1 
ATOM 682  H HA   . LYS A 1 44 ? 9.511   10.191  -6.972  1.00 0.95  ? 44 LYS A HA   1 
ATOM 683  H HB2  . LYS A 1 44 ? 7.491   12.345  -7.651  1.00 1.55  ? 44 LYS A HB2  1 
ATOM 684  H HB3  . LYS A 1 44 ? 7.835   11.836  -5.999  1.00 1.42  ? 44 LYS A HB3  1 
ATOM 685  H HG2  . LYS A 1 44 ? 10.267  12.339  -6.424  1.00 2.39  ? 44 LYS A HG2  1 
ATOM 686  H HG3  . LYS A 1 44 ? 9.804   13.016  -7.984  1.00 2.50  ? 44 LYS A HG3  1 
ATOM 687  H HD2  . LYS A 1 44 ? 8.484   13.995  -5.449  1.00 2.38  ? 44 LYS A HD2  1 
ATOM 688  H HD3  . LYS A 1 44 ? 10.055  14.624  -5.936  1.00 2.40  ? 44 LYS A HD3  1 
ATOM 689  H HE2  . LYS A 1 44 ? 7.537   14.673  -7.626  1.00 3.27  ? 44 LYS A HE2  1 
ATOM 690  H HE3  . LYS A 1 44 ? 8.250   16.054  -6.797  1.00 3.44  ? 44 LYS A HE3  1 
ATOM 691  H HZ1  . LYS A 1 44 ? 10.206  14.746  -8.356  1.00 3.43  ? 44 LYS A HZ1  1 
ATOM 692  H HZ2  . LYS A 1 44 ? 8.863   15.109  -9.326  1.00 3.56  ? 44 LYS A HZ2  1 
ATOM 693  H HZ3  . LYS A 1 44 ? 9.649   16.348  -8.467  1.00 3.80  ? 44 LYS A HZ3  1 
ATOM 694  N N    . ALA A 1 45 ? 7.807   8.336   -6.914  1.00 0.69  ? 45 ALA A N    1 
ATOM 695  C CA   . ALA A 1 45 ? 6.748   7.314   -6.664  1.00 0.67  ? 45 ALA A CA   1 
ATOM 696  C C    . ALA A 1 45 ? 6.330   7.366   -5.193  1.00 0.66  ? 45 ALA A C    1 
ATOM 697  O O    . ALA A 1 45 ? 7.155   7.307   -4.307  1.00 1.13  ? 45 ALA A O    1 
ATOM 698  C CB   . ALA A 1 45 ? 7.301   5.924   -6.990  1.00 0.75  ? 45 ALA A CB   1 
ATOM 699  H H    . ALA A 1 45 ? 8.751   8.097   -6.809  1.00 0.73  ? 45 ALA A H    1 
ATOM 700  H HA   . ALA A 1 45 ? 5.890   7.515   -7.291  1.00 0.73  ? 45 ALA A HA   1 
ATOM 701  H HB1  . ALA A 1 45 ? 8.289   5.822   -6.565  1.00 1.34  ? 45 ALA A HB1  1 
ATOM 702  H HB2  . ALA A 1 45 ? 6.649   5.170   -6.575  1.00 1.28  ? 45 ALA A HB2  1 
ATOM 703  H HB3  . ALA A 1 45 ? 7.357   5.802   -8.062  1.00 1.22  ? 45 ALA A HB3  1 
ATOM 704  N N    . ILE A 1 46 ? 5.056   7.482   -4.929  1.00 0.45  ? 46 ILE A N    1 
ATOM 705  C CA   . ILE A 1 46 ? 4.584   7.550   -3.512  1.00 0.43  ? 46 ILE A CA   1 
ATOM 706  C C    . ILE A 1 46 ? 4.356   6.134   -2.972  1.00 0.56  ? 46 ILE A C    1 
ATOM 707  O O    . ILE A 1 46 ? 4.032   5.219   -3.704  1.00 1.35  ? 46 ILE A O    1 
ATOM 708  C CB   . ILE A 1 46 ? 3.269   8.342   -3.461  1.00 0.42  ? 46 ILE A CB   1 
ATOM 709  C CG1  . ILE A 1 46 ? 3.510   9.747   -4.030  1.00 1.25  ? 46 ILE A CG1  1 
ATOM 710  C CG2  . ILE A 1 46 ? 2.772   8.455   -2.013  1.00 1.30  ? 46 ILE A CG2  1 
ATOM 711  C CD1  . ILE A 1 46 ? 2.209   10.565  -3.999  1.00 1.42  ? 46 ILE A CD1  1 
ATOM 712  H H    . ILE A 1 46 ? 4.409   7.532   -5.661  1.00 0.70  ? 46 ILE A H    1 
ATOM 713  H HA   . ILE A 1 46 ? 5.327   8.051   -2.907  1.00 0.46  ? 46 ILE A HA   1 
ATOM 714  H HB   . ILE A 1 46 ? 2.523   7.836   -4.057  1.00 1.03  ? 46 ILE A HB   1 
ATOM 715  H HG12 . ILE A 1 46 ? 4.262   10.248  -3.437  1.00 1.87  ? 46 ILE A HG12 1 
ATOM 716  H HG13 . ILE A 1 46 ? 3.857   9.665   -5.050  1.00 1.90  ? 46 ILE A HG13 1 
ATOM 717  H HG21 . ILE A 1 46 ? 2.660   7.472   -1.586  1.00 1.82  ? 46 ILE A HG21 1 
ATOM 718  H HG22 . ILE A 1 46 ? 3.485   9.021   -1.431  1.00 1.89  ? 46 ILE A HG22 1 
ATOM 719  H HG23 . ILE A 1 46 ? 1.817   8.957   -1.997  1.00 1.90  ? 46 ILE A HG23 1 
ATOM 720  H HD11 . ILE A 1 46 ? 1.365   9.917   -4.193  1.00 1.75  ? 46 ILE A HD11 1 
ATOM 721  H HD12 . ILE A 1 46 ? 2.095   11.025  -3.028  1.00 1.91  ? 46 ILE A HD12 1 
ATOM 722  H HD13 . ILE A 1 46 ? 2.252   11.334  -4.756  1.00 1.79  ? 46 ILE A HD13 1 
ATOM 723  N N    . GLU A 1 47 ? 4.519   5.958   -1.686  1.00 0.32  ? 47 GLU A N    1 
ATOM 724  C CA   . GLU A 1 47 ? 4.311   4.617   -1.058  1.00 0.23  ? 47 GLU A CA   1 
ATOM 725  C C    . GLU A 1 47 ? 3.599   4.813   0.283   1.00 0.21  ? 47 GLU A C    1 
ATOM 726  O O    . GLU A 1 47 ? 3.451   5.922   0.753   1.00 0.24  ? 47 GLU A O    1 
ATOM 727  C CB   . GLU A 1 47 ? 5.671   3.948   -0.822  1.00 0.25  ? 47 GLU A CB   1 
ATOM 728  C CG   . GLU A 1 47 ? 6.189   3.356   -2.133  1.00 0.30  ? 47 GLU A CG   1 
ATOM 729  C CD   . GLU A 1 47 ? 7.548   2.695   -1.895  1.00 1.38  ? 47 GLU A CD   1 
ATOM 730  O OE1  . GLU A 1 47 ? 7.584   1.700   -1.189  1.00 2.21  ? 47 GLU A OE1  1 
ATOM 731  O OE2  . GLU A 1 47 ? 8.528   3.192   -2.423  1.00 2.13  ? 47 GLU A OE2  1 
ATOM 732  H H    . GLU A 1 47 ? 4.774   6.719   -1.123  1.00 0.92  ? 47 GLU A H    1 
ATOM 733  H HA   . GLU A 1 47 ? 3.703   3.994   -1.703  1.00 0.27  ? 47 GLU A HA   1 
ATOM 734  H HB2  . GLU A 1 47 ? 6.370   4.684   -0.458  1.00 0.31  ? 47 GLU A HB2  1 
ATOM 735  H HB3  . GLU A 1 47 ? 5.567   3.163   -0.090  1.00 0.29  ? 47 GLU A HB3  1 
ATOM 736  H HG2  . GLU A 1 47 ? 5.487   2.619   -2.498  1.00 0.99  ? 47 GLU A HG2  1 
ATOM 737  H HG3  . GLU A 1 47 ? 6.297   4.142   -2.865  1.00 1.10  ? 47 GLU A HG3  1 
ATOM 738  N N    . TYR A 1 48 ? 3.155   3.747   0.899   1.00 0.19  ? 48 TYR A N    1 
ATOM 739  C CA   . TYR A 1 48 ? 2.451   3.865   2.216   1.00 0.20  ? 48 TYR A CA   1 
ATOM 740  C C    . TYR A 1 48 ? 2.962   2.782   3.169   1.00 0.19  ? 48 TYR A C    1 
ATOM 741  O O    . TYR A 1 48 ? 3.008   1.617   2.831   1.00 0.20  ? 48 TYR A O    1 
ATOM 742  C CB   . TYR A 1 48 ? 0.946   3.690   2.001   1.00 0.22  ? 48 TYR A CB   1 
ATOM 743  C CG   . TYR A 1 48 ? 0.444   4.782   1.087   1.00 0.21  ? 48 TYR A CG   1 
ATOM 744  C CD1  . TYR A 1 48 ? 0.355   6.106   1.558   1.00 0.24  ? 48 TYR A CD1  1 
ATOM 745  C CD2  . TYR A 1 48 ? 0.067   4.480   -0.236  1.00 0.24  ? 48 TYR A CD2  1 
ATOM 746  C CE1  . TYR A 1 48 ? -0.110  7.127   0.708   1.00 0.28  ? 48 TYR A CE1  1 
ATOM 747  C CE2  . TYR A 1 48 ? -0.398  5.502   -1.086  1.00 0.28  ? 48 TYR A CE2  1 
ATOM 748  C CZ   . TYR A 1 48 ? -0.487  6.825   -0.614  1.00 0.29  ? 48 TYR A CZ   1 
ATOM 749  O OH   . TYR A 1 48 ? -0.943  7.825   -1.448  1.00 0.35  ? 48 TYR A OH   1 
ATOM 750  H H    . TYR A 1 48 ? 3.284   2.863   0.495   1.00 0.19  ? 48 TYR A H    1 
ATOM 751  H HA   . TYR A 1 48 ? 2.639   4.837   2.653   1.00 0.22  ? 48 TYR A HA   1 
ATOM 752  H HB2  . TYR A 1 48 ? 0.756   2.724   1.555   1.00 0.26  ? 48 TYR A HB2  1 
ATOM 753  H HB3  . TYR A 1 48 ? 0.437   3.754   2.952   1.00 0.25  ? 48 TYR A HB3  1 
ATOM 754  H HD1  . TYR A 1 48 ? 0.644   6.338   2.572   1.00 0.26  ? 48 TYR A HD1  1 
ATOM 755  H HD2  . TYR A 1 48 ? 0.136   3.465   -0.599  1.00 0.27  ? 48 TYR A HD2  1 
ATOM 756  H HE1  . TYR A 1 48 ? -0.179  8.143   1.070   1.00 0.33  ? 48 TYR A HE1  1 
ATOM 757  H HE2  . TYR A 1 48 ? -0.685  5.270   -2.099  1.00 0.32  ? 48 TYR A HE2  1 
ATOM 758  H HH   . TYR A 1 48 ? -0.315  7.918   -2.169  1.00 0.97  ? 48 TYR A HH   1 
ATOM 759  N N    . ASN A 1 49 ? 3.341   3.153   4.360   1.00 0.19  ? 49 ASN A N    1 
ATOM 760  C CA   . ASN A 1 49 ? 3.843   2.138   5.329   1.00 0.20  ? 49 ASN A CA   1 
ATOM 761  C C    . ASN A 1 49 ? 2.654   1.350   5.888   1.00 0.20  ? 49 ASN A C    1 
ATOM 762  O O    . ASN A 1 49 ? 1.748   1.907   6.474   1.00 0.20  ? 49 ASN A O    1 
ATOM 763  C CB   . ASN A 1 49 ? 4.579   2.844   6.471   1.00 0.22  ? 49 ASN A CB   1 
ATOM 764  C CG   . ASN A 1 49 ? 4.946   1.826   7.554   1.00 0.40  ? 49 ASN A CG   1 
ATOM 765  O OD1  . ASN A 1 49 ? 4.754   0.639   7.379   1.00 0.77  ? 49 ASN A OD1  1 
ATOM 766  N ND2  . ASN A 1 49 ? 5.470   2.244   8.673   1.00 0.96  ? 49 ASN A ND2  1 
ATOM 767  H H    . ASN A 1 49 ? 3.294   4.098   4.619   1.00 0.20  ? 49 ASN A H    1 
ATOM 768  H HA   . ASN A 1 49 ? 4.520   1.463   4.826   1.00 0.20  ? 49 ASN A HA   1 
ATOM 769  H HB2  . ASN A 1 49 ? 5.479   3.303   6.088   1.00 0.22  ? 49 ASN A HB2  1 
ATOM 770  H HB3  . ASN A 1 49 ? 3.940   3.603   6.895   1.00 0.26  ? 49 ASN A HB3  1 
ATOM 771  H HD21 . ASN A 1 49 ? 5.625   3.201   8.815   1.00 1.44  ? 49 ASN A HD21 1 
ATOM 772  H HD22 . ASN A 1 49 ? 5.709   1.599   9.372   1.00 1.06  ? 49 ASN A HD22 1 
ATOM 773  N N    . ALA A 1 50 ? 2.649   0.058   5.700   1.00 0.22  ? 50 ALA A N    1 
ATOM 774  C CA   . ALA A 1 50 ? 1.516   -0.769  6.209   1.00 0.24  ? 50 ALA A CA   1 
ATOM 775  C C    . ALA A 1 50 ? 1.318   -0.520  7.706   1.00 0.24  ? 50 ALA A C    1 
ATOM 776  O O    . ALA A 1 50 ? 0.215   -0.579  8.211   1.00 0.25  ? 50 ALA A O    1 
ATOM 777  C CB   . ALA A 1 50 ? 1.824   -2.248  5.976   1.00 0.28  ? 50 ALA A CB   1 
ATOM 778  H H    . ALA A 1 50 ? 3.388   -0.369  5.217   1.00 0.23  ? 50 ALA A H    1 
ATOM 779  H HA   . ALA A 1 50 ? 0.614   -0.504  5.678   1.00 0.24  ? 50 ALA A HA   1 
ATOM 780  H HB1  . ALA A 1 50 ? 2.743   -2.508  6.479   1.00 1.06  ? 50 ALA A HB1  1 
ATOM 781  H HB2  . ALA A 1 50 ? 1.017   -2.849  6.368   1.00 1.09  ? 50 ALA A HB2  1 
ATOM 782  H HB3  . ALA A 1 50 ? 1.929   -2.433  4.917   1.00 1.01  ? 50 ALA A HB3  1 
ATOM 783  N N    . ASN A 1 51 ? 2.374   -0.248  8.421   1.00 0.25  ? 51 ASN A N    1 
ATOM 784  C CA   . ASN A 1 51 ? 2.237   -0.002  9.885   1.00 0.27  ? 51 ASN A CA   1 
ATOM 785  C C    . ASN A 1 51 ? 1.533   1.336   10.115  1.00 0.23  ? 51 ASN A C    1 
ATOM 786  O O    . ASN A 1 51 ? 1.005   1.597   11.178  1.00 0.24  ? 51 ASN A O    1 
ATOM 787  C CB   . ASN A 1 51 ? 3.625   0.033   10.528  1.00 0.31  ? 51 ASN A CB   1 
ATOM 788  C CG   . ASN A 1 51 ? 4.441   -1.167  10.045  1.00 1.35  ? 51 ASN A CG   1 
ATOM 789  O OD1  . ASN A 1 51 ? 3.948   -2.277  10.008  1.00 2.21  ? 51 ASN A OD1  1 
ATOM 790  N ND2  . ASN A 1 51 ? 5.679   -0.991  9.672   1.00 2.11  ? 51 ASN A ND2  1 
ATOM 791  H H    . ASN A 1 51 ? 3.257   -0.208  7.997   1.00 0.27  ? 51 ASN A H    1 
ATOM 792  H HA   . ASN A 1 51 ? 1.654   -0.795  10.330  1.00 0.29  ? 51 ASN A HA   1 
ATOM 793  H HB2  . ASN A 1 51 ? 4.128   0.948   10.248  1.00 0.99  ? 51 ASN A HB2  1 
ATOM 794  H HB3  . ASN A 1 51 ? 3.526   -0.010  11.602  1.00 1.02  ? 51 ASN A HB3  1 
ATOM 795  H HD21 . ASN A 1 51 ? 6.077   -0.096  9.702   1.00 2.33  ? 51 ASN A HD21 1 
ATOM 796  H HD22 . ASN A 1 51 ? 6.210   -1.754  9.360   1.00 2.86  ? 51 ASN A HD22 1 
ATOM 797  N N    . SER A 1 52 ? 1.522   2.189   9.126   1.00 0.21  ? 52 SER A N    1 
ATOM 798  C CA   . SER A 1 52 ? 0.854   3.515   9.280   1.00 0.20  ? 52 SER A CA   1 
ATOM 799  C C    . SER A 1 52 ? -0.621  3.398   8.880   1.00 0.19  ? 52 SER A C    1 
ATOM 800  O O    . SER A 1 52 ? -1.447  4.185   9.295   1.00 0.21  ? 52 SER A O    1 
ATOM 801  C CB   . SER A 1 52 ? 1.550   4.536   8.382   1.00 0.22  ? 52 SER A CB   1 
ATOM 802  O OG   . SER A 1 52 ? 2.917   4.634   8.757   1.00 0.35  ? 52 SER A OG   1 
ATOM 803  H H    . SER A 1 52 ? 1.955   1.957   8.278   1.00 0.22  ? 52 SER A H    1 
ATOM 804  H HA   . SER A 1 52 ? 0.921   3.841   10.308  1.00 0.22  ? 52 SER A HA   1 
ATOM 805  H HB2  . SER A 1 52 ? 1.485   4.219   7.356   1.00 0.19  ? 52 SER A HB2  1 
ATOM 806  H HB3  . SER A 1 52 ? 1.065   5.497   8.493   1.00 0.25  ? 52 SER A HB3  1 
ATOM 807  H HG   . SER A 1 52 ? 2.965   4.611   9.715   1.00 0.94  ? 52 SER A HG   1 
ATOM 808  N N    . LEU A 1 53 ? -0.959  2.423   8.078   1.00 0.19  ? 53 LEU A N    1 
ATOM 809  C CA   . LEU A 1 53 ? -2.382  2.263   7.661   1.00 0.19  ? 53 LEU A CA   1 
ATOM 810  C C    . LEU A 1 53 ? -3.221  1.851   8.889   1.00 0.20  ? 53 LEU A C    1 
ATOM 811  O O    . LEU A 1 53 ? -2.711  1.168   9.756   1.00 0.21  ? 53 LEU A O    1 
ATOM 812  C CB   . LEU A 1 53 ? -2.476  1.162   6.597   1.00 0.20  ? 53 LEU A CB   1 
ATOM 813  C CG   . LEU A 1 53 ? -1.561  1.490   5.411   1.00 0.20  ? 53 LEU A CG   1 
ATOM 814  C CD1  . LEU A 1 53 ? -1.690  0.382   4.362   1.00 0.21  ? 53 LEU A CD1  1 
ATOM 815  C CD2  . LEU A 1 53 ? -1.965  2.836   4.787   1.00 0.30  ? 53 LEU A CD2  1 
ATOM 816  H H    . LEU A 1 53 ? -0.279  1.796   7.754   1.00 0.19  ? 53 LEU A H    1 
ATOM 817  H HA   . LEU A 1 53 ? -2.733  3.193   7.255   1.00 0.21  ? 53 LEU A HA   1 
ATOM 818  H HB2  . LEU A 1 53 ? -2.172  0.221   7.032   1.00 0.24  ? 53 LEU A HB2  1 
ATOM 819  H HB3  . LEU A 1 53 ? -3.493  1.080   6.249   1.00 0.25  ? 53 LEU A HB3  1 
ATOM 820  H HG   . LEU A 1 53 ? -0.537  1.541   5.753   1.00 0.23  ? 53 LEU A HG   1 
ATOM 821  H HD11 . LEU A 1 53 ? -1.574  -0.580  4.838   1.00 1.02  ? 53 LEU A HD11 1 
ATOM 822  H HD12 . LEU A 1 53 ? -2.665  0.439   3.899   1.00 1.03  ? 53 LEU A HD12 1 
ATOM 823  H HD13 . LEU A 1 53 ? -0.927  0.508   3.610   1.00 1.07  ? 53 LEU A HD13 1 
ATOM 824  H HD21 . LEU A 1 53 ? -3.040  2.942   4.811   1.00 1.07  ? 53 LEU A HD21 1 
ATOM 825  H HD22 . LEU A 1 53 ? -1.511  3.641   5.343   1.00 1.09  ? 53 LEU A HD22 1 
ATOM 826  H HD23 . LEU A 1 53 ? -1.626  2.878   3.760   1.00 1.03  ? 53 LEU A HD23 1 
ATOM 827  N N    . PRO A 1 54 ? -4.482  2.252   8.947   1.00 0.23  ? 54 PRO A N    1 
ATOM 828  C CA   . PRO A 1 54 ? -5.342  1.881   10.087  1.00 0.26  ? 54 PRO A CA   1 
ATOM 829  C C    . PRO A 1 54 ? -5.396  0.353   10.219  1.00 0.27  ? 54 PRO A C    1 
ATOM 830  O O    . PRO A 1 54 ? -4.597  -0.358  9.644   1.00 0.45  ? 54 PRO A O    1 
ATOM 831  C CB   . PRO A 1 54 ? -6.734  2.471   9.750   1.00 0.30  ? 54 PRO A CB   1 
ATOM 832  C CG   . PRO A 1 54 ? -6.628  3.147   8.353   1.00 0.30  ? 54 PRO A CG   1 
ATOM 833  C CD   . PRO A 1 54 ? -5.147  3.084   7.917   1.00 0.26  ? 54 PRO A CD   1 
ATOM 834  H HA   . PRO A 1 54 ? -4.963  2.322   10.998  1.00 0.28  ? 54 PRO A HA   1 
ATOM 835  H HB2  . PRO A 1 54 ? -7.482  1.684   9.727   1.00 0.31  ? 54 PRO A HB2  1 
ATOM 836  H HB3  . PRO A 1 54 ? -7.012  3.210   10.490  1.00 0.34  ? 54 PRO A HB3  1 
ATOM 837  H HG2  . PRO A 1 54 ? -7.247  2.615   7.639   1.00 0.31  ? 54 PRO A HG2  1 
ATOM 838  H HG3  . PRO A 1 54 ? -6.949  4.178   8.413   1.00 0.34  ? 54 PRO A HG3  1 
ATOM 839  H HD2  . PRO A 1 54 ? -5.057  2.629   6.942   1.00 0.25  ? 54 PRO A HD2  1 
ATOM 840  H HD3  . PRO A 1 54 ? -4.719  4.077   7.912   1.00 0.27  ? 54 PRO A HD3  1 
ATOM 841  N N    . VAL A 1 55 ? -6.334  -0.155  10.975  1.00 0.25  ? 55 VAL A N    1 
ATOM 842  C CA   . VAL A 1 55 ? -6.445  -1.633  11.147  1.00 0.25  ? 55 VAL A CA   1 
ATOM 843  C C    . VAL A 1 55 ? -7.332  -2.210  10.043  1.00 0.23  ? 55 VAL A C    1 
ATOM 844  O O    . VAL A 1 55 ? -7.084  -3.283  9.531   1.00 0.23  ? 55 VAL A O    1 
ATOM 845  C CB   . VAL A 1 55 ? -7.072  -1.938  12.506  1.00 0.31  ? 55 VAL A CB   1 
ATOM 846  C CG1  . VAL A 1 55 ? -7.038  -3.446  12.760  1.00 0.33  ? 55 VAL A CG1  1 
ATOM 847  C CG2  . VAL A 1 55 ? -6.284  -1.219  13.603  1.00 0.34  ? 55 VAL A CG2  1 
ATOM 848  H H    . VAL A 1 55 ? -6.968  0.438   11.430  1.00 0.38  ? 55 VAL A H    1 
ATOM 849  H HA   . VAL A 1 55 ? -5.463  -2.084  11.094  1.00 0.25  ? 55 VAL A HA   1 
ATOM 850  H HB   . VAL A 1 55 ? -8.096  -1.594  12.512  1.00 0.32  ? 55 VAL A HB   1 
ATOM 851  H HG11 . VAL A 1 55 ? -6.025  -3.806  12.654  1.00 1.08  ? 55 VAL A HG11 1 
ATOM 852  H HG12 . VAL A 1 55 ? -7.390  -3.651  13.760  1.00 1.05  ? 55 VAL A HG12 1 
ATOM 853  H HG13 . VAL A 1 55 ? -7.674  -3.945  12.044  1.00 1.07  ? 55 VAL A HG13 1 
ATOM 854  H HG21 . VAL A 1 55 ? -5.248  -1.523  13.561  1.00 1.08  ? 55 VAL A HG21 1 
ATOM 855  H HG22 . VAL A 1 55 ? -6.352  -0.152  13.456  1.00 1.07  ? 55 VAL A HG22 1 
ATOM 856  H HG23 . VAL A 1 55 ? -6.694  -1.475  14.569  1.00 1.06  ? 55 VAL A HG23 1 
ATOM 857  N N    . GLU A 1 56 ? -8.369  -1.508  9.676   1.00 0.23  ? 56 GLU A N    1 
ATOM 858  C CA   . GLU A 1 56 ? -9.275  -2.017  8.610   1.00 0.23  ? 56 GLU A CA   1 
ATOM 859  C C    . GLU A 1 56 ? -8.480  -2.231  7.321   1.00 0.20  ? 56 GLU A C    1 
ATOM 860  O O    . GLU A 1 56 ? -8.693  -3.188  6.602   1.00 0.20  ? 56 GLU A O    1 
ATOM 861  C CB   . GLU A 1 56 ? -10.389 -0.998  8.360   1.00 0.25  ? 56 GLU A CB   1 
ATOM 862  C CG   . GLU A 1 56 ? -11.196 -0.799  9.644   1.00 0.48  ? 56 GLU A CG   1 
ATOM 863  C CD   . GLU A 1 56 ? -12.363 0.152   9.373   1.00 1.43  ? 56 GLU A CD   1 
ATOM 864  O OE1  . GLU A 1 56 ? -12.121 1.213   8.820   1.00 2.09  ? 56 GLU A OE1  1 
ATOM 865  O OE2  . GLU A 1 56 ? -13.479 -0.196  9.722   1.00 2.23  ? 56 GLU A OE2  1 
ATOM 866  H H    . GLU A 1 56 ? -8.552  -0.646  10.105  1.00 0.25  ? 56 GLU A H    1 
ATOM 867  H HA   . GLU A 1 56 ? -9.709  -2.954  8.925   1.00 0.25  ? 56 GLU A HA   1 
ATOM 868  H HB2  . GLU A 1 56 ? -9.953  -0.057  8.056   1.00 0.42  ? 56 GLU A HB2  1 
ATOM 869  H HB3  . GLU A 1 56 ? -11.041 -1.362  7.580   1.00 0.35  ? 56 GLU A HB3  1 
ATOM 870  H HG2  . GLU A 1 56 ? -11.578 -1.752  9.980   1.00 0.94  ? 56 GLU A HG2  1 
ATOM 871  H HG3  . GLU A 1 56 ? -10.559 -0.376  10.407  1.00 1.06  ? 56 GLU A HG3  1 
ATOM 872  N N    . ALA A 1 57 ? -7.565  -1.350  7.021   1.00 0.19  ? 57 ALA A N    1 
ATOM 873  C CA   . ALA A 1 57 ? -6.760  -1.510  5.777   1.00 0.19  ? 57 ALA A CA   1 
ATOM 874  C C    . ALA A 1 57 ? -5.632  -2.512  6.026   1.00 0.21  ? 57 ALA A C    1 
ATOM 875  O O    . ALA A 1 57 ? -5.282  -3.291  5.163   1.00 0.26  ? 57 ALA A O    1 
ATOM 876  C CB   . ALA A 1 57 ? -6.166  -0.160  5.374   1.00 0.22  ? 57 ALA A CB   1 
ATOM 877  H H    . ALA A 1 57 ? -7.407  -0.586  7.614   1.00 0.20  ? 57 ALA A H    1 
ATOM 878  H HA   . ALA A 1 57 ? -7.394  -1.874  4.981   1.00 0.19  ? 57 ALA A HA   1 
ATOM 879  H HB1  . ALA A 1 57 ? -5.768  0.332   6.248   1.00 1.02  ? 57 ALA A HB1  1 
ATOM 880  H HB2  . ALA A 1 57 ? -5.374  -0.313  4.656   1.00 0.97  ? 57 ALA A HB2  1 
ATOM 881  H HB3  . ALA A 1 57 ? -6.937  0.454   4.935   1.00 1.01  ? 57 ALA A HB3  1 
ATOM 882  N N    . LYS A 1 58 ? -5.061  -2.501  7.199   1.00 0.31  ? 58 LYS A N    1 
ATOM 883  C CA   . LYS A 1 58 ? -3.960  -3.458  7.496   1.00 0.37  ? 58 LYS A CA   1 
ATOM 884  C C    . LYS A 1 58 ? -4.493  -4.887  7.389   1.00 0.34  ? 58 LYS A C    1 
ATOM 885  O O    . LYS A 1 58 ? -4.076  -5.652  6.542   1.00 0.41  ? 58 LYS A O    1 
ATOM 886  C CB   . LYS A 1 58 ? -3.433  -3.212  8.911   1.00 0.49  ? 58 LYS A CB   1 
ATOM 887  C CG   . LYS A 1 58 ? -2.184  -4.065  9.143   1.00 0.90  ? 58 LYS A CG   1 
ATOM 888  C CD   . LYS A 1 58 ? -1.705  -3.900  10.591  1.00 0.96  ? 58 LYS A CD   1 
ATOM 889  C CE   . LYS A 1 58 ? -1.267  -2.450  10.840  1.00 0.93  ? 58 LYS A CE   1 
ATOM 890  N NZ   . LYS A 1 58 ? -0.312  -2.413  11.983  1.00 1.67  ? 58 LYS A NZ   1 
ATOM 891  H H    . LYS A 1 58 ? -5.358  -1.866  7.883   1.00 0.40  ? 58 LYS A H    1 
ATOM 892  H HA   . LYS A 1 58 ? -3.158  -3.317  6.784   1.00 0.39  ? 58 LYS A HA   1 
ATOM 893  H HB2  . LYS A 1 58 ? -3.184  -2.167  9.023   1.00 0.99  ? 58 LYS A HB2  1 
ATOM 894  H HB3  . LYS A 1 58 ? -4.192  -3.482  9.630   1.00 0.94  ? 58 LYS A HB3  1 
ATOM 895  H HG2  . LYS A 1 58 ? -2.419  -5.104  8.960   1.00 1.71  ? 58 LYS A HG2  1 
ATOM 896  H HG3  . LYS A 1 58 ? -1.401  -3.750  8.470   1.00 1.69  ? 58 LYS A HG3  1 
ATOM 897  H HD2  . LYS A 1 58 ? -2.511  -4.152  11.265  1.00 1.70  ? 58 LYS A HD2  1 
ATOM 898  H HD3  . LYS A 1 58 ? -0.871  -4.560  10.769  1.00 1.70  ? 58 LYS A HD3  1 
ATOM 899  H HE2  . LYS A 1 58 ? -0.784  -2.055  9.957   1.00 1.30  ? 58 LYS A HE2  1 
ATOM 900  H HE3  . LYS A 1 58 ? -2.132  -1.847  11.077  1.00 1.45  ? 58 LYS A HE3  1 
ATOM 901  H HZ1  . LYS A 1 58 ? 0.473   -3.071  11.801  1.00 2.16  ? 58 LYS A HZ1  1 
ATOM 902  H HZ2  . LYS A 1 58 ? 0.061   -1.448  12.092  1.00 2.15  ? 58 LYS A HZ2  1 
ATOM 903  H HZ3  . LYS A 1 58 ? -0.803  -2.697  12.855  1.00 2.09  ? 58 LYS A HZ3  1 
ATOM 904  N N    . ALA A 1 59 ? -5.416  -5.251  8.237   1.00 0.36  ? 59 ALA A N    1 
ATOM 905  C CA   . ALA A 1 59 ? -5.978  -6.631  8.179   1.00 0.38  ? 59 ALA A CA   1 
ATOM 906  C C    . ALA A 1 59 ? -6.356  -6.965  6.735   1.00 0.31  ? 59 ALA A C    1 
ATOM 907  O O    . ALA A 1 59 ? -6.083  -8.044  6.245   1.00 0.37  ? 59 ALA A O    1 
ATOM 908  C CB   . ALA A 1 59 ? -7.224  -6.711  9.063   1.00 0.43  ? 59 ALA A CB   1 
ATOM 909  H H    . ALA A 1 59 ? -5.741  -4.617  8.909   1.00 0.43  ? 59 ALA A H    1 
ATOM 910  H HA   . ALA A 1 59 ? -5.240  -7.336  8.531   1.00 0.42  ? 59 ALA A HA   1 
ATOM 911  H HB1  . ALA A 1 59 ? -6.961  -6.461  10.081  1.00 1.09  ? 59 ALA A HB1  1 
ATOM 912  H HB2  . ALA A 1 59 ? -7.968  -6.015  8.703   1.00 1.18  ? 59 ALA A HB2  1 
ATOM 913  H HB3  . ALA A 1 59 ? -7.625  -7.713  9.032   1.00 1.06  ? 59 ALA A HB3  1 
ATOM 914  N N    . ALA A 1 60 ? -6.978  -6.047  6.047   1.00 0.24  ? 60 ALA A N    1 
ATOM 915  C CA   . ALA A 1 60 ? -7.368  -6.311  4.634   1.00 0.22  ? 60 ALA A CA   1 
ATOM 916  C C    . ALA A 1 60 ? -6.107  -6.431  3.777   1.00 0.21  ? 60 ALA A C    1 
ATOM 917  O O    . ALA A 1 60 ? -6.053  -7.196  2.836   1.00 0.28  ? 60 ALA A O    1 
ATOM 918  C CB   . ALA A 1 60 ? -8.230  -5.157  4.117   1.00 0.26  ? 60 ALA A CB   1 
ATOM 919  H H    . ALA A 1 60 ? -7.186  -5.182  6.459   1.00 0.26  ? 60 ALA A H    1 
ATOM 920  H HA   . ALA A 1 60 ? -7.928  -7.232  4.580   1.00 0.29  ? 60 ALA A HA   1 
ATOM 921  H HB1  . ALA A 1 60 ? -9.067  -5.007  4.781   1.00 1.00  ? 60 ALA A HB1  1 
ATOM 922  H HB2  . ALA A 1 60 ? -7.637  -4.256  4.074   1.00 1.10  ? 60 ALA A HB2  1 
ATOM 923  H HB3  . ALA A 1 60 ? -8.593  -5.395  3.127   1.00 1.04  ? 60 ALA A HB3  1 
ATOM 924  N N    . LEU A 1 61 ? -5.090  -5.680  4.097   1.00 0.20  ? 61 LEU A N    1 
ATOM 925  C CA   . LEU A 1 61 ? -3.832  -5.755  3.302   1.00 0.26  ? 61 LEU A CA   1 
ATOM 926  C C    . LEU A 1 61 ? -3.234  -7.156  3.445   1.00 0.31  ? 61 LEU A C    1 
ATOM 927  O O    . LEU A 1 61 ? -3.086  -7.880  2.481   1.00 0.44  ? 61 LEU A O    1 
ATOM 928  C CB   . LEU A 1 61 ? -2.836  -4.705  3.819   1.00 0.30  ? 61 LEU A CB   1 
ATOM 929  C CG   . LEU A 1 61 ? -1.590  -4.650  2.909   1.00 0.44  ? 61 LEU A CG   1 
ATOM 930  C CD1  . LEU A 1 61 ? -1.858  -3.754  1.694   1.00 0.93  ? 61 LEU A CD1  1 
ATOM 931  C CD2  . LEU A 1 61 ? -0.406  -4.076  3.696   1.00 1.22  ? 61 LEU A CD2  1 
ATOM 932  H H    . LEU A 1 61 ? -5.152  -5.071  4.861   1.00 0.20  ? 61 LEU A H    1 
ATOM 933  H HA   . LEU A 1 61 ? -4.055  -5.565  2.264   1.00 0.31  ? 61 LEU A HA   1 
ATOM 934  H HB2  . LEU A 1 61 ? -3.317  -3.735  3.834   1.00 0.38  ? 61 LEU A HB2  1 
ATOM 935  H HB3  . LEU A 1 61 ? -2.537  -4.967  4.823   1.00 0.36  ? 61 LEU A HB3  1 
ATOM 936  H HG   . LEU A 1 61 ? -1.342  -5.644  2.569   1.00 1.14  ? 61 LEU A HG   1 
ATOM 937  H HD11 . LEU A 1 61 ? -2.182  -2.779  2.028   1.00 1.50  ? 61 LEU A HD11 1 
ATOM 938  H HD12 . LEU A 1 61 ? -0.952  -3.653  1.118   1.00 1.63  ? 61 LEU A HD12 1 
ATOM 939  H HD13 . LEU A 1 61 ? -2.625  -4.197  1.078   1.00 1.45  ? 61 LEU A HD13 1 
ATOM 940  H HD21 . LEU A 1 61 ? -0.209  -4.700  4.555   1.00 1.84  ? 61 LEU A HD21 1 
ATOM 941  H HD22 . LEU A 1 61 ? 0.468   -4.049  3.063   1.00 1.78  ? 61 LEU A HD22 1 
ATOM 942  H HD23 . LEU A 1 61 ? -0.644  -3.074  4.026   1.00 1.73  ? 61 LEU A HD23 1 
ATOM 943  N N    . LEU A 1 62 ? -2.887  -7.546  4.643   1.00 0.49  ? 62 LEU A N    1 
ATOM 944  C CA   . LEU A 1 62 ? -2.299  -8.901  4.846   1.00 0.61  ? 62 LEU A CA   1 
ATOM 945  C C    . LEU A 1 62 ? -3.165  -9.944  4.139   1.00 0.55  ? 62 LEU A C    1 
ATOM 946  O O    . LEU A 1 62 ? -2.702  -11.006 3.774   1.00 0.65  ? 62 LEU A O    1 
ATOM 947  C CB   . LEU A 1 62 ? -2.239  -9.219  6.344   1.00 0.85  ? 62 LEU A CB   1 
ATOM 948  C CG   . LEU A 1 62 ? -1.681  -8.017  7.113   1.00 0.70  ? 62 LEU A CG   1 
ATOM 949  C CD1  . LEU A 1 62 ? -1.449  -8.412  8.573   1.00 1.29  ? 62 LEU A CD1  1 
ATOM 950  C CD2  . LEU A 1 62 ? -0.354  -7.573  6.487   1.00 1.06  ? 62 LEU A CD2  1 
ATOM 951  H H    . LEU A 1 62 ? -3.015  -6.947  5.407   1.00 0.65  ? 62 LEU A H    1 
ATOM 952  H HA   . LEU A 1 62 ? -1.302  -8.925  4.434   1.00 0.68  ? 62 LEU A HA   1 
ATOM 953  H HB2  . LEU A 1 62 ? -3.233  -9.443  6.702   1.00 1.33  ? 62 LEU A HB2  1 
ATOM 954  H HB3  . LEU A 1 62 ? -1.599  -10.073 6.504   1.00 1.29  ? 62 LEU A HB3  1 
ATOM 955  H HG   . LEU A 1 62 ? -2.390  -7.204  7.072   1.00 0.74  ? 62 LEU A HG   1 
ATOM 956  H HD11 . LEU A 1 62 ? -0.782  -9.260  8.614   1.00 1.88  ? 62 LEU A HD11 1 
ATOM 957  H HD12 . LEU A 1 62 ? -1.010  -7.581  9.105   1.00 1.72  ? 62 LEU A HD12 1 
ATOM 958  H HD13 . LEU A 1 62 ? -2.392  -8.674  9.029   1.00 1.65  ? 62 LEU A HD13 1 
ATOM 959  H HD21 . LEU A 1 62 ? 0.249   -8.441  6.265   1.00 1.64  ? 62 LEU A HD21 1 
ATOM 960  H HD22 . LEU A 1 62 ? -0.550  -7.028  5.576   1.00 1.60  ? 62 LEU A HD22 1 
ATOM 961  H HD23 . LEU A 1 62 ? 0.177   -6.935  7.179   1.00 1.48  ? 62 LEU A HD23 1 
ATOM 962  N N    . LEU A 1 63 ? -4.422  -9.652  3.946   1.00 0.52  ? 63 LEU A N    1 
ATOM 963  C CA   . LEU A 1 63 ? -5.317  -10.629 3.264   1.00 0.59  ? 63 LEU A CA   1 
ATOM 964  C C    . LEU A 1 63 ? -4.919  -10.749 1.790   1.00 0.61  ? 63 LEU A C    1 
ATOM 965  O O    . LEU A 1 63 ? -4.664  -11.828 1.292   1.00 0.85  ? 63 LEU A O    1 
ATOM 966  C CB   . LEU A 1 63 ? -6.772  -10.150 3.369   1.00 0.66  ? 63 LEU A CB   1 
ATOM 967  C CG   . LEU A 1 63 ? -7.741  -11.320 3.087   1.00 0.85  ? 63 LEU A CG   1 
ATOM 968  C CD1  . LEU A 1 63 ? -7.981  -12.134 4.365   1.00 1.39  ? 63 LEU A CD1  1 
ATOM 969  C CD2  . LEU A 1 63 ? -9.084  -10.768 2.594   1.00 1.72  ? 63 LEU A CD2  1 
ATOM 970  H H    . LEU A 1 63 ? -4.778  -8.791  4.250   1.00 0.54  ? 63 LEU A H    1 
ATOM 971  H HA   . LEU A 1 63 ? -5.218  -11.592 3.739   1.00 0.73  ? 63 LEU A HA   1 
ATOM 972  H HB2  . LEU A 1 63 ? -6.948  -9.762  4.363   1.00 1.01  ? 63 LEU A HB2  1 
ATOM 973  H HB3  . LEU A 1 63 ? -6.939  -9.363  2.648   1.00 1.15  ? 63 LEU A HB3  1 
ATOM 974  H HG   . LEU A 1 63 ? -7.319  -11.963 2.327   1.00 1.67  ? 63 LEU A HG   1 
ATOM 975  H HD11 . LEU A 1 63 ? -8.307  -11.478 5.157   1.00 2.05  ? 63 LEU A HD11 1 
ATOM 976  H HD12 . LEU A 1 63 ? -8.743  -12.876 4.179   1.00 1.89  ? 63 LEU A HD12 1 
ATOM 977  H HD13 . LEU A 1 63 ? -7.068  -12.627 4.660   1.00 1.84  ? 63 LEU A HD13 1 
ATOM 978  H HD21 . LEU A 1 63 ? -9.458  -10.045 3.302   1.00 2.20  ? 63 LEU A HD21 1 
ATOM 979  H HD22 . LEU A 1 63 ? -8.947  -10.294 1.633   1.00 2.37  ? 63 LEU A HD22 1 
ATOM 980  H HD23 . LEU A 1 63 ? -9.792  -11.578 2.498   1.00 2.16  ? 63 LEU A HD23 1 
ATOM 981  N N    . ARG A 1 64 ? -4.874  -9.650  1.083   1.00 0.58  ? 64 ARG A N    1 
ATOM 982  C CA   . ARG A 1 64 ? -4.504  -9.711  -0.361  1.00 0.83  ? 64 ARG A CA   1 
ATOM 983  C C    . ARG A 1 64 ? -2.995  -9.931  -0.513  1.00 0.82  ? 64 ARG A C    1 
ATOM 984  O O    . ARG A 1 64 ? -2.460  -9.866  -1.603  1.00 1.05  ? 64 ARG A O    1 
ATOM 985  C CB   . ARG A 1 64 ? -4.905  -8.403  -1.052  1.00 1.08  ? 64 ARG A CB   1 
ATOM 986  C CG   . ARG A 1 64 ? -4.334  -7.200  -0.285  1.00 0.84  ? 64 ARG A CG   1 
ATOM 987  C CD   . ARG A 1 64 ? -4.323  -5.966  -1.195  1.00 0.94  ? 64 ARG A CD   1 
ATOM 988  N NE   . ARG A 1 64 ? -3.537  -6.258  -2.427  1.00 1.35  ? 64 ARG A NE   1 
ATOM 989  C CZ   . ARG A 1 64 ? -3.661  -5.492  -3.475  1.00 1.83  ? 64 ARG A CZ   1 
ATOM 990  N NH1  . ARG A 1 64 ? -4.473  -4.472  -3.444  1.00 2.19  ? 64 ARG A NH1  1 
ATOM 991  N NH2  . ARG A 1 64 ? -2.975  -5.748  -4.555  1.00 2.53  ? 64 ARG A NH2  1 
ATOM 992  H H    . ARG A 1 64 ? -5.092  -8.790  1.499   1.00 0.55  ? 64 ARG A H    1 
ATOM 993  H HA   . ARG A 1 64 ? -5.029  -10.532 -0.826  1.00 1.03  ? 64 ARG A HA   1 
ATOM 994  H HB2  . ARG A 1 64 ? -4.524  -8.405  -2.062  1.00 1.75  ? 64 ARG A HB2  1 
ATOM 995  H HB3  . ARG A 1 64 ? -5.983  -8.330  -1.078  1.00 1.83  ? 64 ARG A HB3  1 
ATOM 996  H HG2  . ARG A 1 64 ? -4.950  -7.000  0.579   1.00 1.31  ? 64 ARG A HG2  1 
ATOM 997  H HG3  . ARG A 1 64 ? -3.326  -7.415  0.034   1.00 1.49  ? 64 ARG A HG3  1 
ATOM 998  H HD2  . ARG A 1 64 ? -5.337  -5.710  -1.467  1.00 1.40  ? 64 ARG A HD2  1 
ATOM 999  H HD3  . ARG A 1 64 ? -3.870  -5.138  -0.674  1.00 1.50  ? 64 ARG A HD3  1 
ATOM 1000 H HE   . ARG A 1 64 ? -2.928  -7.025  -2.449  1.00 1.84  ? 64 ARG A HE   1 
ATOM 1001 H HH11 . ARG A 1 64 ? -5.001  -4.277  -2.617  1.00 2.19  ? 64 ARG A HH11 1 
ATOM 1002 H HH12 . ARG A 1 64 ? -4.569  -3.884  -4.248  1.00 2.81  ? 64 ARG A HH12 1 
ATOM 1003 H HH21 . ARG A 1 64 ? -2.354  -6.532  -4.579  1.00 2.86  ? 64 ARG A HH21 1 
ATOM 1004 H HH22 . ARG A 1 64 ? -3.071  -5.160  -5.358  1.00 2.97  ? 64 ARG A HH22 1 
ATOM 1005 N N    . GLN A 1 65 ? -2.299  -10.190 0.563   1.00 0.83  ? 65 GLN A N    1 
ATOM 1006 C CA   . GLN A 1 65 ? -0.827  -10.413 0.468   1.00 0.87  ? 65 GLN A CA   1 
ATOM 1007 C C    . GLN A 1 65 ? -0.555  -11.898 0.215   1.00 1.12  ? 65 GLN A C    1 
ATOM 1008 O O    . GLN A 1 65 ? 0.550   -12.290 -0.107  1.00 1.59  ? 65 GLN A O    1 
ATOM 1009 C CB   . GLN A 1 65 ? -0.167  -9.983  1.782   1.00 0.86  ? 65 GLN A CB   1 
ATOM 1010 C CG   . GLN A 1 65 ? -0.024  -8.459  1.815   1.00 1.19  ? 65 GLN A CG   1 
ATOM 1011 C CD   . GLN A 1 65 ? 1.105   -8.032  0.874   1.00 1.67  ? 65 GLN A CD   1 
ATOM 1012 O OE1  . GLN A 1 65 ? 2.261   -8.046  1.248   1.00 2.34  ? 65 GLN A OE1  1 
ATOM 1013 N NE2  . GLN A 1 65 ? 0.817   -7.652  -0.341  1.00 2.27  ? 65 GLN A NE2  1 
ATOM 1014 H H    . GLN A 1 65 ? -2.743  -10.240 1.434   1.00 1.00  ? 65 GLN A H    1 
ATOM 1015 H HA   . GLN A 1 65 ? -0.421  -9.829  -0.348  1.00 1.11  ? 65 GLN A HA   1 
ATOM 1016 H HB2  . GLN A 1 65 ? -0.779  -10.304 2.613   1.00 0.94  ? 65 GLN A HB2  1 
ATOM 1017 H HB3  . GLN A 1 65 ? 0.809   -10.435 1.862   1.00 0.91  ? 65 GLN A HB3  1 
ATOM 1018 H HG2  . GLN A 1 65 ? -0.950  -8.004  1.496   1.00 1.50  ? 65 GLN A HG2  1 
ATOM 1019 H HG3  . GLN A 1 65 ? 0.208   -8.139  2.820   1.00 1.64  ? 65 GLN A HG3  1 
ATOM 1020 H HE21 . GLN A 1 65 ? -0.116  -7.642  -0.643  1.00 2.55  ? 65 GLN A HE21 1 
ATOM 1021 H HE22 . GLN A 1 65 ? 1.532   -7.377  -0.951  1.00 2.84  ? 65 GLN A HE22 1 
ATOM 1022 N N    . GLY A 1 66 ? -1.552  -12.728 0.355   1.00 1.76  ? 66 GLY A N    1 
ATOM 1023 C CA   . GLY A 1 66 ? -1.348  -14.187 0.121   1.00 2.18  ? 66 GLY A CA   1 
ATOM 1024 C C    . GLY A 1 66 ? -0.611  -14.395 -1.204  1.00 2.42  ? 66 GLY A C    1 
ATOM 1025 O O    . GLY A 1 66 ? -1.121  -14.086 -2.264  1.00 2.85  ? 66 GLY A O    1 
ATOM 1026 H H    . GLY A 1 66 ? -2.436  -12.393 0.614   1.00 2.30  ? 66 GLY A H    1 
ATOM 1027 H HA2  . GLY A 1 66 ? -0.763  -14.602 0.929   1.00 2.36  ? 66 GLY A HA2  1 
ATOM 1028 H HA3  . GLY A 1 66 ? -2.306  -14.683 0.077   1.00 2.46  ? 66 GLY A HA3  1 
ATOM 1029 N N    . GLU A 1 67 ? 0.586   -14.912 -1.154  1.00 2.75  ? 67 GLU A N    1 
ATOM 1030 C CA   . GLU A 1 67 ? 1.354   -15.136 -2.411  1.00 3.26  ? 67 GLU A CA   1 
ATOM 1031 C C    . GLU A 1 67 ? 1.471   -13.816 -3.176  1.00 3.34  ? 67 GLU A C    1 
ATOM 1032 O O    . GLU A 1 67 ? 0.605   -13.456 -3.948  1.00 3.92  ? 67 GLU A O    1 
ATOM 1033 C CB   . GLU A 1 67 ? 0.627   -16.168 -3.277  1.00 3.98  ? 67 GLU A CB   1 
ATOM 1034 C CG   . GLU A 1 67 ? 1.568   -16.668 -4.374  1.00 4.61  ? 67 GLU A CG   1 
ATOM 1035 C CD   . GLU A 1 67 ? 0.787   -17.536 -5.363  1.00 5.48  ? 67 GLU A CD   1 
ATOM 1036 O OE1  . GLU A 1 67 ? 0.029   -18.377 -4.911  1.00 6.11  ? 67 GLU A OE1  1 
ATOM 1037 O OE2  . GLU A 1 67 ? 0.960   -17.343 -6.555  1.00 5.80  ? 67 GLU A OE2  1 
ATOM 1038 H H    . GLU A 1 67 ? 0.980   -15.153 -0.290  1.00 3.02  ? 67 GLU A H    1 
ATOM 1039 H HA   . GLU A 1 67 ? 2.342   -15.500 -2.169  1.00 3.51  ? 67 GLU A HA   1 
ATOM 1040 H HB2  . GLU A 1 67 ? 0.316   -16.999 -2.662  1.00 4.16  ? 67 GLU A HB2  1 
ATOM 1041 H HB3  . GLU A 1 67 ? -0.239  -15.711 -3.731  1.00 4.37  ? 67 GLU A HB3  1 
ATOM 1042 H HG2  . GLU A 1 67 ? 1.996   -15.823 -4.895  1.00 4.79  ? 67 GLU A HG2  1 
ATOM 1043 H HG3  . GLU A 1 67 ? 2.359   -17.255 -3.930  1.00 4.73  ? 67 GLU A HG3  1 
ATOM 1044 N N    . ILE A 1 68 ? 2.537   -13.089 -2.967  1.00 3.29  ? 68 ILE A N    1 
ATOM 1045 C CA   . ILE A 1 68 ? 2.711   -11.791 -3.680  1.00 3.88  ? 68 ILE A CA   1 
ATOM 1046 C C    . ILE A 1 68 ? 3.336   -12.044 -5.053  1.00 4.49  ? 68 ILE A C    1 
ATOM 1047 O O    . ILE A 1 68 ? 2.663   -12.025 -6.064  1.00 5.10  ? 68 ILE A O    1 
ATOM 1048 C CB   . ILE A 1 68 ? 3.625   -10.879 -2.856  1.00 4.07  ? 68 ILE A CB   1 
ATOM 1049 C CG1  . ILE A 1 68 ? 3.103   -10.807 -1.418  1.00 3.79  ? 68 ILE A CG1  1 
ATOM 1050 C CG2  . ILE A 1 68 ? 3.639   -9.473  -3.463  1.00 4.93  ? 68 ILE A CG2  1 
ATOM 1051 C CD1  . ILE A 1 68 ? 4.020   -9.913  -0.577  1.00 3.81  ? 68 ILE A CD1  1 
ATOM 1052 H H    . ILE A 1 68 ? 3.224   -13.397 -2.341  1.00 3.22  ? 68 ILE A H    1 
ATOM 1053 H HA   . ILE A 1 68 ? 1.750   -11.315 -3.806  1.00 4.15  ? 68 ILE A HA   1 
ATOM 1054 H HB   . ILE A 1 68 ? 4.628   -11.280 -2.857  1.00 4.34  ? 68 ILE A HB   1 
ATOM 1055 H HG12 . ILE A 1 68 ? 2.103   -10.398 -1.419  1.00 4.07  ? 68 ILE A HG12 1 
ATOM 1056 H HG13 . ILE A 1 68 ? 3.084   -11.799 -0.992  1.00 3.93  ? 68 ILE A HG13 1 
ATOM 1057 H HG21 . ILE A 1 68 ? 3.778   -9.541  -4.532  1.00 5.31  ? 68 ILE A HG21 1 
ATOM 1058 H HG22 . ILE A 1 68 ? 2.700   -8.981  -3.253  1.00 5.23  ? 68 ILE A HG22 1 
ATOM 1059 H HG23 . ILE A 1 68 ? 4.449   -8.903  -3.032  1.00 5.25  ? 68 ILE A HG23 1 
ATOM 1060 H HD11 . ILE A 1 68 ? 5.052   -10.117 -0.822  1.00 4.00  ? 68 ILE A HD11 1 
ATOM 1061 H HD12 . ILE A 1 68 ? 3.800   -8.875  -0.783  1.00 4.12  ? 68 ILE A HD12 1 
ATOM 1062 H HD13 . ILE A 1 68 ? 3.853   -10.113 0.471   1.00 3.98  ? 68 ILE A HD13 1 
ATOM 1063 N N    . GLU A 1 69 ? 4.624   -12.273 -5.092  1.00 4.61  ? 69 GLU A N    1 
ATOM 1064 C CA   . GLU A 1 69 ? 5.319   -12.520 -6.390  1.00 5.40  ? 69 GLU A CA   1 
ATOM 1065 C C    . GLU A 1 69 ? 6.291   -13.700 -6.219  1.00 5.45  ? 69 GLU A C    1 
ATOM 1066 O O    . GLU A 1 69 ? 5.943   -14.723 -5.663  1.00 5.87  ? 69 GLU A O    1 
ATOM 1067 C CB   . GLU A 1 69 ? 6.075   -11.233 -6.782  1.00 5.89  ? 69 GLU A CB   1 
ATOM 1068 C CG   . GLU A 1 69 ? 6.112   -11.078 -8.304  1.00 6.43  ? 69 GLU A CG   1 
ATOM 1069 C CD   . GLU A 1 69 ? 6.908   -12.226 -8.925  1.00 6.97  ? 69 GLU A CD   1 
ATOM 1070 O OE1  . GLU A 1 69 ? 6.388   -13.329 -8.964  1.00 7.34  ? 69 GLU A OE1  1 
ATOM 1071 O OE2  . GLU A 1 69 ? 8.026   -11.983 -9.352  1.00 7.27  ? 69 GLU A OE2  1 
ATOM 1072 H H    . GLU A 1 69 ? 5.138   -12.272 -4.265  1.00 4.39  ? 69 GLU A H    1 
ATOM 1073 H HA   . GLU A 1 69 ? 4.592   -12.769 -7.153  1.00 5.91  ? 69 GLU A HA   1 
ATOM 1074 H HB2  . GLU A 1 69 ? 5.560   -10.383 -6.356  1.00 5.92  ? 69 GLU A HB2  1 
ATOM 1075 H HB3  . GLU A 1 69 ? 7.083   -11.260 -6.398  1.00 6.23  ? 69 GLU A HB3  1 
ATOM 1076 H HG2  . GLU A 1 69 ? 5.102   -11.089 -8.687  1.00 6.63  ? 69 GLU A HG2  1 
ATOM 1077 H HG3  . GLU A 1 69 ? 6.581   -10.140 -8.552  1.00 6.59  ? 69 GLU A HG3  1 
ATOM 1078 N N    . THR A 1 70 ? 7.504   -13.570 -6.690  1.00 5.42  ? 70 THR A N    1 
ATOM 1079 C CA   . THR A 1 70 ? 8.483   -14.686 -6.550  1.00 5.88  ? 70 THR A CA   1 
ATOM 1080 C C    . THR A 1 70 ? 9.085   -14.661 -5.140  1.00 5.87  ? 70 THR A C    1 
ATOM 1081 O O    . THR A 1 70 ? 8.393   -14.431 -4.171  1.00 6.21  ? 70 THR A O    1 
ATOM 1082 C CB   . THR A 1 70 ? 9.588   -14.520 -7.603  1.00 6.60  ? 70 THR A CB   1 
ATOM 1083 O OG1  . THR A 1 70 ? 10.529  -15.577 -7.474  1.00 7.20  ? 70 THR A OG1  1 
ATOM 1084 C CG2  . THR A 1 70 ? 10.295  -13.172 -7.416  1.00 6.98  ? 70 THR A CG2  1 
ATOM 1085 H H    . THR A 1 70 ? 7.770   -12.741 -7.135  1.00 5.37  ? 70 THR A H    1 
ATOM 1086 H HA   . THR A 1 70 ? 7.977   -15.628 -6.707  1.00 6.10  ? 70 THR A HA   1 
ATOM 1087 H HB   . THR A 1 70 ? 9.149   -14.554 -8.588  1.00 6.76  ? 70 THR A HB   1 
ATOM 1088 H HG1  . THR A 1 70 ? 11.346  -15.207 -7.133  1.00 7.50  ? 70 THR A HG1  1 
ATOM 1089 H HG21 . THR A 1 70 ? 9.570   -12.414 -7.158  1.00 7.20  ? 70 THR A HG21 1 
ATOM 1090 H HG22 . THR A 1 70 ? 11.027  -13.254 -6.627  1.00 7.25  ? 70 THR A HG22 1 
ATOM 1091 H HG23 . THR A 1 70 ? 10.789  -12.897 -8.336  1.00 7.09  ? 70 THR A HG23 1 
ATOM 1092 N N    . SER A 1 71 ? 10.365  -14.897 -5.019  1.00 5.88  ? 71 SER A N    1 
ATOM 1093 C CA   . SER A 1 71 ? 11.009  -14.886 -3.673  1.00 6.29  ? 71 SER A CA   1 
ATOM 1094 C C    . SER A 1 71 ? 10.602  -16.145 -2.900  1.00 6.12  ? 71 SER A C    1 
ATOM 1095 O O    . SER A 1 71 ? 11.382  -17.064 -2.736  1.00 6.53  ? 71 SER A O    1 
ATOM 1096 C CB   . SER A 1 71 ? 10.584  -13.624 -2.906  1.00 6.71  ? 71 SER A CB   1 
ATOM 1097 O OG   . SER A 1 71 ? 11.642  -13.227 -2.043  1.00 7.35  ? 71 SER A OG   1 
ATOM 1098 H H    . SER A 1 71 ? 10.905  -15.080 -5.814  1.00 5.88  ? 71 SER A H    1 
ATOM 1099 H HA   . SER A 1 71 ? 12.081  -14.882 -3.796  1.00 6.77  ? 71 SER A HA   1 
ATOM 1100 H HB2  . SER A 1 71 ? 10.383  -12.830 -3.604  1.00 6.93  ? 71 SER A HB2  1 
ATOM 1101 H HB3  . SER A 1 71 ? 9.691   -13.823 -2.327  1.00 6.63  ? 71 SER A HB3  1 
ATOM 1102 H HG   . SER A 1 71 ? 11.487  -13.623 -1.183  1.00 7.66  ? 71 SER A HG   1 
ATOM 1103 N N    . LEU A 1 72 ? 9.387   -16.196 -2.424  1.00 5.84  ? 72 LEU A N    1 
ATOM 1104 C CA   . LEU A 1 72 ? 8.923   -17.397 -1.661  1.00 6.03  ? 72 LEU A CA   1 
ATOM 1105 C C    . LEU A 1 72 ? 8.211   -18.359 -2.618  1.00 6.53  ? 72 LEU A C    1 
ATOM 1106 O O    . LEU A 1 72 ? 7.333   -19.103 -2.226  1.00 6.81  ? 72 LEU A O    1 
ATOM 1107 C CB   . LEU A 1 72 ? 7.961   -16.956 -0.544  1.00 5.97  ? 72 LEU A CB   1 
ATOM 1108 C CG   . LEU A 1 72 ? 7.124   -15.760 -1.010  1.00 5.71  ? 72 LEU A CG   1 
ATOM 1109 C CD1  . LEU A 1 72 ? 6.382   -16.112 -2.302  1.00 5.88  ? 72 LEU A CD1  1 
ATOM 1110 C CD2  . LEU A 1 72 ? 6.107   -15.406 0.079   1.00 5.83  ? 72 LEU A CD2  1 
ATOM 1111 H H    . LEU A 1 72 ? 8.778   -15.446 -2.572  1.00 5.75  ? 72 LEU A H    1 
ATOM 1112 H HA   . LEU A 1 72 ? 9.775   -17.899 -1.221  1.00 6.24  ? 72 LEU A HA   1 
ATOM 1113 H HB2  . LEU A 1 72 ? 7.304   -17.774 -0.283  1.00 6.24  ? 72 LEU A HB2  1 
ATOM 1114 H HB3  . LEU A 1 72 ? 8.533   -16.669 0.327   1.00 6.19  ? 72 LEU A HB3  1 
ATOM 1115 H HG   . LEU A 1 72 ? 7.771   -14.912 -1.185  1.00 5.77  ? 72 LEU A HG   1 
ATOM 1116 H HD11 . LEU A 1 72 ? 5.962   -17.104 -2.219  1.00 6.07  ? 72 LEU A HD11 1 
ATOM 1117 H HD12 . LEU A 1 72 ? 5.588   -15.399 -2.470  1.00 6.13  ? 72 LEU A HD12 1 
ATOM 1118 H HD13 . LEU A 1 72 ? 7.071   -16.080 -3.133  1.00 5.99  ? 72 LEU A HD13 1 
ATOM 1119 H HD21 . LEU A 1 72 ? 6.629   -15.160 0.993   1.00 6.23  ? 72 LEU A HD21 1 
ATOM 1120 H HD22 . LEU A 1 72 ? 5.519   -14.557 -0.239  1.00 5.92  ? 72 LEU A HD22 1 
ATOM 1121 H HD23 . LEU A 1 72 ? 5.457   -16.250 0.253   1.00 5.82  ? 72 LEU A HD23 1 
ATOM 1122 N N    . GLY A 1 73 ? 8.581   -18.349 -3.868  1.00 6.95  ? 73 GLY A N    1 
ATOM 1123 C CA   . GLY A 1 73 ? 7.924   -19.260 -4.848  1.00 7.69  ? 73 GLY A CA   1 
ATOM 1124 C C    . GLY A 1 73 ? 7.920   -20.688 -4.300  1.00 7.98  ? 73 GLY A C    1 
ATOM 1125 O O    . GLY A 1 73 ? 7.167   -21.531 -4.746  1.00 8.65  ? 73 GLY A O    1 
ATOM 1126 H H    . GLY A 1 73 ? 9.291   -17.740 -4.165  1.00 6.97  ? 73 GLY A H    1 
ATOM 1127 H HA2  . GLY A 1 73 ? 6.907   -18.933 -5.013  1.00 7.97  ? 73 GLY A HA2  1 
ATOM 1128 H HA3  . GLY A 1 73 ? 8.466   -19.237 -5.780  1.00 8.00  ? 73 GLY A HA3  1 
ATOM 1129 N N    . TYR A 1 74 ? 8.752   -20.968 -3.334  1.00 7.69  ? 74 TYR A N    1 
ATOM 1130 C CA   . TYR A 1 74 ? 8.794   -22.342 -2.758  1.00 8.26  ? 74 TYR A CA   1 
ATOM 1131 C C    . TYR A 1 74 ? 7.700   -22.481 -1.695  1.00 8.40  ? 74 TYR A C    1 
ATOM 1132 O O    . TYR A 1 74 ? 7.808   -23.277 -0.785  1.00 8.85  ? 74 TYR A O    1 
ATOM 1133 C CB   . TYR A 1 74 ? 10.162  -22.583 -2.117  1.00 8.55  ? 74 TYR A CB   1 
ATOM 1134 C CG   . TYR A 1 74 ? 11.246  -22.114 -3.061  1.00 8.98  ? 74 TYR A CG   1 
ATOM 1135 C CD1  . TYR A 1 74 ? 11.385  -22.719 -4.324  1.00 9.28  ? 74 TYR A CD1  1 
ATOM 1136 C CD2  . TYR A 1 74 ? 12.116  -21.071 -2.681  1.00 9.37  ? 74 TYR A CD2  1 
ATOM 1137 C CE1  . TYR A 1 74 ? 12.391  -22.283 -5.208  1.00 9.96  ? 74 TYR A CE1  1 
ATOM 1138 C CE2  . TYR A 1 74 ? 13.122  -20.636 -3.565  1.00 10.02 ? 74 TYR A CE2  1 
ATOM 1139 C CZ   . TYR A 1 74 ? 13.260  -21.242 -4.828  1.00 10.31 ? 74 TYR A CZ   1 
ATOM 1140 O OH   . TYR A 1 74 ? 14.246  -20.815 -5.694  1.00 11.15 ? 74 TYR A OH   1 
ATOM 1141 H H    . TYR A 1 74 ? 9.351   -20.274 -2.986  1.00 7.26  ? 74 TYR A H    1 
ATOM 1142 H HA   . TYR A 1 74 ? 8.630   -23.069 -3.540  1.00 8.62  ? 74 TYR A HA   1 
ATOM 1143 H HB2  . TYR A 1 74 ? 10.226  -22.036 -1.187  1.00 8.60  ? 74 TYR A HB2  1 
ATOM 1144 H HB3  . TYR A 1 74 ? 10.288  -23.638 -1.922  1.00 8.69  ? 74 TYR A HB3  1 
ATOM 1145 H HD1  . TYR A 1 74 ? 10.719  -23.517 -4.616  1.00 9.20  ? 74 TYR A HD1  1 
ATOM 1146 H HD2  . TYR A 1 74 ? 12.011  -20.606 -1.711  1.00 9.35  ? 74 TYR A HD2  1 
ATOM 1147 H HE1  . TYR A 1 74 ? 12.497  -22.749 -6.177  1.00 10.38 ? 74 TYR A HE1  1 
ATOM 1148 H HE2  . TYR A 1 74 ? 13.788  -19.838 -3.273  1.00 10.48 ? 74 TYR A HE2  1 
ATOM 1149 H HH   . TYR A 1 74 ? 14.057  -19.904 -5.931  1.00 11.53 ? 74 TYR A HH   1 
ATOM 1150 N N    . PHE A 1 75 ? 6.653   -21.703 -1.810  1.00 8.25  ? 75 PHE A N    1 
ATOM 1151 C CA   . PHE A 1 75 ? 5.535   -21.764 -0.816  1.00 8.65  ? 75 PHE A CA   1 
ATOM 1152 C C    . PHE A 1 75 ? 6.095   -21.912 0.602   1.00 8.49  ? 75 PHE A C    1 
ATOM 1153 O O    . PHE A 1 75 ? 5.428   -22.391 1.497   1.00 9.02  ? 75 PHE A O    1 
ATOM 1154 C CB   . PHE A 1 75 ? 4.612   -22.946 -1.138  1.00 9.35  ? 75 PHE A CB   1 
ATOM 1155 C CG   . PHE A 1 75 ? 5.410   -24.225 -1.197  1.00 9.97  ? 75 PHE A CG   1 
ATOM 1156 C CD1  . PHE A 1 75 ? 5.592   -24.995 -0.032  1.00 10.40 ? 75 PHE A CD1  1 
ATOM 1157 C CD2  . PHE A 1 75 ? 5.967   -24.653 -2.416  1.00 10.36 ? 75 PHE A CD2  1 
ATOM 1158 C CE1  . PHE A 1 75 ? 6.332   -26.192 -0.087  1.00 11.16 ? 75 PHE A CE1  1 
ATOM 1159 C CE2  . PHE A 1 75 ? 6.708   -25.849 -2.473  1.00 11.12 ? 75 PHE A CE2  1 
ATOM 1160 C CZ   . PHE A 1 75 ? 6.890   -26.618 -1.307  1.00 11.50 ? 75 PHE A CZ   1 
ATOM 1161 H H    . PHE A 1 75 ? 6.601   -21.070 -2.556  1.00 8.02  ? 75 PHE A H    1 
ATOM 1162 H HA   . PHE A 1 75 ? 4.965   -20.847 -0.874  1.00 8.82  ? 75 PHE A HA   1 
ATOM 1163 H HB2  . PHE A 1 75 ? 3.857   -23.030 -0.371  1.00 9.51  ? 75 PHE A HB2  1 
ATOM 1164 H HB3  . PHE A 1 75 ? 4.135   -22.779 -2.092  1.00 9.50  ? 75 PHE A HB3  1 
ATOM 1165 H HD1  . PHE A 1 75 ? 5.165   -24.668 0.905   1.00 10.30 ? 75 PHE A HD1  1 
ATOM 1166 H HD2  . PHE A 1 75 ? 5.827   -24.062 -3.310  1.00 10.24 ? 75 PHE A HD2  1 
ATOM 1167 H HE1  . PHE A 1 75 ? 6.471   -26.782 0.806   1.00 11.64 ? 75 PHE A HE1  1 
ATOM 1168 H HE2  . PHE A 1 75 ? 7.135   -26.177 -3.408  1.00 11.57 ? 75 PHE A HE2  1 
ATOM 1169 H HZ   . PHE A 1 75 ? 7.458   -27.536 -1.350  1.00 12.19 ? 75 PHE A HZ   1 
ATOM 1170 N N    . GLU A 1 76 ? 7.316   -21.499 0.811   1.00 8.00  ? 76 GLU A N    1 
ATOM 1171 C CA   . GLU A 1 76 ? 7.920   -21.609 2.170   1.00 8.20  ? 76 GLU A CA   1 
ATOM 1172 C C    . GLU A 1 76 ? 7.901   -23.075 2.620   1.00 8.42  ? 76 GLU A C    1 
ATOM 1173 O O    . GLU A 1 76 ? 7.023   -23.501 3.343   1.00 8.57  ? 76 GLU A O    1 
ATOM 1174 C CB   . GLU A 1 76 ? 7.112   -20.748 3.153   1.00 8.41  ? 76 GLU A CB   1 
ATOM 1175 C CG   . GLU A 1 76 ? 7.974   -20.390 4.369   1.00 8.63  ? 76 GLU A CG   1 
ATOM 1176 C CD   . GLU A 1 76 ? 8.395   -21.668 5.098   1.00 9.10  ? 76 GLU A CD   1 
ATOM 1177 O OE1  . GLU A 1 76 ? 7.524   -22.334 5.636   1.00 9.14  ? 76 GLU A OE1  1 
ATOM 1178 O OE2  . GLU A 1 76 ? 9.580   -21.956 5.110   1.00 9.64  ? 76 GLU A OE2  1 
ATOM 1179 O OXT  . GLU A 1 76 ? 8.861   -23.848 2.194   1.00 8.75  ? 76 GLU A OXT  1 
ATOM 1180 H H    . GLU A 1 76 ? 7.836   -21.113 0.075   1.00 7.68  ? 76 GLU A H    1 
ATOM 1181 H HA   . GLU A 1 76 ? 8.942   -21.258 2.135   1.00 8.38  ? 76 GLU A HA   1 
ATOM 1182 H HB2  . GLU A 1 76 ? 6.800   -19.840 2.658   1.00 8.60  ? 76 GLU A HB2  1 
ATOM 1183 H HB3  . GLU A 1 76 ? 6.238   -21.292 3.483   1.00 8.53  ? 76 GLU A HB3  1 
ATOM 1184 H HG2  . GLU A 1 76 ? 8.855   -19.858 4.040   1.00 8.71  ? 76 GLU A HG2  1 
ATOM 1185 H HG3  . GLU A 1 76 ? 7.406   -19.765 5.042   1.00 8.70  ? 76 GLU A HG3  1 
# 
